data_3C44
# 
_entry.id   3C44 
# 
_audit_conform.dict_name       mmcif_pdbx.dic 
_audit_conform.dict_version    5.380 
_audit_conform.dict_location   http://mmcif.pdb.org/dictionaries/ascii/mmcif_pdbx.dic 
# 
loop_
_database_2.database_id 
_database_2.database_code 
_database_2.pdbx_database_accession 
_database_2.pdbx_DOI 
PDB   3C44         pdb_00003c44 10.2210/pdb3c44/pdb 
NDB   DR0042       ?            ?                   
RCSB  RCSB046316   ?            ?                   
WWPDB D_1000046316 ?            ?                   
# 
loop_
_pdbx_database_related.db_name 
_pdbx_database_related.db_id 
_pdbx_database_related.details 
_pdbx_database_related.content_type 
PDB 2QEK 'Free subtype F HIV-1 DIS extended duplex RNA' unspecified 
PDB 3C3Z .                                              unspecified 
PDB 3C5D .                                              unspecified 
# 
_pdbx_database_status.status_code                     REL 
_pdbx_database_status.entry_id                        3C44 
_pdbx_database_status.recvd_initial_deposition_date   2008-01-29 
_pdbx_database_status.deposit_site                    RCSB 
_pdbx_database_status.process_site                    PDBJ 
_pdbx_database_status.status_code_sf                  REL 
_pdbx_database_status.status_code_mr                  ? 
_pdbx_database_status.SG_entry                        ? 
_pdbx_database_status.pdb_format_compatible           Y 
_pdbx_database_status.status_code_cs                  ? 
_pdbx_database_status.status_code_nmr_data            ? 
_pdbx_database_status.methods_development_category    ? 
# 
loop_
_audit_author.name 
_audit_author.pdbx_ordinal 
'Freisz, S.'  1 
'Ennifar, E.' 2 
'Dumas, P.'   3 
# 
_citation.id                        primary 
_citation.title                     
'Binding of aminoglycoside antibiotics to the duplex form of the HIV-1 genomic RNA dimerization initiation site.' 
_citation.journal_abbrev            Angew.Chem.Int.Ed.Engl. 
_citation.journal_volume            47 
_citation.page_first                4110 
_citation.page_last                 4113 
_citation.year                      2008 
_citation.journal_id_ASTM           ACIEAY 
_citation.country                   GE 
_citation.journal_id_ISSN           0570-0833 
_citation.journal_id_CSD            0179 
_citation.book_publisher            ? 
_citation.pdbx_database_id_PubMed   18435520 
_citation.pdbx_database_id_DOI      10.1002/anie.200800726 
# 
loop_
_citation_author.citation_id 
_citation_author.name 
_citation_author.ordinal 
_citation_author.identifier_ORCID 
primary 'Freisz, S.'  1 ? 
primary 'Lang, K.'    2 ? 
primary 'Micura, R.'  3 ? 
primary 'Dumas, P.'   4 ? 
primary 'Ennifar, E.' 5 ? 
# 
_cell.entry_id           3C44 
_cell.length_a           30.818 
_cell.length_b           95.703 
_cell.length_c           47.856 
_cell.angle_alpha        90.00 
_cell.angle_beta         90.00 
_cell.angle_gamma        90.00 
_cell.Z_PDB              8 
_cell.pdbx_unique_axis   ? 
_cell.length_a_esd       ? 
_cell.length_b_esd       ? 
_cell.length_c_esd       ? 
_cell.angle_alpha_esd    ? 
_cell.angle_beta_esd     ? 
_cell.angle_gamma_esd    ? 
# 
_symmetry.entry_id                         3C44 
_symmetry.space_group_name_H-M             'P 21 21 2' 
_symmetry.pdbx_full_space_group_name_H-M   ? 
_symmetry.cell_setting                     ? 
_symmetry.Int_Tables_number                18 
_symmetry.space_group_name_Hall            ? 
# 
loop_
_entity.id 
_entity.type 
_entity.src_method 
_entity.pdbx_description 
_entity.formula_weight 
_entity.pdbx_number_of_molecules 
_entity.pdbx_ec 
_entity.pdbx_mutation 
_entity.pdbx_fragment 
_entity.details 
1 polymer     syn 'HIV-1 subtype F genomic RNA' 7386.472 2   ? ? ? ? 
2 non-polymer syn PAROMOMYCIN                   615.628  2   ? ? ? ? 
3 non-polymer syn 'POTASSIUM ION'               39.098   4   ? ? ? ? 
4 non-polymer syn 'CHLORIDE ION'                35.453   2   ? ? ? ? 
5 water       nat water                         18.015   139 ? ? ? ? 
# 
_entity_poly.entity_id                      1 
_entity_poly.type                           polyribonucleotide 
_entity_poly.nstd_linkage                   no 
_entity_poly.nstd_monomer                   no 
_entity_poly.pdbx_seq_one_letter_code       CUUGCUGAAGUGCACACAGCAAG 
_entity_poly.pdbx_seq_one_letter_code_can   CUUGCUGAAGUGCACACAGCAAG 
_entity_poly.pdbx_strand_id                 A,B 
_entity_poly.pdbx_target_identifier         ? 
# 
loop_
_entity_poly_seq.entity_id 
_entity_poly_seq.num 
_entity_poly_seq.mon_id 
_entity_poly_seq.hetero 
1 1  C n 
1 2  U n 
1 3  U n 
1 4  G n 
1 5  C n 
1 6  U n 
1 7  G n 
1 8  A n 
1 9  A n 
1 10 G n 
1 11 U n 
1 12 G n 
1 13 C n 
1 14 A n 
1 15 C n 
1 16 A n 
1 17 C n 
1 18 A n 
1 19 G n 
1 20 C n 
1 21 A n 
1 22 A n 
1 23 G n 
# 
_struct_ref.id                         1 
_struct_ref.db_name                    PDB 
_struct_ref.db_code                    3C44 
_struct_ref.pdbx_db_accession          3C44 
_struct_ref.entity_id                  1 
_struct_ref.pdbx_align_begin           ? 
_struct_ref.pdbx_seq_one_letter_code   ? 
_struct_ref.pdbx_db_isoform            ? 
# 
loop_
_struct_ref_seq.align_id 
_struct_ref_seq.ref_id 
_struct_ref_seq.pdbx_PDB_id_code 
_struct_ref_seq.pdbx_strand_id 
_struct_ref_seq.seq_align_beg 
_struct_ref_seq.pdbx_seq_align_beg_ins_code 
_struct_ref_seq.seq_align_end 
_struct_ref_seq.pdbx_seq_align_end_ins_code 
_struct_ref_seq.pdbx_db_accession 
_struct_ref_seq.db_align_beg 
_struct_ref_seq.pdbx_db_align_beg_ins_code 
_struct_ref_seq.db_align_end 
_struct_ref_seq.pdbx_db_align_end_ins_code 
_struct_ref_seq.pdbx_auth_seq_align_beg 
_struct_ref_seq.pdbx_auth_seq_align_end 
1 1 3C44 A 1 ? 23 ? 3C44 1 ? 23 ? 1 23 
2 1 3C44 B 1 ? 23 ? 3C44 1 ? 23 ? 1 23 
# 
loop_
_chem_comp.id 
_chem_comp.type 
_chem_comp.mon_nstd_flag 
_chem_comp.name 
_chem_comp.pdbx_synonyms 
_chem_comp.formula 
_chem_comp.formula_weight 
A   'RNA linking' y "ADENOSINE-5'-MONOPHOSPHATE" ?                                                                             
'C10 H14 N5 O7 P' 347.221 
C   'RNA linking' y "CYTIDINE-5'-MONOPHOSPHATE"  ?                                                                             
'C9 H14 N3 O8 P'  323.197 
CL  non-polymer   . 'CHLORIDE ION'               ?                                                                             
'Cl -1'           35.453  
G   'RNA linking' y "GUANOSINE-5'-MONOPHOSPHATE" ?                                                                             
'C10 H14 N5 O8 P' 363.221 
HOH non-polymer   . WATER                        ?                                                                             
'H2 O'            18.015  
K   non-polymer   . 'POTASSIUM ION'              ?                                                                             
'K 1'             39.098  
PAR non-polymer   . PAROMOMYCIN                  'PAROMOMYCIN I; AMMINOSIDIN; CATENULIN; CRESTOMYCIN; MONOMYCIN A; NEOMYCIN E' 
'C23 H45 N5 O14'  615.628 
U   'RNA linking' y "URIDINE-5'-MONOPHOSPHATE"   ?                                                                             
'C9 H13 N2 O9 P'  324.181 
# 
_exptl.entry_id          3C44 
_exptl.method            'X-RAY DIFFRACTION' 
_exptl.crystals_number   1 
# 
_exptl_crystal.id                    1 
_exptl_crystal.density_meas          ? 
_exptl_crystal.density_Matthews      2.39 
_exptl_crystal.density_percent_sol   48.50 
_exptl_crystal.description           ? 
_exptl_crystal.F_000                 ? 
_exptl_crystal.preparation           ? 
# 
_exptl_crystal_grow.crystal_id      1 
_exptl_crystal_grow.method          'VAPOR DIFFUSION, SITTING DROP' 
_exptl_crystal_grow.temp            310 
_exptl_crystal_grow.temp_details    ? 
_exptl_crystal_grow.pH              6.2 
_exptl_crystal_grow.pdbx_details    'MPD, MgCl2, KCl, Na cacodylate, pH 6.2, VAPOR DIFFUSION, SITTING DROP, temperature 310K' 
_exptl_crystal_grow.pdbx_pH_range   . 
# 
loop_
_exptl_crystal_grow_comp.crystal_id 
_exptl_crystal_grow_comp.id 
_exptl_crystal_grow_comp.sol_id 
_exptl_crystal_grow_comp.name 
_exptl_crystal_grow_comp.conc 
_exptl_crystal_grow_comp.volume 
_exptl_crystal_grow_comp.details 
1 1 1 'Na cacodylate' ? ? ? 
1 2 1 MgCl2           ? ? ? 
1 3 1 KCl             ? ? ? 
1 4 1 MPD             ? ? ? 
1 5 2 'Na cacodylate' ? ? ? 
1 6 2 MgCl2           ? ? ? 
1 7 2 KCl             ? ? ? 
1 8 2 MPD             ? ? ? 
# 
_diffrn.id                     1 
_diffrn.ambient_temp           90 
_diffrn.ambient_temp_details   ? 
_diffrn.crystal_id             1 
# 
_diffrn_detector.diffrn_id              1 
_diffrn_detector.detector               CCD 
_diffrn_detector.type                   'MARMOSAIC 225 mm CCD' 
_diffrn_detector.pdbx_collection_date   2004-07-22 
_diffrn_detector.details                ? 
# 
_diffrn_radiation.diffrn_id                        1 
_diffrn_radiation.wavelength_id                    1 
_diffrn_radiation.pdbx_monochromatic_or_laue_m_l   M 
_diffrn_radiation.monochromator                    crystal 
_diffrn_radiation.pdbx_diffrn_protocol             'SINGLE WAVELENGTH' 
_diffrn_radiation.pdbx_scattering_type             x-ray 
# 
_diffrn_radiation_wavelength.id           1 
_diffrn_radiation_wavelength.wavelength   0.9195 
_diffrn_radiation_wavelength.wt           1.0 
# 
_diffrn_source.diffrn_id                   1 
_diffrn_source.source                      SYNCHROTRON 
_diffrn_source.type                        'ESRF BEAMLINE ID23-1' 
_diffrn_source.pdbx_synchrotron_site       ESRF 
_diffrn_source.pdbx_synchrotron_beamline   ID23-1 
_diffrn_source.pdbx_wavelength             ? 
_diffrn_source.pdbx_wavelength_list        0.9195 
# 
_reflns.entry_id                     3C44 
_reflns.observed_criterion_sigma_I   0 
_reflns.observed_criterion_sigma_F   0 
_reflns.d_resolution_low             30.0 
_reflns.d_resolution_high            2.0 
_reflns.number_obs                   9333 
_reflns.number_all                   ? 
_reflns.percent_possible_obs         92.0 
_reflns.pdbx_Rmerge_I_obs            ? 
_reflns.pdbx_Rsym_value              0.049 
_reflns.pdbx_netI_over_sigmaI        25.7 
_reflns.B_iso_Wilson_estimate        24.4 
_reflns.pdbx_redundancy              3.7 
_reflns.R_free_details               ? 
_reflns.pdbx_chi_squared             ? 
_reflns.pdbx_scaling_rejects         ? 
_reflns.limit_h_max                  ? 
_reflns.limit_h_min                  ? 
_reflns.limit_k_max                  ? 
_reflns.limit_k_min                  ? 
_reflns.limit_l_max                  ? 
_reflns.limit_l_min                  ? 
_reflns.observed_criterion_F_max     ? 
_reflns.observed_criterion_F_min     ? 
_reflns.pdbx_diffrn_id               1 
_reflns.pdbx_ordinal                 1 
# 
_reflns_shell.d_res_high             2.00 
_reflns_shell.d_res_low              2.07 
_reflns_shell.percent_possible_all   77.1 
_reflns_shell.Rmerge_I_obs           ? 
_reflns_shell.pdbx_Rsym_value        0.17 
_reflns_shell.meanI_over_sigI_obs    6.2 
_reflns_shell.pdbx_redundancy        2.6 
_reflns_shell.percent_possible_obs   ? 
_reflns_shell.number_unique_all      759 
_reflns_shell.number_measured_all    ? 
_reflns_shell.number_measured_obs    ? 
_reflns_shell.number_unique_obs      ? 
_reflns_shell.pdbx_chi_squared       ? 
_reflns_shell.pdbx_diffrn_id         ? 
_reflns_shell.pdbx_ordinal           1 
# 
_refine.entry_id                                 3C44 
_refine.ls_number_reflns_obs                     9315 
_refine.ls_number_reflns_all                     9333 
_refine.pdbx_ls_sigma_I                          0 
_refine.pdbx_ls_sigma_F                          0.0 
_refine.pdbx_data_cutoff_high_absF               834219.64 
_refine.pdbx_data_cutoff_low_absF                0.000000 
_refine.pdbx_data_cutoff_high_rms_absF           ? 
_refine.ls_d_res_low                             26.55 
_refine.ls_d_res_high                            2.00 
_refine.ls_percent_reflns_obs                    92.0 
_refine.ls_R_factor_obs                          0.224 
_refine.ls_R_factor_all                          ? 
_refine.ls_R_factor_R_work                       0.224 
_refine.ls_R_factor_R_free                       0.247 
_refine.ls_R_factor_R_free_error                 0.009 
_refine.ls_R_factor_R_free_error_details         ? 
_refine.ls_percent_reflns_R_free                 8.2 
_refine.ls_number_reflns_R_free                  762 
_refine.ls_number_parameters                     ? 
_refine.ls_number_restraints                     ? 
_refine.occupancy_min                            ? 
_refine.occupancy_max                            ? 
_refine.correlation_coeff_Fo_to_Fc               ? 
_refine.correlation_coeff_Fo_to_Fc_free          ? 
_refine.B_iso_mean                               35.7 
_refine.aniso_B[1][1]                            -0.40 
_refine.aniso_B[2][2]                            -0.51 
_refine.aniso_B[3][3]                            0.91 
_refine.aniso_B[1][2]                            0.00 
_refine.aniso_B[1][3]                            0.00 
_refine.aniso_B[2][3]                            0.00 
_refine.solvent_model_details                    'FLAT MODEL' 
_refine.solvent_model_param_ksol                 0.444731 
_refine.solvent_model_param_bsol                 66.5866 
_refine.pdbx_solvent_vdw_probe_radii             ? 
_refine.pdbx_solvent_ion_probe_radii             ? 
_refine.pdbx_solvent_shrinkage_radii             ? 
_refine.pdbx_ls_cross_valid_method               THROUGHOUT 
_refine.details                                  ? 
_refine.pdbx_starting_model                      3C3Z 
_refine.pdbx_method_to_determine_struct          'MOLECULAR REPLACEMENT' 
_refine.pdbx_isotropic_thermal_model             RESTRAINED 
_refine.pdbx_stereochemistry_target_values       ? 
_refine.pdbx_stereochem_target_val_spec_case     ? 
_refine.pdbx_R_Free_selection_details            RANDOM 
_refine.pdbx_overall_ESU_R                       ? 
_refine.pdbx_overall_ESU_R_Free                  ? 
_refine.overall_SU_ML                            ? 
_refine.overall_SU_B                             ? 
_refine.ls_redundancy_reflns_obs                 ? 
_refine.overall_SU_R_Cruickshank_DPI             ? 
_refine.overall_SU_R_free                        ? 
_refine.ls_wR_factor_R_free                      ? 
_refine.ls_wR_factor_R_work                      ? 
_refine.overall_FOM_free_R_set                   ? 
_refine.overall_FOM_work_R_set                   ? 
_refine.pdbx_overall_phase_error                 ? 
_refine.B_iso_min                                ? 
_refine.B_iso_max                                ? 
_refine.pdbx_refine_id                           'X-RAY DIFFRACTION' 
_refine.pdbx_diffrn_id                           1 
_refine.pdbx_TLS_residual_ADP_flag               ? 
_refine.pdbx_overall_SU_R_free_Cruickshank_DPI   ? 
_refine.pdbx_overall_SU_R_Blow_DPI               ? 
_refine.pdbx_overall_SU_R_free_Blow_DPI          ? 
# 
_refine_analyze.entry_id                        3C44 
_refine_analyze.Luzzati_coordinate_error_obs    0.29 
_refine_analyze.Luzzati_sigma_a_obs             0.26 
_refine_analyze.Luzzati_d_res_low_obs           5.00 
_refine_analyze.Luzzati_coordinate_error_free   0.32 
_refine_analyze.Luzzati_sigma_a_free            0.29 
_refine_analyze.Luzzati_d_res_low_free          ? 
_refine_analyze.number_disordered_residues      ? 
_refine_analyze.occupancy_sum_hydrogen          ? 
_refine_analyze.occupancy_sum_non_hydrogen      ? 
_refine_analyze.pdbx_Luzzati_d_res_high_obs     ? 
_refine_analyze.pdbx_refine_id                  'X-RAY DIFFRACTION' 
# 
_refine_hist.pdbx_refine_id                   'X-RAY DIFFRACTION' 
_refine_hist.cycle_id                         LAST 
_refine_hist.pdbx_number_atoms_protein        0 
_refine_hist.pdbx_number_atoms_nucleic_acid   978 
_refine_hist.pdbx_number_atoms_ligand         90 
_refine_hist.number_atoms_solvent             139 
_refine_hist.number_atoms_total               1207 
_refine_hist.d_res_high                       2.00 
_refine_hist.d_res_low                        26.55 
# 
loop_
_refine_ls_restr.type 
_refine_ls_restr.dev_ideal 
_refine_ls_restr.dev_ideal_target 
_refine_ls_restr.weight 
_refine_ls_restr.number 
_refine_ls_restr.pdbx_refine_id 
_refine_ls_restr.pdbx_restraint_function 
c_bond_d           0.005 ? ? ? 'X-RAY DIFFRACTION' ? 
c_angle_deg        1.1   ? ? ? 'X-RAY DIFFRACTION' ? 
c_dihedral_angle_d 9.5   ? ? ? 'X-RAY DIFFRACTION' ? 
c_improper_angle_d 1.39  ? ? ? 'X-RAY DIFFRACTION' ? 
# 
_refine_ls_shell.pdbx_total_number_of_bins_used   6 
_refine_ls_shell.d_res_high                       2.00 
_refine_ls_shell.d_res_low                        2.13 
_refine_ls_shell.number_reflns_R_work             1267 
_refine_ls_shell.R_factor_R_work                  0.306 
_refine_ls_shell.percent_reflns_obs               83.7 
_refine_ls_shell.R_factor_R_free                  0.33 
_refine_ls_shell.R_factor_R_free_error            0.032 
_refine_ls_shell.percent_reflns_R_free            7.9 
_refine_ls_shell.number_reflns_R_free             108 
_refine_ls_shell.number_reflns_all                ? 
_refine_ls_shell.R_factor_all                     ? 
_refine_ls_shell.number_reflns_obs                ? 
_refine_ls_shell.redundancy_reflns_obs            ? 
_refine_ls_shell.pdbx_refine_id                   'X-RAY DIFFRACTION' 
# 
loop_
_pdbx_xplor_file.serial_no 
_pdbx_xplor_file.param_file 
_pdbx_xplor_file.topol_file 
_pdbx_xplor_file.pdbx_refine_id 
1 dna-rna_multi_end.param dna-rna_multi_end.top 'X-RAY DIFFRACTION' 
2 paromomycine.param      paromomycine.top      'X-RAY DIFFRACTION' 
3 water_rep.param         water_rep.top         'X-RAY DIFFRACTION' 
4 ion.param               ion.top               'X-RAY DIFFRACTION' 
# 
_struct.entry_id                  3C44 
_struct.title                     'Crystal structure of HIV-1 subtype F DIS extended duplex RNA bound to paromomycin' 
_struct.pdbx_model_details        ? 
_struct.pdbx_CASP_flag            ? 
_struct.pdbx_model_type_details   ? 
# 
_struct_keywords.entry_id        3C44 
_struct_keywords.pdbx_keywords   RNA 
_struct_keywords.text            'HIV-1, RNA, antibiotic, paromomycin, extended duplex' 
# 
loop_
_struct_asym.id 
_struct_asym.pdbx_blank_PDB_chainid_flag 
_struct_asym.pdbx_modified 
_struct_asym.entity_id 
_struct_asym.details 
A N N 1 ? 
B N N 1 ? 
C N N 2 ? 
D N N 3 ? 
E N N 4 ? 
F N N 2 ? 
G N N 3 ? 
H N N 3 ? 
I N N 4 ? 
J N N 3 ? 
K N N 5 ? 
L N N 5 ? 
# 
_struct_biol.id        1 
_struct_biol.details   ? 
# 
loop_
_struct_conn.id 
_struct_conn.conn_type_id 
_struct_conn.pdbx_leaving_atom_flag 
_struct_conn.pdbx_PDB_id 
_struct_conn.ptnr1_label_asym_id 
_struct_conn.ptnr1_label_comp_id 
_struct_conn.ptnr1_label_seq_id 
_struct_conn.ptnr1_label_atom_id 
_struct_conn.pdbx_ptnr1_label_alt_id 
_struct_conn.pdbx_ptnr1_PDB_ins_code 
_struct_conn.pdbx_ptnr1_standard_comp_id 
_struct_conn.ptnr1_symmetry 
_struct_conn.ptnr2_label_asym_id 
_struct_conn.ptnr2_label_comp_id 
_struct_conn.ptnr2_label_seq_id 
_struct_conn.ptnr2_label_atom_id 
_struct_conn.pdbx_ptnr2_label_alt_id 
_struct_conn.pdbx_ptnr2_PDB_ins_code 
_struct_conn.ptnr1_auth_asym_id 
_struct_conn.ptnr1_auth_comp_id 
_struct_conn.ptnr1_auth_seq_id 
_struct_conn.ptnr2_auth_asym_id 
_struct_conn.ptnr2_auth_comp_id 
_struct_conn.ptnr2_auth_seq_id 
_struct_conn.ptnr2_symmetry 
_struct_conn.pdbx_ptnr3_label_atom_id 
_struct_conn.pdbx_ptnr3_label_seq_id 
_struct_conn.pdbx_ptnr3_label_comp_id 
_struct_conn.pdbx_ptnr3_label_asym_id 
_struct_conn.pdbx_ptnr3_label_alt_id 
_struct_conn.pdbx_ptnr3_PDB_ins_code 
_struct_conn.details 
_struct_conn.pdbx_dist_value 
_struct_conn.pdbx_value_order 
_struct_conn.pdbx_role 
metalc1  metalc ? ? A A   8  "O4'" ? ? ? 1_555 D K   .  K  ? ? A A   8  A K   25 1_555 ? ? ? ? ? ? ?            2.952 ? ? 
metalc2  metalc ? ? D K   .  K     ? ? ? 1_555 K HOH .  O  ? ? A K   25 A HOH 91 1_555 ? ? ? ? ? ? ?            2.845 ? ? 
metalc3  metalc ? ? B U   3  O4    ? ? ? 1_555 G K   .  K  ? ? B U   3  B K   25 1_555 ? ? ? ? ? ? ?            2.682 ? ? 
metalc4  metalc ? ? B G   4  O6    ? ? ? 1_555 G K   .  K  ? ? B G   4  B K   25 1_555 ? ? ? ? ? ? ?            2.664 ? ? 
metalc5  metalc ? ? F PAR .  N32   ? ? ? 1_555 H K   .  K  ? ? B PAR 24 B K   26 1_555 ? ? ? ? ? ? ?            2.882 ? ? 
metalc6  metalc ? ? G K   .  K     ? ? ? 1_555 L HOH .  O  ? ? B K   25 B HOH 34 1_555 ? ? ? ? ? ? ?            2.742 ? ? 
metalc7  metalc ? ? H K   .  K     ? ? ? 1_555 L HOH .  O  ? ? B K   26 B HOH 62 1_555 ? ? ? ? ? ? ?            2.867 ? ? 
metalc8  metalc ? ? J K   .  K     ? ? ? 1_555 L HOH .  O  ? ? B K   28 B HOH 66 1_555 ? ? ? ? ? ? ?            2.906 ? ? 
hydrog1  hydrog ? ? A C   1  N3    ? ? ? 1_555 B G   23 N1 ? ? A C   1  B G   23 1_555 ? ? ? ? ? ? WATSON-CRICK ?     ? ? 
hydrog2  hydrog ? ? A C   1  N4    ? ? ? 1_555 B G   23 O6 ? ? A C   1  B G   23 1_555 ? ? ? ? ? ? WATSON-CRICK ?     ? ? 
hydrog3  hydrog ? ? A C   1  O2    ? ? ? 1_555 B G   23 N2 ? ? A C   1  B G   23 1_555 ? ? ? ? ? ? WATSON-CRICK ?     ? ? 
hydrog4  hydrog ? ? A U   2  N3    ? ? ? 1_555 B A   22 N1 ? ? A U   2  B A   22 1_555 ? ? ? ? ? ? WATSON-CRICK ?     ? ? 
hydrog5  hydrog ? ? A U   2  O4    ? ? ? 1_555 B A   22 N6 ? ? A U   2  B A   22 1_555 ? ? ? ? ? ? WATSON-CRICK ?     ? ? 
hydrog6  hydrog ? ? A U   3  N3    ? ? ? 1_555 B A   21 N1 ? ? A U   3  B A   21 1_555 ? ? ? ? ? ? WATSON-CRICK ?     ? ? 
hydrog7  hydrog ? ? A U   3  O4    ? ? ? 1_555 B A   21 N6 ? ? A U   3  B A   21 1_555 ? ? ? ? ? ? WATSON-CRICK ?     ? ? 
hydrog8  hydrog ? ? A G   4  N1    ? ? ? 1_555 B C   20 N3 ? ? A G   4  B C   20 1_555 ? ? ? ? ? ? WATSON-CRICK ?     ? ? 
hydrog9  hydrog ? ? A G   4  N2    ? ? ? 1_555 B C   20 O2 ? ? A G   4  B C   20 1_555 ? ? ? ? ? ? WATSON-CRICK ?     ? ? 
hydrog10 hydrog ? ? A G   4  O6    ? ? ? 1_555 B C   20 N4 ? ? A G   4  B C   20 1_555 ? ? ? ? ? ? WATSON-CRICK ?     ? ? 
hydrog11 hydrog ? ? A C   5  N3    ? ? ? 1_555 B G   19 N1 ? ? A C   5  B G   19 1_555 ? ? ? ? ? ? WATSON-CRICK ?     ? ? 
hydrog12 hydrog ? ? A C   5  N4    ? ? ? 1_555 B G   19 O6 ? ? A C   5  B G   19 1_555 ? ? ? ? ? ? WATSON-CRICK ?     ? ? 
hydrog13 hydrog ? ? A C   5  O2    ? ? ? 1_555 B G   19 N2 ? ? A C   5  B G   19 1_555 ? ? ? ? ? ? WATSON-CRICK ?     ? ? 
hydrog14 hydrog ? ? A U   6  N3    ? ? ? 1_555 B A   18 N1 ? ? A U   6  B A   18 1_555 ? ? ? ? ? ? WATSON-CRICK ?     ? ? 
hydrog15 hydrog ? ? A U   6  O4    ? ? ? 1_555 B A   18 N6 ? ? A U   6  B A   18 1_555 ? ? ? ? ? ? WATSON-CRICK ?     ? ? 
hydrog16 hydrog ? ? A G   7  N1    ? ? ? 1_555 B C   17 N3 ? ? A G   7  B C   17 1_555 ? ? ? ? ? ? WATSON-CRICK ?     ? ? 
hydrog17 hydrog ? ? A G   7  N2    ? ? ? 1_555 B C   17 O2 ? ? A G   7  B C   17 1_555 ? ? ? ? ? ? WATSON-CRICK ?     ? ? 
hydrog18 hydrog ? ? A G   7  O6    ? ? ? 1_555 B C   17 N4 ? ? A G   7  B C   17 1_555 ? ? ? ? ? ? WATSON-CRICK ?     ? ? 
hydrog19 hydrog ? ? A G   10 N1    ? ? ? 1_555 B C   15 N3 ? ? A G   10 B C   15 1_555 ? ? ? ? ? ? WATSON-CRICK ?     ? ? 
hydrog20 hydrog ? ? A G   10 N2    ? ? ? 1_555 B C   15 O2 ? ? A G   10 B C   15 1_555 ? ? ? ? ? ? WATSON-CRICK ?     ? ? 
hydrog21 hydrog ? ? A G   10 O6    ? ? ? 1_555 B C   15 N4 ? ? A G   10 B C   15 1_555 ? ? ? ? ? ? WATSON-CRICK ?     ? ? 
hydrog22 hydrog ? ? A U   11 N3    ? ? ? 1_555 B A   14 N1 ? ? A U   11 B A   14 1_555 ? ? ? ? ? ? WATSON-CRICK ?     ? ? 
hydrog23 hydrog ? ? A U   11 O4    ? ? ? 1_555 B A   14 N6 ? ? A U   11 B A   14 1_555 ? ? ? ? ? ? WATSON-CRICK ?     ? ? 
hydrog24 hydrog ? ? A G   12 N1    ? ? ? 1_555 B C   13 N3 ? ? A G   12 B C   13 1_555 ? ? ? ? ? ? WATSON-CRICK ?     ? ? 
hydrog25 hydrog ? ? A G   12 N2    ? ? ? 1_555 B C   13 O2 ? ? A G   12 B C   13 1_555 ? ? ? ? ? ? WATSON-CRICK ?     ? ? 
hydrog26 hydrog ? ? A G   12 O6    ? ? ? 1_555 B C   13 N4 ? ? A G   12 B C   13 1_555 ? ? ? ? ? ? WATSON-CRICK ?     ? ? 
hydrog27 hydrog ? ? A C   13 N3    ? ? ? 1_555 B G   12 N1 ? ? A C   13 B G   12 1_555 ? ? ? ? ? ? WATSON-CRICK ?     ? ? 
hydrog28 hydrog ? ? A C   13 N4    ? ? ? 1_555 B G   12 O6 ? ? A C   13 B G   12 1_555 ? ? ? ? ? ? WATSON-CRICK ?     ? ? 
hydrog29 hydrog ? ? A C   13 O2    ? ? ? 1_555 B G   12 N2 ? ? A C   13 B G   12 1_555 ? ? ? ? ? ? WATSON-CRICK ?     ? ? 
hydrog30 hydrog ? ? A A   14 N1    ? ? ? 1_555 B U   11 N3 ? ? A A   14 B U   11 1_555 ? ? ? ? ? ? WATSON-CRICK ?     ? ? 
hydrog31 hydrog ? ? A A   14 N6    ? ? ? 1_555 B U   11 O4 ? ? A A   14 B U   11 1_555 ? ? ? ? ? ? WATSON-CRICK ?     ? ? 
hydrog32 hydrog ? ? A C   15 N3    ? ? ? 1_555 B G   10 N1 ? ? A C   15 B G   10 1_555 ? ? ? ? ? ? WATSON-CRICK ?     ? ? 
hydrog33 hydrog ? ? A C   15 N4    ? ? ? 1_555 B G   10 O6 ? ? A C   15 B G   10 1_555 ? ? ? ? ? ? WATSON-CRICK ?     ? ? 
hydrog34 hydrog ? ? A C   15 O2    ? ? ? 1_555 B G   10 N2 ? ? A C   15 B G   10 1_555 ? ? ? ? ? ? WATSON-CRICK ?     ? ? 
hydrog35 hydrog ? ? A C   17 N3    ? ? ? 1_555 B G   7  N1 ? ? A C   17 B G   7  1_555 ? ? ? ? ? ? WATSON-CRICK ?     ? ? 
hydrog36 hydrog ? ? A C   17 N4    ? ? ? 1_555 B G   7  O6 ? ? A C   17 B G   7  1_555 ? ? ? ? ? ? WATSON-CRICK ?     ? ? 
hydrog37 hydrog ? ? A C   17 O2    ? ? ? 1_555 B G   7  N2 ? ? A C   17 B G   7  1_555 ? ? ? ? ? ? WATSON-CRICK ?     ? ? 
hydrog38 hydrog ? ? A A   18 N1    ? ? ? 1_555 B U   6  N3 ? ? A A   18 B U   6  1_555 ? ? ? ? ? ? WATSON-CRICK ?     ? ? 
hydrog39 hydrog ? ? A A   18 N6    ? ? ? 1_555 B U   6  O4 ? ? A A   18 B U   6  1_555 ? ? ? ? ? ? WATSON-CRICK ?     ? ? 
hydrog40 hydrog ? ? A G   19 N1    ? ? ? 1_555 B C   5  N3 ? ? A G   19 B C   5  1_555 ? ? ? ? ? ? WATSON-CRICK ?     ? ? 
hydrog41 hydrog ? ? A G   19 N2    ? ? ? 1_555 B C   5  O2 ? ? A G   19 B C   5  1_555 ? ? ? ? ? ? WATSON-CRICK ?     ? ? 
hydrog42 hydrog ? ? A G   19 O6    ? ? ? 1_555 B C   5  N4 ? ? A G   19 B C   5  1_555 ? ? ? ? ? ? WATSON-CRICK ?     ? ? 
hydrog43 hydrog ? ? A C   20 N3    ? ? ? 1_555 B G   4  N1 ? ? A C   20 B G   4  1_555 ? ? ? ? ? ? WATSON-CRICK ?     ? ? 
hydrog44 hydrog ? ? A C   20 N4    ? ? ? 1_555 B G   4  O6 ? ? A C   20 B G   4  1_555 ? ? ? ? ? ? WATSON-CRICK ?     ? ? 
hydrog45 hydrog ? ? A C   20 O2    ? ? ? 1_555 B G   4  N2 ? ? A C   20 B G   4  1_555 ? ? ? ? ? ? WATSON-CRICK ?     ? ? 
hydrog46 hydrog ? ? A A   21 N1    ? ? ? 1_555 B U   3  N3 ? ? A A   21 B U   3  1_555 ? ? ? ? ? ? WATSON-CRICK ?     ? ? 
hydrog47 hydrog ? ? A A   21 N6    ? ? ? 1_555 B U   3  O4 ? ? A A   21 B U   3  1_555 ? ? ? ? ? ? WATSON-CRICK ?     ? ? 
hydrog48 hydrog ? ? A A   22 N1    ? ? ? 1_555 B U   2  N3 ? ? A A   22 B U   2  1_555 ? ? ? ? ? ? WATSON-CRICK ?     ? ? 
hydrog49 hydrog ? ? A A   22 N6    ? ? ? 1_555 B U   2  O4 ? ? A A   22 B U   2  1_555 ? ? ? ? ? ? WATSON-CRICK ?     ? ? 
hydrog50 hydrog ? ? A G   23 N1    ? ? ? 1_555 B C   1  N3 ? ? A G   23 B C   1  1_555 ? ? ? ? ? ? WATSON-CRICK ?     ? ? 
hydrog51 hydrog ? ? A G   23 N2    ? ? ? 1_555 B C   1  O2 ? ? A G   23 B C   1  1_555 ? ? ? ? ? ? WATSON-CRICK ?     ? ? 
hydrog52 hydrog ? ? A G   23 O6    ? ? ? 1_555 B C   1  N4 ? ? A G   23 B C   1  1_555 ? ? ? ? ? ? WATSON-CRICK ?     ? ? 
# 
loop_
_struct_conn_type.id 
_struct_conn_type.criteria 
_struct_conn_type.reference 
metalc ? ? 
hydrog ? ? 
# 
loop_
_struct_site.id 
_struct_site.pdbx_evidence_code 
_struct_site.pdbx_auth_asym_id 
_struct_site.pdbx_auth_comp_id 
_struct_site.pdbx_auth_seq_id 
_struct_site.pdbx_auth_ins_code 
_struct_site.pdbx_num_residues 
_struct_site.details 
AC1 Software B PAR 24 ? 12 'BINDING SITE FOR RESIDUE PAR B 24' 
AC2 Software A PAR 24 ? 6  'BINDING SITE FOR RESIDUE PAR A 24' 
AC3 Software A K   25 ? 1  'BINDING SITE FOR RESIDUE K A 25'   
AC4 Software B K   25 ? 1  'BINDING SITE FOR RESIDUE K B 25'   
AC5 Software B K   26 ? 1  'BINDING SITE FOR RESIDUE K B 26'   
AC6 Software B CL  27 ? 1  'BINDING SITE FOR RESIDUE CL B 27'  
AC7 Software B K   28 ? 1  'BINDING SITE FOR RESIDUE K B 28'   
1   ?        ? ?   ?  ? ?  ?                                   
# 
loop_
_struct_site_gen.id 
_struct_site_gen.site_id 
_struct_site_gen.pdbx_num_res 
_struct_site_gen.label_comp_id 
_struct_site_gen.label_asym_id 
_struct_site_gen.label_seq_id 
_struct_site_gen.pdbx_auth_ins_code 
_struct_site_gen.auth_comp_id 
_struct_site_gen.auth_asym_id 
_struct_site_gen.auth_seq_id 
_struct_site_gen.label_atom_id 
_struct_site_gen.label_alt_id 
_struct_site_gen.symmetry 
_struct_site_gen.details 
1  AC1 12 HOH K . ? HOH A 31 . ? 1_555 ? 
2  AC1 12 HOH K . ? HOH A 68 . ? 1_555 ? 
3  AC1 12 HOH L . ? HOH B 30 . ? 1_555 ? 
4  AC1 12 HOH L . ? HOH B 31 . ? 1_555 ? 
5  AC1 12 HOH L . ? HOH B 35 . ? 1_555 ? 
6  AC1 12 HOH L . ? HOH B 36 . ? 1_555 ? 
7  AC1 12 HOH L . ? HOH B 43 . ? 1_555 ? 
8  AC1 12 HOH L . ? HOH B 47 . ? 1_555 ? 
9  AC1 12 HOH L . ? HOH B 58 . ? 1_555 ? 
10 AC1 12 HOH L . ? HOH B 59 . ? 1_555 ? 
11 AC1 12 HOH L . ? HOH B 62 . ? 1_555 ? 
12 AC1 12 HOH L . ? HOH B 96 . ? 1_555 ? 
13 AC2 6  HOH K . ? HOH A 29 . ? 1_555 ? 
14 AC2 6  HOH K . ? HOH A 36 . ? 1_555 ? 
15 AC2 6  HOH K . ? HOH A 72 . ? 1_555 ? 
16 AC2 6  HOH L . ? HOH B 33 . ? 1_555 ? 
17 AC2 6  HOH L . ? HOH B 43 . ? 1_555 ? 
18 AC2 6  HOH L . ? HOH B 92 . ? 1_555 ? 
19 AC3 1  HOH K . ? HOH A 91 . ? 1_555 ? 
20 AC4 1  HOH L . ? HOH B 34 . ? 1_555 ? 
21 AC5 1  HOH L . ? HOH B 62 . ? 1_555 ? 
22 AC6 1  HOH L . ? HOH B 48 . ? 1_555 ? 
23 AC7 1  HOH L . ? HOH B 66 . ? 1_555 ? 
# 
_atom_sites.entry_id                    3C44 
_atom_sites.fract_transf_matrix[1][1]   0.01957498 
_atom_sites.fract_transf_matrix[1][2]   0.01495043 
_atom_sites.fract_transf_matrix[1][3]   0.02112445 
_atom_sites.fract_transf_matrix[2][1]   0.00715378 
_atom_sites.fract_transf_matrix[2][2]   -0.00750075 
_atom_sites.fract_transf_matrix[2][3]   -0.00132053 
_atom_sites.fract_transf_matrix[3][1]   0.00854840 
_atom_sites.fract_transf_matrix[3][2]   0.01090647 
_atom_sites.fract_transf_matrix[3][3]   -0.01564022 
_atom_sites.fract_transf_vector[1]      0.985071 
_atom_sites.fract_transf_vector[2]      0.384709 
_atom_sites.fract_transf_vector[3]      -0.372760 
# 
loop_
_atom_type.symbol 
C  
CL 
K  
N  
O  
P  
# 
loop_
_atom_site.group_PDB 
_atom_site.id 
_atom_site.type_symbol 
_atom_site.label_atom_id 
_atom_site.label_alt_id 
_atom_site.label_comp_id 
_atom_site.label_asym_id 
_atom_site.label_entity_id 
_atom_site.label_seq_id 
_atom_site.pdbx_PDB_ins_code 
_atom_site.Cartn_x 
_atom_site.Cartn_y 
_atom_site.Cartn_z 
_atom_site.occupancy 
_atom_site.B_iso_or_equiv 
_atom_site.pdbx_formal_charge 
_atom_site.auth_seq_id 
_atom_site.auth_comp_id 
_atom_site.auth_asym_id 
_atom_site.auth_atom_id 
_atom_site.pdbx_PDB_model_num 
ATOM   1    O  "O5'" . C   A 1 1  ? 15.179  13.667  -11.599 1.00 44.97 ? 1  C   A "O5'" 1 
ATOM   2    C  "C5'" . C   A 1 1  ? 15.394  13.270  -12.958 1.00 44.25 ? 1  C   A "C5'" 1 
ATOM   3    C  "C4'" . C   A 1 1  ? 16.768  12.675  -13.134 1.00 44.50 ? 1  C   A "C4'" 1 
ATOM   4    O  "O4'" . C   A 1 1  ? 17.769  13.719  -13.019 1.00 44.82 ? 1  C   A "O4'" 1 
ATOM   5    C  "C3'" . C   A 1 1  ? 17.156  11.673  -12.063 1.00 44.30 ? 1  C   A "C3'" 1 
ATOM   6    O  "O3'" . C   A 1 1  ? 16.615  10.393  -12.343 1.00 43.82 ? 1  C   A "O3'" 1 
ATOM   7    C  "C2'" . C   A 1 1  ? 18.677  11.720  -12.110 1.00 44.28 ? 1  C   A "C2'" 1 
ATOM   8    O  "O2'" . C   A 1 1  ? 19.239  10.997  -13.186 1.00 44.50 ? 1  C   A "O2'" 1 
ATOM   9    C  "C1'" . C   A 1 1  ? 18.911  13.212  -12.347 1.00 44.23 ? 1  C   A "C1'" 1 
ATOM   10   N  N1    . C   A 1 1  ? 19.063  13.951  -11.090 1.00 42.64 ? 1  C   A N1    1 
ATOM   11   C  C2    . C   A 1 1  ? 20.317  13.983  -10.488 1.00 43.07 ? 1  C   A C2    1 
ATOM   12   O  O2    . C   A 1 1  ? 21.252  13.373  -11.028 1.00 43.79 ? 1  C   A O2    1 
ATOM   13   N  N3    . C   A 1 1  ? 20.480  14.668  -9.332  1.00 42.41 ? 1  C   A N3    1 
ATOM   14   C  C4    . C   A 1 1  ? 19.441  15.293  -8.778  1.00 42.25 ? 1  C   A C4    1 
ATOM   15   N  N4    . C   A 1 1  ? 19.648  15.955  -7.642  1.00 41.82 ? 1  C   A N4    1 
ATOM   16   C  C5    . C   A 1 1  ? 18.145  15.269  -9.368  1.00 41.95 ? 1  C   A C5    1 
ATOM   17   C  C6    . C   A 1 1  ? 18.004  14.593  -10.516 1.00 42.59 ? 1  C   A C6    1 
ATOM   18   P  P     . U   A 1 2  ? 16.261  9.398   -11.134 1.00 43.90 ? 2  U   A P     1 
ATOM   19   O  OP1   . U   A 1 2  ? 15.763  8.139   -11.746 1.00 44.06 ? 2  U   A OP1   1 
ATOM   20   O  OP2   . U   A 1 2  ? 15.432  10.108  -10.129 1.00 41.88 ? 2  U   A OP2   1 
ATOM   21   O  "O5'" . U   A 1 2  ? 17.678  9.098   -10.475 1.00 42.45 ? 2  U   A "O5'" 1 
ATOM   22   C  "C5'" . U   A 1 2  ? 18.689  8.386   -11.206 1.00 40.62 ? 2  U   A "C5'" 1 
ATOM   23   C  "C4'" . U   A 1 2  ? 19.890  8.183   -10.330 1.00 39.45 ? 2  U   A "C4'" 1 
ATOM   24   O  "O4'" . U   A 1 2  ? 20.501  9.473   -10.072 1.00 39.18 ? 2  U   A "O4'" 1 
ATOM   25   C  "C3'" . U   A 1 2  ? 19.557  7.656   -8.947  1.00 38.47 ? 2  U   A "C3'" 1 
ATOM   26   O  "O3'" . U   A 1 2  ? 19.371  6.243   -8.945  1.00 38.89 ? 2  U   A "O3'" 1 
ATOM   27   C  "C2'" . U   A 1 2  ? 20.751  8.126   -8.125  1.00 38.36 ? 2  U   A "C2'" 1 
ATOM   28   O  "O2'" . U   A 1 2  ? 21.904  7.326   -8.291  1.00 34.11 ? 2  U   A "O2'" 1 
ATOM   29   C  "C1'" . U   A 1 2  ? 21.004  9.503   -8.746  1.00 37.80 ? 2  U   A "C1'" 1 
ATOM   30   N  N1    . U   A 1 2  ? 20.348  10.601  -8.024  1.00 36.02 ? 2  U   A N1    1 
ATOM   31   C  C2    . U   A 1 2  ? 21.022  11.126  -6.939  1.00 36.32 ? 2  U   A C2    1 
ATOM   32   O  O2    . U   A 1 2  ? 22.101  10.693  -6.567  1.00 34.90 ? 2  U   A O2    1 
ATOM   33   N  N3    . U   A 1 2  ? 20.387  12.168  -6.304  1.00 36.48 ? 2  U   A N3    1 
ATOM   34   C  C4    . U   A 1 2  ? 19.163  12.719  -6.634  1.00 37.63 ? 2  U   A C4    1 
ATOM   35   O  O4    . U   A 1 2  ? 18.708  13.631  -5.944  1.00 37.32 ? 2  U   A O4    1 
ATOM   36   C  C5    . U   A 1 2  ? 18.520  12.111  -7.766  1.00 37.30 ? 2  U   A C5    1 
ATOM   37   C  C6    . U   A 1 2  ? 19.122  11.096  -8.406  1.00 36.68 ? 2  U   A C6    1 
ATOM   38   P  P     . U   A 1 3  ? 18.337  5.581   -7.908  1.00 40.45 ? 3  U   A P     1 
ATOM   39   O  OP1   . U   A 1 3  ? 18.059  4.205   -8.375  1.00 40.36 ? 3  U   A OP1   1 
ATOM   40   O  OP2   . U   A 1 3  ? 17.207  6.523   -7.677  1.00 36.38 ? 3  U   A OP2   1 
ATOM   41   O  "O5'" . U   A 1 3  ? 19.172  5.498   -6.558  1.00 39.37 ? 3  U   A "O5'" 1 
ATOM   42   C  "C5'" . U   A 1 3  ? 20.290  4.608   -6.454  1.00 40.77 ? 3  U   A "C5'" 1 
ATOM   43   C  "C4'" . U   A 1 3  ? 21.015  4.845   -5.158  1.00 41.72 ? 3  U   A "C4'" 1 
ATOM   44   O  "O4'" . U   A 1 3  ? 21.666  6.141   -5.198  1.00 40.95 ? 3  U   A "O4'" 1 
ATOM   45   C  "C3'" . U   A 1 3  ? 20.126  4.932   -3.928  1.00 42.59 ? 3  U   A "C3'" 1 
ATOM   46   O  "O3'" . U   A 1 3  ? 19.715  3.668   -3.428  1.00 43.41 ? 3  U   A "O3'" 1 
ATOM   47   C  "C2'" . U   A 1 3  ? 21.020  5.687   -2.959  1.00 42.46 ? 3  U   A "C2'" 1 
ATOM   48   O  "O2'" . U   A 1 3  ? 22.034  4.866   -2.412  1.00 42.24 ? 3  U   A "O2'" 1 
ATOM   49   C  "C1'" . U   A 1 3  ? 21.638  6.722   -3.897  1.00 41.87 ? 3  U   A "C1'" 1 
ATOM   50   N  N1    . U   A 1 3  ? 20.801  7.927   -3.951  1.00 42.07 ? 3  U   A N1    1 
ATOM   51   C  C2    . U   A 1 3  ? 21.035  8.903   -3.005  1.00 42.56 ? 3  U   A C2    1 
ATOM   52   O  O2    . U   A 1 3  ? 21.891  8.791   -2.144  1.00 43.69 ? 3  U   A O2    1 
ATOM   53   N  N3    . U   A 1 3  ? 20.229  10.009  -3.099  1.00 40.78 ? 3  U   A N3    1 
ATOM   54   C  C4    . U   A 1 3  ? 19.221  10.227  -4.021  1.00 42.28 ? 3  U   A C4    1 
ATOM   55   O  O4    . U   A 1 3  ? 18.537  11.254  -3.946  1.00 41.95 ? 3  U   A O4    1 
ATOM   56   C  C5    . U   A 1 3  ? 19.039  9.165   -4.965  1.00 41.57 ? 3  U   A C5    1 
ATOM   57   C  C6    . U   A 1 3  ? 19.817  8.080   -4.900  1.00 42.07 ? 3  U   A C6    1 
ATOM   58   P  P     . G   A 1 4  ? 18.308  3.547   -2.667  1.00 45.94 ? 4  G   A P     1 
ATOM   59   O  OP1   . G   A 1 4  ? 18.056  2.115   -2.340  1.00 42.61 ? 4  G   A OP1   1 
ATOM   60   O  OP2   . G   A 1 4  ? 17.310  4.306   -3.471  1.00 45.95 ? 4  G   A OP2   1 
ATOM   61   O  "O5'" . G   A 1 4  ? 18.548  4.342   -1.310  1.00 42.83 ? 4  G   A "O5'" 1 
ATOM   62   C  "C5'" . G   A 1 4  ? 19.503  3.867   -0.353  1.00 41.64 ? 4  G   A "C5'" 1 
ATOM   63   C  "C4'" . G   A 1 4  ? 19.653  4.860   0.770   1.00 40.34 ? 4  G   A "C4'" 1 
ATOM   64   O  "O4'" . G   A 1 4  ? 20.144  6.119   0.242   1.00 39.72 ? 4  G   A "O4'" 1 
ATOM   65   C  "C3'" . G   A 1 4  ? 18.371  5.253   1.486   1.00 39.78 ? 4  G   A "C3'" 1 
ATOM   66   O  "O3'" . G   A 1 4  ? 18.014  4.288   2.466   1.00 38.22 ? 4  G   A "O3'" 1 
ATOM   67   C  "C2'" . G   A 1 4  ? 18.772  6.572   2.124   1.00 39.57 ? 4  G   A "C2'" 1 
ATOM   68   O  "O2'" . G   A 1 4  ? 19.590  6.338   3.255   1.00 39.35 ? 4  G   A "O2'" 1 
ATOM   69   C  "C1'" . G   A 1 4  ? 19.615  7.190   1.005   1.00 39.35 ? 4  G   A "C1'" 1 
ATOM   70   N  N9    . G   A 1 4  ? 18.839  8.037   0.108   1.00 39.77 ? 4  G   A N9    1 
ATOM   71   C  C8    . G   A 1 4  ? 18.364  7.704   -1.138  1.00 39.02 ? 4  G   A C8    1 
ATOM   72   N  N7    . G   A 1 4  ? 17.696  8.672   -1.707  1.00 40.22 ? 4  G   A N7    1 
ATOM   73   C  C5    . G   A 1 4  ? 17.730  9.705   -0.777  1.00 40.25 ? 4  G   A C5    1 
ATOM   74   C  C6    . G   A 1 4  ? 17.170  11.008  -0.826  1.00 41.22 ? 4  G   A C6    1 
ATOM   75   O  O6    . G   A 1 4  ? 16.504  11.528  -1.726  1.00 42.17 ? 4  G   A O6    1 
ATOM   76   N  N1    . G   A 1 4  ? 17.452  11.730  0.331   1.00 40.81 ? 4  G   A N1    1 
ATOM   77   C  C2    . G   A 1 4  ? 18.171  11.263  1.394   1.00 40.60 ? 4  G   A C2    1 
ATOM   78   N  N2    . G   A 1 4  ? 18.336  12.116  2.412   1.00 41.60 ? 4  G   A N2    1 
ATOM   79   N  N3    . G   A 1 4  ? 18.695  10.048  1.458   1.00 41.41 ? 4  G   A N3    1 
ATOM   80   C  C4    . G   A 1 4  ? 18.437  9.329   0.346   1.00 40.21 ? 4  G   A C4    1 
ATOM   81   P  P     . C   A 1 5  ? 16.465  4.042   2.803   1.00 39.00 ? 5  C   A P     1 
ATOM   82   O  OP1   . C   A 1 5  ? 16.373  2.795   3.605   1.00 38.53 ? 5  C   A OP1   1 
ATOM   83   O  OP2   . C   A 1 5  ? 15.703  4.156   1.525   1.00 38.79 ? 5  C   A OP2   1 
ATOM   84   O  "O5'" . C   A 1 5  ? 16.073  5.296   3.703   1.00 36.07 ? 5  C   A "O5'" 1 
ATOM   85   C  "C5'" . C   A 1 5  ? 16.693  5.491   4.980   1.00 34.33 ? 5  C   A "C5'" 1 
ATOM   86   C  "C4'" . C   A 1 5  ? 16.477  6.901   5.457   1.00 31.07 ? 5  C   A "C4'" 1 
ATOM   87   O  "O4'" . C   A 1 5  ? 17.014  7.833   4.476   1.00 31.68 ? 5  C   A "O4'" 1 
ATOM   88   C  "C3'" . C   A 1 5  ? 15.031  7.352   5.602   1.00 30.55 ? 5  C   A "C3'" 1 
ATOM   89   O  "O3'" . C   A 1 5  ? 14.410  6.875   6.792   1.00 30.07 ? 5  C   A "O3'" 1 
ATOM   90   C  "C2'" . C   A 1 5  ? 15.187  8.863   5.593   1.00 29.46 ? 5  C   A "C2'" 1 
ATOM   91   O  "O2'" . C   A 1 5  ? 15.732  9.349   6.801   1.00 29.44 ? 5  C   A "O2'" 1 
ATOM   92   C  "C1'" . C   A 1 5  ? 16.236  9.033   4.493   1.00 31.84 ? 5  C   A "C1'" 1 
ATOM   93   N  N1    . C   A 1 5  ? 15.603  9.218   3.175   1.00 30.93 ? 5  C   A N1    1 
ATOM   94   C  C2    . C   A 1 5  ? 15.132  10.499  2.824   1.00 30.01 ? 5  C   A C2    1 
ATOM   95   O  O2    . C   A 1 5  ? 15.235  11.428  3.643   1.00 26.69 ? 5  C   A O2    1 
ATOM   96   N  N3    . C   A 1 5  ? 14.570  10.690  1.608   1.00 31.11 ? 5  C   A N3    1 
ATOM   97   C  C4    . C   A 1 5  ? 14.447  9.667   0.763   1.00 31.63 ? 5  C   A C4    1 
ATOM   98   N  N4    . C   A 1 5  ? 13.886  9.910   -0.424  1.00 32.58 ? 5  C   A N4    1 
ATOM   99   C  C5    . C   A 1 5  ? 14.895  8.347   1.097   1.00 33.21 ? 5  C   A C5    1 
ATOM   100  C  C6    . C   A 1 5  ? 15.469  8.172   2.305   1.00 31.43 ? 5  C   A C6    1 
ATOM   101  P  P     . U   A 1 6  ? 12.813  6.643   6.811   1.00 32.51 ? 6  U   A P     1 
ATOM   102  O  OP1   . U   A 1 6  ? 12.466  5.960   8.093   1.00 29.68 ? 6  U   A OP1   1 
ATOM   103  O  OP2   . U   A 1 6  ? 12.409  6.039   5.515   1.00 29.72 ? 6  U   A OP2   1 
ATOM   104  O  "O5'" . U   A 1 6  ? 12.212  8.120   6.810   1.00 29.41 ? 6  U   A "O5'" 1 
ATOM   105  C  "C5'" . U   A 1 6  ? 12.452  9.017   7.908   1.00 29.71 ? 6  U   A "C5'" 1 
ATOM   106  C  "C4'" . U   A 1 6  ? 11.852  10.371  7.615   1.00 30.00 ? 6  U   A "C4'" 1 
ATOM   107  O  "O4'" . U   A 1 6  ? 12.497  10.949  6.450   1.00 31.15 ? 6  U   A "O4'" 1 
ATOM   108  C  "C3'" . U   A 1 6  ? 10.380  10.373  7.237   1.00 32.56 ? 6  U   A "C3'" 1 
ATOM   109  O  "O3'" . U   A 1 6  ? 9.538   10.298  8.372   1.00 34.94 ? 6  U   A "O3'" 1 
ATOM   110  C  "C2'" . U   A 1 6  ? 10.249  11.706  6.518   1.00 33.26 ? 6  U   A "C2'" 1 
ATOM   111  O  "O2'" . U   A 1 6  ? 10.193  12.808  7.402   1.00 32.17 ? 6  U   A "O2'" 1 
ATOM   112  C  "C1'" . U   A 1 6  ? 11.563  11.737  5.735   1.00 32.51 ? 6  U   A "C1'" 1 
ATOM   113  N  N1    . U   A 1 6  ? 11.374  11.144  4.407   1.00 35.31 ? 6  U   A N1    1 
ATOM   114  C  C2    . U   A 1 6  ? 10.840  11.959  3.436   1.00 35.52 ? 6  U   A C2    1 
ATOM   115  O  O2    . U   A 1 6  ? 10.531  13.125  3.659   1.00 37.57 ? 6  U   A O2    1 
ATOM   116  N  N3    . U   A 1 6  ? 10.679  11.371  2.206   1.00 35.80 ? 6  U   A N3    1 
ATOM   117  C  C4    . U   A 1 6  ? 11.000  10.064  1.860   1.00 35.74 ? 6  U   A C4    1 
ATOM   118  O  O4    . U   A 1 6  ? 10.883  9.699   0.688   1.00 34.60 ? 6  U   A O4    1 
ATOM   119  C  C5    . U   A 1 6  ? 11.540  9.279   2.934   1.00 36.41 ? 6  U   A C5    1 
ATOM   120  C  C6    . U   A 1 6  ? 11.704  9.832   4.140   1.00 35.30 ? 6  U   A C6    1 
ATOM   121  P  P     . G   A 1 7  ? 8.073   9.651   8.237   1.00 37.08 ? 7  G   A P     1 
ATOM   122  O  OP1   . G   A 1 7  ? 7.456   9.691   9.587   1.00 37.48 ? 7  G   A OP1   1 
ATOM   123  O  OP2   . G   A 1 7  ? 8.211   8.337   7.523   1.00 36.03 ? 7  G   A OP2   1 
ATOM   124  O  "O5'" . G   A 1 7  ? 7.289   10.656  7.278   1.00 34.26 ? 7  G   A "O5'" 1 
ATOM   125  C  "C5'" . G   A 1 7  ? 6.924   11.964  7.730   1.00 32.67 ? 7  G   A "C5'" 1 
ATOM   126  C  "C4'" . G   A 1 7  ? 6.214   12.720  6.634   1.00 32.27 ? 7  G   A "C4'" 1 
ATOM   127  O  "O4'" . G   A 1 7  ? 7.107   12.944  5.513   1.00 32.95 ? 7  G   A "O4'" 1 
ATOM   128  C  "C3'" . G   A 1 7  ? 5.019   12.031  5.995   1.00 34.42 ? 7  G   A "C3'" 1 
ATOM   129  O  "O3'" . G   A 1 7  ? 3.868   12.185  6.796   1.00 33.35 ? 7  G   A "O3'" 1 
ATOM   130  C  "C2'" . G   A 1 7  ? 4.878   12.805  4.693   1.00 33.51 ? 7  G   A "C2'" 1 
ATOM   131  O  "O2'" . G   A 1 7  ? 4.277   14.072  4.887   1.00 36.20 ? 7  G   A "O2'" 1 
ATOM   132  C  "C1'" . G   A 1 7  ? 6.343   13.012  4.313   1.00 32.78 ? 7  G   A "C1'" 1 
ATOM   133  N  N9    . G   A 1 7  ? 6.807   11.978  3.397   1.00 33.32 ? 7  G   A N9    1 
ATOM   134  C  C8    . G   A 1 7  ? 7.527   10.847  3.698   1.00 31.80 ? 7  G   A C8    1 
ATOM   135  N  N7    . G   A 1 7  ? 7.786   10.113  2.649   1.00 32.48 ? 7  G   A N7    1 
ATOM   136  C  C5    . G   A 1 7  ? 7.203   10.801  1.593   1.00 31.71 ? 7  G   A C5    1 
ATOM   137  C  C6    . G   A 1 7  ? 7.147   10.491  0.196   1.00 33.04 ? 7  G   A C6    1 
ATOM   138  O  O6    . G   A 1 7  ? 7.621   9.507   -0.397  1.00 33.12 ? 7  G   A O6    1 
ATOM   139  N  N1    . G   A 1 7  ? 6.453   11.468  -0.518  1.00 31.82 ? 7  G   A N1    1 
ATOM   140  C  C2    . G   A 1 7  ? 5.882   12.593  0.040   1.00 32.99 ? 7  G   A C2    1 
ATOM   141  N  N2    . G   A 1 7  ? 5.265   13.432  -0.797  1.00 31.86 ? 7  G   A N2    1 
ATOM   142  N  N3    . G   A 1 7  ? 5.921   12.880  1.331   1.00 31.40 ? 7  G   A N3    1 
ATOM   143  C  C4    . G   A 1 7  ? 6.592   11.952  2.039   1.00 32.55 ? 7  G   A C4    1 
ATOM   144  P  P     . A   A 1 8  ? 3.158   10.897  7.431   1.00 34.01 ? 8  A   A P     1 
ATOM   145  O  OP1   . A   A 1 8  ? 3.529   10.803  8.862   1.00 33.39 ? 8  A   A OP1   1 
ATOM   146  O  OP2   . A   A 1 8  ? 3.397   9.740   6.540   1.00 33.09 ? 8  A   A OP2   1 
ATOM   147  O  "O5'" . A   A 1 8  ? 1.614   11.282  7.360   1.00 33.77 ? 8  A   A "O5'" 1 
ATOM   148  C  "C5'" . A   A 1 8  ? 0.861   11.068  6.159   1.00 33.14 ? 8  A   A "C5'" 1 
ATOM   149  C  "C4'" . A   A 1 8  ? -0.222  10.058  6.416   1.00 32.15 ? 8  A   A "C4'" 1 
ATOM   150  O  "O4'" . A   A 1 8  ? -1.195  10.609  7.334   1.00 32.35 ? 8  A   A "O4'" 1 
ATOM   151  C  "C3'" . A   A 1 8  ? -1.056  9.658   5.216   1.00 31.81 ? 8  A   A "C3'" 1 
ATOM   152  O  "O3'" . A   A 1 8  ? -0.368  8.678   4.457   1.00 28.70 ? 8  A   A "O3'" 1 
ATOM   153  C  "C2'" . A   A 1 8  ? -2.303  9.089   5.879   1.00 31.41 ? 8  A   A "C2'" 1 
ATOM   154  O  "O2'" . A   A 1 8  ? -2.081  7.794   6.390   1.00 32.99 ? 8  A   A "O2'" 1 
ATOM   155  C  "C1'" . A   A 1 8  ? -2.465  10.040  7.065   1.00 32.36 ? 8  A   A "C1'" 1 
ATOM   156  N  N9    . A   A 1 8  ? -3.423  11.116  6.835   1.00 31.84 ? 8  A   A N9    1 
ATOM   157  C  C8    . A   A 1 8  ? -3.185  12.457  6.660   1.00 31.86 ? 8  A   A C8    1 
ATOM   158  N  N7    . A   A 1 8  ? -4.276  13.171  6.522   1.00 33.11 ? 8  A   A N7    1 
ATOM   159  C  C5    . A   A 1 8  ? -5.299  12.236  6.603   1.00 32.60 ? 8  A   A C5    1 
ATOM   160  C  C6    . A   A 1 8  ? -6.700  12.351  6.543   1.00 30.39 ? 8  A   A C6    1 
ATOM   161  N  N6    . A   A 1 8  ? -7.344  13.507  6.383   1.00 31.56 ? 8  A   A N6    1 
ATOM   162  N  N1    . A   A 1 8  ? -7.427  11.219  6.656   1.00 30.35 ? 8  A   A N1    1 
ATOM   163  C  C2    . A   A 1 8  ? -6.788  10.058  6.817   1.00 30.80 ? 8  A   A C2    1 
ATOM   164  N  N3    . A   A 1 8  ? -5.481  9.822   6.892   1.00 30.67 ? 8  A   A N3    1 
ATOM   165  C  C4    . A   A 1 8  ? -4.785  10.965  6.780   1.00 31.75 ? 8  A   A C4    1 
ATOM   166  P  P     . A   A 1 9  ? -0.466  8.703   2.859   1.00 30.84 ? 9  A   A P     1 
ATOM   167  O  OP1   . A   A 1 9  ? 0.436   7.625   2.360   1.00 28.76 ? 9  A   A OP1   1 
ATOM   168  O  OP2   . A   A 1 9  ? -0.265  10.100  2.393   1.00 27.49 ? 9  A   A OP2   1 
ATOM   169  O  "O5'" . A   A 1 9  ? -1.982  8.292   2.566   1.00 26.84 ? 9  A   A "O5'" 1 
ATOM   170  C  "C5'" . A   A 1 9  ? -2.457  6.964   2.848   1.00 28.88 ? 9  A   A "C5'" 1 
ATOM   171  C  "C4'" . A   A 1 9  ? -3.958  6.873   2.642   1.00 29.22 ? 9  A   A "C4'" 1 
ATOM   172  O  "O4'" . A   A 1 9  ? -4.660  7.635   3.660   1.00 31.11 ? 9  A   A "O4'" 1 
ATOM   173  C  "C3'" . A   A 1 9  ? -4.498  7.445   1.344   1.00 29.72 ? 9  A   A "C3'" 1 
ATOM   174  O  "O3'" . A   A 1 9  ? -4.291  6.563   0.245   1.00 29.80 ? 9  A   A "O3'" 1 
ATOM   175  C  "C2'" . A   A 1 9  ? -5.974  7.620   1.686   1.00 30.04 ? 9  A   A "C2'" 1 
ATOM   176  O  "O2'" . A   A 1 9  ? -6.691  6.405   1.668   1.00 29.63 ? 9  A   A "O2'" 1 
ATOM   177  C  "C1'" . A   A 1 9  ? -5.885  8.123   3.129   1.00 28.63 ? 9  A   A "C1'" 1 
ATOM   178  N  N9    . A   A 1 9  ? -5.881  9.586   3.179   1.00 29.46 ? 9  A   A N9    1 
ATOM   179  C  C8    . A   A 1 9  ? -4.816  10.438  3.009   1.00 31.88 ? 9  A   A C8    1 
ATOM   180  N  N7    . A   A 1 9  ? -5.147  11.709  3.028   1.00 31.44 ? 9  A   A N7    1 
ATOM   181  C  C5    . A   A 1 9  ? -6.518  11.695  3.246   1.00 29.81 ? 9  A   A C5    1 
ATOM   182  C  C6    . A   A 1 9  ? -7.473  12.724  3.357   1.00 30.94 ? 9  A   A C6    1 
ATOM   183  N  N6    . A   A 1 9  ? -7.181  14.023  3.251   1.00 29.75 ? 9  A   A N6    1 
ATOM   184  N  N1    . A   A 1 9  ? -8.756  12.369  3.577   1.00 29.13 ? 9  A   A N1    1 
ATOM   185  C  C2    . A   A 1 9  ? -9.051  11.069  3.674   1.00 29.59 ? 9  A   A C2    1 
ATOM   186  N  N3    . A   A 1 9  ? -8.249  10.011  3.581   1.00 27.92 ? 9  A   A N3    1 
ATOM   187  C  C4    . A   A 1 9  ? -6.980  10.395  3.363   1.00 30.26 ? 9  A   A C4    1 
ATOM   188  P  P     . G   A 1 10 ? -3.022  6.781   -0.719  1.00 27.50 ? 10 G   A P     1 
ATOM   189  O  OP1   . G   A 1 10 ? -1.999  5.752   -0.404  1.00 27.26 ? 10 G   A OP1   1 
ATOM   190  O  OP2   . G   A 1 10 ? -2.662  8.211   -0.664  1.00 29.25 ? 10 G   A OP2   1 
ATOM   191  O  "O5'" . G   A 1 10 ? -3.585  6.469   -2.179  1.00 29.94 ? 10 G   A "O5'" 1 
ATOM   192  C  "C5'" . G   A 1 10 ? -4.481  7.390   -2.827  1.00 28.45 ? 10 G   A "C5'" 1 
ATOM   193  C  "C4'" . G   A 1 10 ? -3.981  7.696   -4.216  1.00 29.35 ? 10 G   A "C4'" 1 
ATOM   194  O  "O4'" . G   A 1 10 ? -2.779  8.517   -4.160  1.00 29.10 ? 10 G   A "O4'" 1 
ATOM   195  C  "C3'" . G   A 1 10 ? -3.556  6.453   -4.970  1.00 28.66 ? 10 G   A "C3'" 1 
ATOM   196  O  "O3'" . G   A 1 10 ? -4.676  5.757   -5.522  1.00 28.81 ? 10 G   A "O3'" 1 
ATOM   197  C  "C2'" . G   A 1 10 ? -2.557  7.007   -5.973  1.00 28.21 ? 10 G   A "C2'" 1 
ATOM   198  O  "O2'" . G   A 1 10 ? -3.149  7.632   -7.090  1.00 26.05 ? 10 G   A "O2'" 1 
ATOM   199  C  "C1'" . G   A 1 10 ? -1.843  8.059   -5.121  1.00 27.99 ? 10 G   A "C1'" 1 
ATOM   200  N  N9    . G   A 1 10 ? -0.704  7.520   -4.382  1.00 26.56 ? 10 G   A N9    1 
ATOM   201  C  C8    . G   A 1 10 ? -0.541  7.550   -3.018  1.00 25.45 ? 10 G   A C8    1 
ATOM   202  N  N7    . G   A 1 10 ? 0.581   7.008   -2.618  1.00 26.36 ? 10 G   A N7    1 
ATOM   203  C  C5    . G   A 1 10 ? 1.198   6.596   -3.792  1.00 26.65 ? 10 G   A C5    1 
ATOM   204  C  C6    . G   A 1 10 ? 2.438   5.936   -3.987  1.00 26.12 ? 10 G   A C6    1 
ATOM   205  O  O6    . G   A 1 10 ? 3.253   5.566   -3.129  1.00 26.99 ? 10 G   A O6    1 
ATOM   206  N  N1    . G   A 1 10 ? 2.686   5.695   -5.337  1.00 23.98 ? 10 G   A N1    1 
ATOM   207  C  C2    . G   A 1 10 ? 1.840   6.024   -6.368  1.00 26.13 ? 10 G   A C2    1 
ATOM   208  N  N2    . G   A 1 10 ? 2.257   5.678   -7.606  1.00 24.87 ? 10 G   A N2    1 
ATOM   209  N  N3    . G   A 1 10 ? 0.665   6.640   -6.201  1.00 26.12 ? 10 G   A N3    1 
ATOM   210  C  C4    . G   A 1 10 ? 0.413   6.896   -4.894  1.00 26.53 ? 10 G   A C4    1 
ATOM   211  P  P     . U   A 1 11 ? -4.670  4.148   -5.564  1.00 27.58 ? 11 U   A P     1 
ATOM   212  O  OP1   . U   A 1 11 ? -5.988  3.719   -6.097  1.00 27.45 ? 11 U   A OP1   1 
ATOM   213  O  OP2   . U   A 1 11 ? -4.218  3.655   -4.247  1.00 26.18 ? 11 U   A OP2   1 
ATOM   214  O  "O5'" . U   A 1 11 ? -3.563  3.814   -6.648  1.00 27.11 ? 11 U   A "O5'" 1 
ATOM   215  C  "C5'" . U   A 1 11 ? -3.687  4.275   -7.994  1.00 27.07 ? 11 U   A "C5'" 1 
ATOM   216  C  "C4'" . U   A 1 11 ? -2.556  3.715   -8.816  1.00 27.43 ? 11 U   A "C4'" 1 
ATOM   217  O  "O4'" . U   A 1 11 ? -1.294  4.304   -8.391  1.00 28.30 ? 11 U   A "O4'" 1 
ATOM   218  C  "C3'" . U   A 1 11 ? -2.324  2.230   -8.624  1.00 26.94 ? 11 U   A "C3'" 1 
ATOM   219  O  "O3'" . U   A 1 11 ? -3.224  1.459   -9.404  1.00 27.17 ? 11 U   A "O3'" 1 
ATOM   220  C  "C2'" . U   A 1 11 ? -0.895  2.078   -9.116  1.00 25.86 ? 11 U   A "C2'" 1 
ATOM   221  O  "O2'" . U   A 1 11 ? -0.847  2.125   -10.531 1.00 26.97 ? 11 U   A "O2'" 1 
ATOM   222  C  "C1'" . U   A 1 11 ? -0.255  3.347   -8.547  1.00 26.63 ? 11 U   A "C1'" 1 
ATOM   223  N  N1    . U   A 1 11 ? 0.380   3.116   -7.240  1.00 25.81 ? 11 U   A N1    1 
ATOM   224  C  C2    . U   A 1 11 ? 1.616   2.486   -7.245  1.00 25.39 ? 11 U   A C2    1 
ATOM   225  O  O2    . U   A 1 11 ? 2.184   2.145   -8.270  1.00 25.72 ? 11 U   A O2    1 
ATOM   226  N  N3    . U   A 1 11 ? 2.164   2.277   -6.012  1.00 22.89 ? 11 U   A N3    1 
ATOM   227  C  C4    . U   A 1 11 ? 1.632   2.627   -4.791  1.00 25.18 ? 11 U   A C4    1 
ATOM   228  O  O4    . U   A 1 11 ? 2.267   2.370   -3.763  1.00 24.33 ? 11 U   A O4    1 
ATOM   229  C  C5    . U   A 1 11 ? 0.353   3.284   -4.859  1.00 20.93 ? 11 U   A C5    1 
ATOM   230  C  C6    . U   A 1 11 ? -0.217  3.498   -6.054  1.00 24.70 ? 11 U   A C6    1 
ATOM   231  P  P     . G   A 1 12 ? -3.635  -0.020  -8.929  1.00 29.05 ? 12 G   A P     1 
ATOM   232  O  OP1   . G   A 1 12 ? -4.711  -0.462  -9.850  1.00 27.33 ? 12 G   A OP1   1 
ATOM   233  O  OP2   . G   A 1 12 ? -3.867  -0.045  -7.480  1.00 25.46 ? 12 G   A OP2   1 
ATOM   234  O  "O5'" . G   A 1 12 ? -2.326  -0.901  -9.200  1.00 27.52 ? 12 G   A "O5'" 1 
ATOM   235  C  "C5'" . G   A 1 12 ? -1.798  -1.045  -10.532 1.00 23.32 ? 12 G   A "C5'" 1 
ATOM   236  C  "C4'" . G   A 1 12 ? -0.501  -1.838  -10.509 1.00 22.90 ? 12 G   A "C4'" 1 
ATOM   237  O  "O4'" . G   A 1 12 ? 0.546   -1.088  -9.836  1.00 24.02 ? 12 G   A "O4'" 1 
ATOM   238  C  "C3'" . G   A 1 12 ? -0.544  -3.156  -9.762  1.00 23.32 ? 12 G   A "C3'" 1 
ATOM   239  O  "O3'" . G   A 1 12 ? -1.165  -4.179  -10.550 1.00 23.29 ? 12 G   A "O3'" 1 
ATOM   240  C  "C2'" . G   A 1 12 ? 0.937   -3.415  -9.504  1.00 24.07 ? 12 G   A "C2'" 1 
ATOM   241  O  "O2'" . G   A 1 12 ? 1.603   -3.877  -10.658 1.00 22.38 ? 12 G   A "O2'" 1 
ATOM   242  C  "C1'" . G   A 1 12 ? 1.445   -1.999  -9.198  1.00 24.59 ? 12 G   A "C1'" 1 
ATOM   243  N  N9    . G   A 1 12 ? 1.511   -1.679  -7.770  1.00 24.16 ? 12 G   A N9    1 
ATOM   244  C  C8    . G   A 1 12 ? 0.578   -0.984  -7.039  1.00 22.68 ? 12 G   A C8    1 
ATOM   245  N  N7    . G   A 1 12 ? 0.918   -0.832  -5.786  1.00 24.49 ? 12 G   A N7    1 
ATOM   246  C  C5    . G   A 1 12 ? 2.157   -1.458  -5.681  1.00 24.28 ? 12 G   A C5    1 
ATOM   247  C  C6    . G   A 1 12 ? 3.027   -1.604  -4.562  1.00 22.99 ? 12 G   A C6    1 
ATOM   248  O  O6    . G   A 1 12 ? 2.889   -1.163  -3.423  1.00 23.61 ? 12 G   A O6    1 
ATOM   249  N  N1    . G   A 1 12 ? 4.160   -2.347  -4.884  1.00 21.23 ? 12 G   A N1    1 
ATOM   250  C  C2    . G   A 1 12 ? 4.431   -2.867  -6.124  1.00 20.30 ? 12 G   A C2    1 
ATOM   251  N  N2    . G   A 1 12 ? 5.561   -3.591  -6.233  1.00 17.15 ? 12 G   A N2    1 
ATOM   252  N  N3    . G   A 1 12 ? 3.647   -2.705  -7.178  1.00 20.77 ? 12 G   A N3    1 
ATOM   253  C  C4    . G   A 1 12 ? 2.531   -2.005  -6.886  1.00 22.69 ? 12 G   A C4    1 
ATOM   254  P  P     . C   A 1 13 ? -1.997  -5.350  -9.826  1.00 26.75 ? 13 C   A P     1 
ATOM   255  O  OP1   . C   A 1 13 ? -2.757  -6.126  -10.865 1.00 27.44 ? 13 C   A OP1   1 
ATOM   256  O  OP2   . C   A 1 13 ? -2.734  -4.741  -8.681  1.00 25.29 ? 13 C   A OP2   1 
ATOM   257  O  "O5'" . C   A 1 13 ? -0.872  -6.317  -9.223  1.00 24.21 ? 13 C   A "O5'" 1 
ATOM   258  C  "C5'" . C   A 1 13 ? 0.067   -6.957  -10.096 1.00 23.16 ? 13 C   A "C5'" 1 
ATOM   259  C  "C4'" . C   A 1 13 ? 1.220   -7.532  -9.306  1.00 23.07 ? 13 C   A "C4'" 1 
ATOM   260  O  "O4'" . C   A 1 13 ? 2.003   -6.466  -8.707  1.00 23.20 ? 13 C   A "O4'" 1 
ATOM   261  C  "C3'" . C   A 1 13 ? 0.832   -8.408  -8.134  1.00 23.60 ? 13 C   A "C3'" 1 
ATOM   262  O  "O3'" . C   A 1 13 ? 0.452   -9.716  -8.556  1.00 22.54 ? 13 C   A "O3'" 1 
ATOM   263  C  "C2'" . C   A 1 13 ? 2.088   -8.351  -7.266  1.00 24.11 ? 13 C   A "C2'" 1 
ATOM   264  O  "O2'" . C   A 1 13 ? 3.166   -9.141  -7.725  1.00 23.82 ? 13 C   A "O2'" 1 
ATOM   265  C  "C1'" . C   A 1 13 ? 2.501   -6.897  -7.457  1.00 23.09 ? 13 C   A "C1'" 1 
ATOM   266  N  N1    . C   A 1 13 ? 1.975   -6.016  -6.406  1.00 23.80 ? 13 C   A N1    1 
ATOM   267  C  C2    . C   A 1 13 ? 2.722   -5.892  -5.233  1.00 22.69 ? 13 C   A C2    1 
ATOM   268  O  O2    . C   A 1 13 ? 3.767   -6.566  -5.127  1.00 19.51 ? 13 C   A O2    1 
ATOM   269  N  N3    . C   A 1 13 ? 2.289   -5.053  -4.251  1.00 20.85 ? 13 C   A N3    1 
ATOM   270  C  C4    . C   A 1 13 ? 1.151   -4.365  -4.414  1.00 21.65 ? 13 C   A C4    1 
ATOM   271  N  N4    . C   A 1 13 ? 0.764   -3.539  -3.426  1.00 20.54 ? 13 C   A N4    1 
ATOM   272  C  C5    . C   A 1 13 ? 0.356   -4.489  -5.594  1.00 21.44 ? 13 C   A C5    1 
ATOM   273  C  C6    . C   A 1 13 ? 0.803   -5.323  -6.562  1.00 22.45 ? 13 C   A C6    1 
ATOM   274  P  P     . A   A 1 14 ? -0.659  -10.517 -7.723  1.00 26.47 ? 14 A   A P     1 
ATOM   275  O  OP1   . A   A 1 14 ? -0.892  -11.868 -8.309  1.00 24.73 ? 14 A   A OP1   1 
ATOM   276  O  OP2   . A   A 1 14 ? -1.801  -9.565  -7.572  1.00 24.76 ? 14 A   A OP2   1 
ATOM   277  O  "O5'" . A   A 1 14 ? 0.011   -10.688 -6.295  1.00 23.60 ? 14 A   A "O5'" 1 
ATOM   278  C  "C5'" . A   A 1 14 ? 1.165   -11.514 -6.127  1.00 24.19 ? 14 A   A "C5'" 1 
ATOM   279  C  "C4'" . A   A 1 14 ? 1.621   -11.463 -4.694  1.00 22.99 ? 14 A   A "C4'" 1 
ATOM   280  O  "O4'" . A   A 1 14 ? 2.142   -10.145 -4.380  1.00 22.79 ? 14 A   A "O4'" 1 
ATOM   281  C  "C3'" . A   A 1 14 ? 0.542   -11.649 -3.647  1.00 23.81 ? 14 A   A "C3'" 1 
ATOM   282  O  "O3'" . A   A 1 14 ? 0.157   -13.020 -3.529  1.00 25.30 ? 14 A   A "O3'" 1 
ATOM   283  C  "C2'" . A   A 1 14 ? 1.244   -11.109 -2.405  1.00 22.33 ? 14 A   A "C2'" 1 
ATOM   284  O  "O2'" . A   A 1 14 ? 2.191   -12.004 -1.875  1.00 20.73 ? 14 A   A "O2'" 1 
ATOM   285  C  "C1'" . A   A 1 14 ? 2.012   -9.922  -2.987  1.00 21.80 ? 14 A   A "C1'" 1 
ATOM   286  N  N9    . A   A 1 14 ? 1.303   -8.665  -2.756  1.00 21.59 ? 14 A   A N9    1 
ATOM   287  C  C8    . A   A 1 14 ? 0.399   -7.993  -3.543  1.00 21.38 ? 14 A   A C8    1 
ATOM   288  N  N7    . A   A 1 14 ? -0.099  -6.920  -2.973  1.00 23.49 ? 14 A   A N7    1 
ATOM   289  C  C5    . A   A 1 14 ? 0.531   -6.877  -1.737  1.00 20.71 ? 14 A   A C5    1 
ATOM   290  C  C6    . A   A 1 14 ? 0.421   -6.007  -0.634  1.00 20.51 ? 14 A   A C6    1 
ATOM   291  N  N6    . A   A 1 14 ? -0.432  -4.985  -0.566  1.00 22.16 ? 14 A   A N6    1 
ATOM   292  N  N1    . A   A 1 14 ? 1.217   -6.245  0.431   1.00 21.30 ? 14 A   A N1    1 
ATOM   293  C  C2    . A   A 1 14 ? 2.036   -7.306  0.397   1.00 21.50 ? 14 A   A C2    1 
ATOM   294  N  N3    . A   A 1 14 ? 2.201   -8.208  -0.557  1.00 19.48 ? 14 A   A N3    1 
ATOM   295  C  C4    . A   A 1 14 ? 1.416   -7.933  -1.607  1.00 21.74 ? 14 A   A C4    1 
ATOM   296  P  P     . C   A 1 15 ? -1.157  -13.408 -2.686  1.00 30.84 ? 15 C   A P     1 
ATOM   297  O  OP1   . C   A 1 15 ? -1.478  -14.837 -2.931  1.00 30.56 ? 15 C   A OP1   1 
ATOM   298  O  OP2   . C   A 1 15 ? -2.190  -12.365 -2.940  1.00 29.61 ? 15 C   A OP2   1 
ATOM   299  O  "O5'" . C   A 1 15 ? -0.676  -13.251 -1.179  1.00 28.39 ? 15 C   A "O5'" 1 
ATOM   300  C  "C5'" . C   A 1 15 ? -1.569  -12.805 -0.171  1.00 27.94 ? 15 C   A "C5'" 1 
ATOM   301  C  "C4'" . C   A 1 15 ? -0.792  -12.367 1.032   1.00 26.57 ? 15 C   A "C4'" 1 
ATOM   302  O  "O4'" . C   A 1 15 ? -0.050  -11.152 0.723   1.00 25.53 ? 15 C   A "O4'" 1 
ATOM   303  C  "C3'" . C   A 1 15 ? -1.661  -11.962 2.193   1.00 27.52 ? 15 C   A "C3'" 1 
ATOM   304  O  "O3'" . C   A 1 15 ? -2.106  -13.103 2.903   1.00 29.18 ? 15 C   A "O3'" 1 
ATOM   305  C  "C2'" . C   A 1 15 ? -0.707  -11.099 2.987   1.00 26.30 ? 15 C   A "C2'" 1 
ATOM   306  O  "O2'" . C   A 1 15 ? 0.220   -11.938 3.639   1.00 28.08 ? 15 C   A "O2'" 1 
ATOM   307  C  "C1'" . C   A 1 15 ? -0.040  -10.303 1.856   1.00 25.51 ? 15 C   A "C1'" 1 
ATOM   308  N  N1    . C   A 1 15 ? -0.819  -9.082  1.519   1.00 24.13 ? 15 C   A N1    1 
ATOM   309  C  C2    . C   A 1 15 ? -0.900  -8.063  2.469   1.00 24.59 ? 15 C   A C2    1 
ATOM   310  O  O2    . C   A 1 15 ? -0.230  -8.171  3.493   1.00 23.28 ? 15 C   A O2    1 
ATOM   311  N  N3    . C   A 1 15 ? -1.712  -6.974  2.237   1.00 23.87 ? 15 C   A N3    1 
ATOM   312  C  C4    . C   A 1 15 ? -2.398  -6.896  1.101   1.00 21.25 ? 15 C   A C4    1 
ATOM   313  N  N4    . C   A 1 15 ? -3.221  -5.837  0.937   1.00 22.03 ? 15 C   A N4    1 
ATOM   314  C  C5    . C   A 1 15 ? -2.288  -7.903  0.077   1.00 23.32 ? 15 C   A C5    1 
ATOM   315  C  C6    . C   A 1 15 ? -1.482  -8.965  0.326   1.00 22.72 ? 15 C   A C6    1 
ATOM   316  P  P     . A   A 1 16 ? -3.561  -13.096 3.561   1.00 31.40 ? 16 A   A P     1 
ATOM   317  O  OP1   . A   A 1 16 ? -3.779  -14.406 4.208   1.00 31.29 ? 16 A   A OP1   1 
ATOM   318  O  OP2   . A   A 1 16 ? -4.526  -12.604 2.545   1.00 30.93 ? 16 A   A OP2   1 
ATOM   319  O  "O5'" . A   A 1 16 ? -3.427  -12.002 4.718   1.00 28.64 ? 16 A   A "O5'" 1 
ATOM   320  C  "C5'" . A   A 1 16 ? -2.568  -12.256 5.843   1.00 28.78 ? 16 A   A "C5'" 1 
ATOM   321  C  "C4'" . A   A 1 16 ? -2.563  -11.078 6.778   1.00 29.03 ? 16 A   A "C4'" 1 
ATOM   322  O  "O4'" . A   A 1 16 ? -2.135  -9.898  6.056   1.00 28.74 ? 16 A   A "O4'" 1 
ATOM   323  C  "C3'" . A   A 1 16 ? -3.918  -10.681 7.350   1.00 29.62 ? 16 A   A "C3'" 1 
ATOM   324  O  "O3'" . A   A 1 16 ? -4.264  -11.483 8.470   1.00 30.03 ? 16 A   A "O3'" 1 
ATOM   325  C  "C2'" . A   A 1 16 ? -3.666  -9.238  7.748   1.00 28.55 ? 16 A   A "C2'" 1 
ATOM   326  O  "O2'" . A   A 1 16 ? -2.944  -9.124  8.955   1.00 28.71 ? 16 A   A "O2'" 1 
ATOM   327  C  "C1'" . A   A 1 16 ? -2.803  -8.759  6.580   1.00 27.96 ? 16 A   A "C1'" 1 
ATOM   328  N  N9    . A   A 1 16 ? -3.629  -8.195  5.518   1.00 27.36 ? 16 A   A N9    1 
ATOM   329  C  C8    . A   A 1 16 ? -3.855  -8.714  4.267   1.00 26.52 ? 16 A   A C8    1 
ATOM   330  N  N7    . A   A 1 16 ? -4.672  -7.996  3.538   1.00 27.49 ? 16 A   A N7    1 
ATOM   331  C  C5    . A   A 1 16 ? -4.999  -6.924  4.361   1.00 26.48 ? 16 A   A C5    1 
ATOM   332  C  C6    . A   A 1 16 ? -5.830  -5.808  4.173   1.00 26.74 ? 16 A   A C6    1 
ATOM   333  N  N6    . A   A 1 16 ? -6.491  -5.562  3.038   1.00 27.44 ? 16 A   A N6    1 
ATOM   334  N  N1    . A   A 1 16 ? -5.955  -4.940  5.198   1.00 27.09 ? 16 A   A N1    1 
ATOM   335  C  C2    . A   A 1 16 ? -5.272  -5.179  6.331   1.00 24.29 ? 16 A   A C2    1 
ATOM   336  N  N3    . A   A 1 16 ? -4.449  -6.184  6.622   1.00 26.19 ? 16 A   A N3    1 
ATOM   337  C  C4    . A   A 1 16 ? -4.357  -7.033  5.583   1.00 25.56 ? 16 A   A C4    1 
ATOM   338  P  P     . C   A 1 17 ? -5.806  -11.861 8.744   1.00 31.76 ? 17 C   A P     1 
ATOM   339  O  OP1   . C   A 1 17 ? -5.784  -12.641 10.020  1.00 31.00 ? 17 C   A OP1   1 
ATOM   340  O  OP2   . C   A 1 17 ? -6.396  -12.457 7.533   1.00 29.94 ? 17 C   A OP2   1 
ATOM   341  O  "O5'" . C   A 1 17 ? -6.521  -10.453 8.991   1.00 28.33 ? 17 C   A "O5'" 1 
ATOM   342  C  "C5'" . C   A 1 17 ? -6.135  -9.615  10.095  1.00 30.68 ? 17 C   A "C5'" 1 
ATOM   343  C  "C4'" . C   A 1 17 ? -6.930  -8.330  10.086  1.00 29.54 ? 17 C   A "C4'" 1 
ATOM   344  O  "O4'" . C   A 1 17 ? -6.604  -7.554  8.899   1.00 30.89 ? 17 C   A "O4'" 1 
ATOM   345  C  "C3'" . C   A 1 17 ? -8.430  -8.505  9.976   1.00 30.01 ? 17 C   A "C3'" 1 
ATOM   346  O  "O3'" . C   A 1 17 ? -9.003  -8.792  11.234  1.00 32.79 ? 17 C   A "O3'" 1 
ATOM   347  C  "C2'" . C   A 1 17 ? -8.873  -7.145  9.461   1.00 29.51 ? 17 C   A "C2'" 1 
ATOM   348  O  "O2'" . C   A 1 17 ? -8.862  -6.192  10.492  1.00 27.18 ? 17 C   A "O2'" 1 
ATOM   349  C  "C1'" . C   A 1 17 ? -7.744  -6.821  8.482   1.00 29.87 ? 17 C   A "C1'" 1 
ATOM   350  N  N1    . C   A 1 17 ? -8.065  -7.201  7.103   1.00 27.48 ? 17 C   A N1    1 
ATOM   351  C  C2    . C   A 1 17 ? -8.893  -6.352  6.353   1.00 29.22 ? 17 C   A C2    1 
ATOM   352  O  O2    . C   A 1 17 ? -9.354  -5.321  6.901   1.00 29.31 ? 17 C   A O2    1 
ATOM   353  N  N3    . C   A 1 17 ? -9.175  -6.665  5.069   1.00 27.01 ? 17 C   A N3    1 
ATOM   354  C  C4    . C   A 1 17 ? -8.678  -7.791  4.530   1.00 26.22 ? 17 C   A C4    1 
ATOM   355  N  N4    . C   A 1 17 ? -8.984  -8.065  3.258   1.00 24.67 ? 17 C   A N4    1 
ATOM   356  C  C5    . C   A 1 17 ? -7.849  -8.680  5.274   1.00 26.60 ? 17 C   A C5    1 
ATOM   357  C  C6    . C   A 1 17 ? -7.567  -8.348  6.549   1.00 27.55 ? 17 C   A C6    1 
ATOM   358  P  P     . A   A 1 18 ? -10.327 -9.687  11.302  1.00 32.21 ? 18 A   A P     1 
ATOM   359  O  OP1   . A   A 1 18 ? -10.531 -10.065 12.726  1.00 34.92 ? 18 A   A OP1   1 
ATOM   360  O  OP2   . A   A 1 18 ? -10.238 -10.731 10.269  1.00 33.64 ? 18 A   A OP2   1 
ATOM   361  O  "O5'" . A   A 1 18 ? -11.480 -8.679  10.869  1.00 33.63 ? 18 A   A "O5'" 1 
ATOM   362  C  "C5'" . A   A 1 18 ? -11.776 -7.533  11.681  1.00 32.33 ? 18 A   A "C5'" 1 
ATOM   363  C  "C4'" . A   A 1 18 ? -12.844 -6.696  11.025  1.00 32.51 ? 18 A   A "C4'" 1 
ATOM   364  O  "O4'" . A   A 1 18 ? -12.330 -6.062  9.828   1.00 32.25 ? 18 A   A "O4'" 1 
ATOM   365  C  "C3'" . A   A 1 18 ? -14.052 -7.464  10.533  1.00 31.68 ? 18 A   A "C3'" 1 
ATOM   366  O  "O3'" . A   A 1 18 ? -14.929 -7.692  11.613  1.00 34.19 ? 18 A   A "O3'" 1 
ATOM   367  C  "C2'" . A   A 1 18 ? -14.639 -6.497  9.522   1.00 30.71 ? 18 A   A "C2'" 1 
ATOM   368  O  "O2'" . A   A 1 18 ? -15.279 -5.422  10.171  1.00 29.97 ? 18 A   A "O2'" 1 
ATOM   369  C  "C1'" . A   A 1 18 ? -13.369 -5.954  8.873   1.00 31.59 ? 18 A   A "C1'" 1 
ATOM   370  N  N9    . A   A 1 18 ? -12.960 -6.696  7.688   1.00 29.82 ? 18 A   A N9    1 
ATOM   371  C  C8    . A   A 1 18 ? -12.000 -7.674  7.601   1.00 30.11 ? 18 A   A C8    1 
ATOM   372  N  N7    . A   A 1 18 ? -11.814 -8.119  6.387   1.00 29.49 ? 18 A   A N7    1 
ATOM   373  C  C5    . A   A 1 18 ? -12.716 -7.393  5.624   1.00 29.46 ? 18 A   A C5    1 
ATOM   374  C  C6    . A   A 1 18 ? -12.993 -7.385  4.253   1.00 29.13 ? 18 A   A C6    1 
ATOM   375  N  N6    . A   A 1 18 ? -12.340 -8.144  3.362   1.00 26.18 ? 18 A   A N6    1 
ATOM   376  N  N1    . A   A 1 18 ? -13.967 -6.556  3.814   1.00 29.44 ? 18 A   A N1    1 
ATOM   377  C  C2    . A   A 1 18 ? -14.602 -5.779  4.705   1.00 29.35 ? 18 A   A C2    1 
ATOM   378  N  N3    . A   A 1 18 ? -14.415 -5.685  6.018   1.00 28.03 ? 18 A   A N3    1 
ATOM   379  C  C4    . A   A 1 18 ? -13.445 -6.529  6.417   1.00 29.58 ? 18 A   A C4    1 
ATOM   380  P  P     . G   A 1 19 ? -15.900 -8.957  11.588  1.00 37.15 ? 19 G   A P     1 
ATOM   381  O  OP1   . G   A 1 19 ? -16.484 -9.045  12.952  1.00 37.09 ? 19 G   A OP1   1 
ATOM   382  O  OP2   . G   A 1 19 ? -15.183 -10.120 11.019  1.00 37.00 ? 19 G   A OP2   1 
ATOM   383  O  "O5'" . G   A 1 19 ? -17.045 -8.524  10.571  1.00 37.40 ? 19 G   A "O5'" 1 
ATOM   384  C  "C5'" . G   A 1 19 ? -17.879 -7.394  10.867  1.00 35.01 ? 19 G   A "C5'" 1 
ATOM   385  C  "C4'" . G   A 1 19 ? -18.584 -6.927  9.625   1.00 34.92 ? 19 G   A "C4'" 1 
ATOM   386  O  "O4'" . G   A 1 19 ? -17.612 -6.474  8.645   1.00 35.88 ? 19 G   A "O4'" 1 
ATOM   387  C  "C3'" . G   A 1 19 ? -19.367 -7.989  8.878   1.00 34.73 ? 19 G   A "C3'" 1 
ATOM   388  O  "O3'" . G   A 1 19 ? -20.626 -8.240  9.486   1.00 37.04 ? 19 G   A "O3'" 1 
ATOM   389  C  "C2'" . G   A 1 19 ? -19.496 -7.343  7.508   1.00 34.16 ? 19 G   A "C2'" 1 
ATOM   390  O  "O2'" . G   A 1 19 ? -20.433 -6.283  7.515   1.00 35.01 ? 19 G   A "O2'" 1 
ATOM   391  C  "C1'" . G   A 1 19 ? -18.098 -6.750  7.342   1.00 32.41 ? 19 G   A "C1'" 1 
ATOM   392  N  N9    . G   A 1 19 ? -17.192 -7.690  6.684   1.00 30.21 ? 19 G   A N9    1 
ATOM   393  C  C8    . G   A 1 19 ? -16.271 -8.533  7.260   1.00 29.98 ? 19 G   A C8    1 
ATOM   394  N  N7    . G   A 1 19 ? -15.613 -9.252  6.384   1.00 28.65 ? 19 G   A N7    1 
ATOM   395  C  C5    . G   A 1 19 ? -16.128 -8.847  5.157   1.00 29.81 ? 19 G   A C5    1 
ATOM   396  C  C6    . G   A 1 19 ? -15.805 -9.260  3.831   1.00 28.87 ? 19 G   A C6    1 
ATOM   397  O  O6    . G   A 1 19 ? -14.944 -10.079 3.463   1.00 28.81 ? 19 G   A O6    1 
ATOM   398  N  N1    . G   A 1 19 ? -16.599 -8.609  2.884   1.00 25.12 ? 19 G   A N1    1 
ATOM   399  C  C2    . G   A 1 19 ? -17.573 -7.678  3.174   1.00 27.10 ? 19 G   A C2    1 
ATOM   400  N  N2    . G   A 1 19 ? -18.254 -7.168  2.126   1.00 24.89 ? 19 G   A N2    1 
ATOM   401  N  N3    . G   A 1 19 ? -17.866 -7.277  4.396   1.00 23.05 ? 19 G   A N3    1 
ATOM   402  C  C4    . G   A 1 19 ? -17.114 -7.897  5.330   1.00 29.23 ? 19 G   A C4    1 
ATOM   403  P  P     . C   A 1 20 ? -21.239 -9.726  9.452   1.00 37.61 ? 20 C   A P     1 
ATOM   404  O  OP1   . C   A 1 20 ? -22.403 -9.764  10.372  1.00 39.71 ? 20 C   A OP1   1 
ATOM   405  O  OP2   . C   A 1 20 ? -20.131 -10.700 9.625   1.00 38.21 ? 20 C   A OP2   1 
ATOM   406  O  "O5'" . C   A 1 20 ? -21.773 -9.880  7.962   1.00 36.77 ? 20 C   A "O5'" 1 
ATOM   407  C  "C5'" . C   A 1 20 ? -22.589 -8.858  7.379   1.00 34.74 ? 20 C   A "C5'" 1 
ATOM   408  C  "C4'" . C   A 1 20 ? -22.621 -9.011  5.882   1.00 34.40 ? 20 C   A "C4'" 1 
ATOM   409  O  "O4'" . C   A 1 20 ? -21.328 -8.684  5.308   1.00 33.39 ? 20 C   A "O4'" 1 
ATOM   410  C  "C3'" . C   A 1 20 ? -22.893 -10.414 5.379   1.00 35.59 ? 20 C   A "C3'" 1 
ATOM   411  O  "O3'" . C   A 1 20 ? -24.278 -10.723 5.448   1.00 37.56 ? 20 C   A "O3'" 1 
ATOM   412  C  "C2'" . C   A 1 20 ? -22.367 -10.336 3.952   1.00 33.53 ? 20 C   A "C2'" 1 
ATOM   413  O  "O2'" . C   A 1 20 ? -23.245 -9.654  3.085   1.00 33.23 ? 20 C   A "O2'" 1 
ATOM   414  C  "C1'" . C   A 1 20 ? -21.121 -9.467  4.144   1.00 32.60 ? 20 C   A "C1'" 1 
ATOM   415  N  N1    . C   A 1 20 ? -19.913 -10.276 4.331   1.00 29.89 ? 20 C   A N1    1 
ATOM   416  C  C2    . C   A 1 20 ? -19.305 -10.828 3.204   1.00 30.45 ? 20 C   A C2    1 
ATOM   417  O  O2    . C   A 1 20 ? -19.809 -10.614 2.092   1.00 28.73 ? 20 C   A O2    1 
ATOM   418  N  N3    . C   A 1 20 ? -18.194 -11.580 3.351   1.00 28.90 ? 20 C   A N3    1 
ATOM   419  C  C4    . C   A 1 20 ? -17.693 -11.790 4.566   1.00 29.02 ? 20 C   A C4    1 
ATOM   420  N  N4    . C   A 1 20 ? -16.594 -12.536 4.667   1.00 28.46 ? 20 C   A N4    1 
ATOM   421  C  C5    . C   A 1 20 ? -18.295 -11.238 5.737   1.00 31.10 ? 20 C   A C5    1 
ATOM   422  C  C6    . C   A 1 20 ? -19.393 -10.490 5.572   1.00 31.15 ? 20 C   A C6    1 
ATOM   423  P  P     . A   A 1 21 ? -24.758 -12.241 5.256   1.00 42.81 ? 21 A   A P     1 
ATOM   424  O  OP1   . A   A 1 21 ? -26.176 -12.351 5.696   1.00 41.51 ? 21 A   A OP1   1 
ATOM   425  O  OP2   . A   A 1 21 ? -23.730 -13.129 5.860   1.00 42.13 ? 21 A   A OP2   1 
ATOM   426  O  "O5'" . A   A 1 21 ? -24.690 -12.433 3.682   1.00 43.13 ? 21 A   A "O5'" 1 
ATOM   427  C  "C5'" . A   A 1 21 ? -24.711 -13.724 3.121   1.00 44.44 ? 21 A   A "C5'" 1 
ATOM   428  C  "C4'" . A   A 1 21 ? -24.451 -13.652 1.645   1.00 44.96 ? 21 A   A "C4'" 1 
ATOM   429  O  "O4'" . A   A 1 21 ? -23.242 -12.897 1.363   1.00 44.05 ? 21 A   A "O4'" 1 
ATOM   430  C  "C3'" . A   A 1 21 ? -24.200 -15.033 1.091   1.00 45.79 ? 21 A   A "C3'" 1 
ATOM   431  O  "O3'" . A   A 1 21 ? -25.430 -15.659 0.784   1.00 50.10 ? 21 A   A "O3'" 1 
ATOM   432  C  "C2'" . A   A 1 21 ? -23.262 -14.779 -0.073  1.00 43.44 ? 21 A   A "C2'" 1 
ATOM   433  O  "O2'" . A   A 1 21 ? -23.957 -14.335 -1.216  1.00 44.77 ? 21 A   A "O2'" 1 
ATOM   434  C  "C1'" . A   A 1 21 ? -22.401 -13.648 0.501   1.00 42.33 ? 21 A   A "C1'" 1 
ATOM   435  N  N9    . A   A 1 21 ? -21.261 -14.102 1.300   1.00 39.26 ? 21 A   A N9    1 
ATOM   436  C  C8    . A   A 1 21 ? -21.083 -13.926 2.650   1.00 37.75 ? 21 A   A C8    1 
ATOM   437  N  N7    . A   A 1 21 ? -19.942 -14.390 3.100   1.00 37.37 ? 21 A   A N7    1 
ATOM   438  C  C5    . A   A 1 21 ? -19.330 -14.915 1.974   1.00 37.39 ? 21 A   A C5    1 
ATOM   439  C  C6    . A   A 1 21 ? -18.087 -15.540 1.780   1.00 38.58 ? 21 A   A C6    1 
ATOM   440  N  N6    . A   A 1 21 ? -17.195 -15.731 2.749   1.00 39.37 ? 21 A   A N6    1 
ATOM   441  N  N1    . A   A 1 21 ? -17.782 -15.956 0.536   1.00 38.17 ? 21 A   A N1    1 
ATOM   442  C  C2    . A   A 1 21 ? -18.663 -15.740 -0.444  1.00 39.76 ? 21 A   A C2    1 
ATOM   443  N  N3    . A   A 1 21 ? -19.856 -15.150 -0.392  1.00 40.31 ? 21 A   A N3    1 
ATOM   444  C  C4    . A   A 1 21 ? -20.135 -14.759 0.860   1.00 38.51 ? 21 A   A C4    1 
ATOM   445  P  P     . A   A 1 22 ? -25.769 -17.067 1.459   1.00 51.72 ? 22 A   A P     1 
ATOM   446  O  OP1   . A   A 1 22 ? -27.203 -17.365 1.215   1.00 55.02 ? 22 A   A OP1   1 
ATOM   447  O  OP2   . A   A 1 22 ? -25.249 -17.020 2.853   1.00 51.96 ? 22 A   A OP2   1 
ATOM   448  O  "O5'" . A   A 1 22 ? -24.891 -18.081 0.606   1.00 52.21 ? 22 A   A "O5'" 1 
ATOM   449  C  "C5'" . A   A 1 22 ? -24.987 -18.082 -0.831  1.00 52.11 ? 22 A   A "C5'" 1 
ATOM   450  C  "C4'" . A   A 1 22 ? -23.732 -18.651 -1.436  1.00 52.50 ? 22 A   A "C4'" 1 
ATOM   451  O  "O4'" . A   A 1 22 ? -22.598 -17.820 -1.086  1.00 51.79 ? 22 A   A "O4'" 1 
ATOM   452  C  "C3'" . A   A 1 22 ? -23.336 -20.015 -0.911  1.00 53.59 ? 22 A   A "C3'" 1 
ATOM   453  O  "O3'" . A   A 1 22 ? -24.077 -21.047 -1.531  1.00 55.57 ? 22 A   A "O3'" 1 
ATOM   454  C  "C2'" . A   A 1 22 ? -21.857 -20.068 -1.261  1.00 52.87 ? 22 A   A "C2'" 1 
ATOM   455  O  "O2'" . A   A 1 22 ? -21.634 -20.340 -2.631  1.00 53.34 ? 22 A   A "O2'" 1 
ATOM   456  C  "C1'" . A   A 1 22 ? -21.441 -18.631 -0.952  1.00 52.15 ? 22 A   A "C1'" 1 
ATOM   457  N  N9    . A   A 1 22 ? -20.941 -18.486 0.412   1.00 50.19 ? 22 A   A N9    1 
ATOM   458  C  C8    . A   A 1 22 ? -21.578 -17.929 1.493   1.00 49.53 ? 22 A   A C8    1 
ATOM   459  N  N7    . A   A 1 22 ? -20.855 -17.919 2.586   1.00 49.84 ? 22 A   A N7    1 
ATOM   460  C  C5    . A   A 1 22 ? -19.661 -18.515 2.199   1.00 49.45 ? 22 A   A C5    1 
ATOM   461  C  C6    . A   A 1 22 ? -18.468 -18.788 2.898   1.00 49.82 ? 22 A   A C6    1 
ATOM   462  N  N6    . A   A 1 22 ? -18.265 -18.459 4.176   1.00 48.62 ? 22 A   A N6    1 
ATOM   463  N  N1    . A   A 1 22 ? -17.473 -19.406 2.221   1.00 48.50 ? 22 A   A N1    1 
ATOM   464  C  C2    . A   A 1 22 ? -17.668 -19.706 0.928   1.00 49.58 ? 22 A   A C2    1 
ATOM   465  N  N3    . A   A 1 22 ? -18.738 -19.485 0.160   1.00 48.67 ? 22 A   A N3    1 
ATOM   466  C  C4    . A   A 1 22 ? -19.708 -18.881 0.866   1.00 49.10 ? 22 A   A C4    1 
ATOM   467  P  P     . G   A 1 23 ? -24.369 -22.397 -0.720  1.00 56.43 ? 23 G   A P     1 
ATOM   468  O  OP1   . G   A 1 23 ? -25.325 -23.206 -1.533  1.00 57.07 ? 23 G   A OP1   1 
ATOM   469  O  OP2   . G   A 1 23 ? -24.708 -22.029 0.682   1.00 55.56 ? 23 G   A OP2   1 
ATOM   470  O  "O5'" . G   A 1 23 ? -22.960 -23.134 -0.693  1.00 55.97 ? 23 G   A "O5'" 1 
ATOM   471  C  "C5'" . G   A 1 23 ? -22.403 -23.691 -1.896  1.00 55.98 ? 23 G   A "C5'" 1 
ATOM   472  C  "C4'" . G   A 1 23 ? -21.000 -24.169 -1.636  1.00 55.97 ? 23 G   A "C4'" 1 
ATOM   473  O  "O4'" . G   A 1 23 ? -20.226 -23.048 -1.140  1.00 55.05 ? 23 G   A "O4'" 1 
ATOM   474  C  "C3'" . G   A 1 23 ? -20.846 -25.213 -0.539  1.00 55.39 ? 23 G   A "C3'" 1 
ATOM   475  O  "O3'" . G   A 1 23 ? -21.227 -26.550 -0.902  1.00 56.97 ? 23 G   A "O3'" 1 
ATOM   476  C  "C2'" . G   A 1 23 ? -19.384 -25.044 -0.148  1.00 54.84 ? 23 G   A "C2'" 1 
ATOM   477  O  "O2'" . G   A 1 23 ? -18.468 -25.671 -1.024  1.00 56.26 ? 23 G   A "O2'" 1 
ATOM   478  C  "C1'" . G   A 1 23 ? -19.228 -23.527 -0.256  1.00 53.52 ? 23 G   A "C1'" 1 
ATOM   479  N  N9    . G   A 1 23 ? -19.396 -22.885 1.040   1.00 50.08 ? 23 G   A N9    1 
ATOM   480  C  C8    . G   A 1 23 ? -20.514 -22.267 1.555   1.00 48.82 ? 23 G   A C8    1 
ATOM   481  N  N7    . G   A 1 23 ? -20.334 -21.818 2.768   1.00 47.25 ? 23 G   A N7    1 
ATOM   482  C  C5    . G   A 1 23 ? -19.017 -22.152 3.061   1.00 46.83 ? 23 G   A C5    1 
ATOM   483  C  C6    . G   A 1 23 ? -18.249 -21.929 4.226   1.00 45.57 ? 23 G   A C6    1 
ATOM   484  O  O6    . G   A 1 23 ? -18.580 -21.363 5.271   1.00 44.72 ? 23 G   A O6    1 
ATOM   485  N  N1    . G   A 1 23 ? -16.966 -22.442 4.095   1.00 46.36 ? 23 G   A N1    1 
ATOM   486  C  C2    . G   A 1 23 ? -16.476 -23.084 2.987   1.00 46.36 ? 23 G   A C2    1 
ATOM   487  N  N2    . G   A 1 23 ? -15.208 -23.507 3.060   1.00 46.20 ? 23 G   A N2    1 
ATOM   488  N  N3    . G   A 1 23 ? -17.179 -23.295 1.890   1.00 46.52 ? 23 G   A N3    1 
ATOM   489  C  C4    . G   A 1 23 ? -18.430 -22.807 1.999   1.00 48.02 ? 23 G   A C4    1 
ATOM   490  O  "O5'" . C   B 1 1  ? -10.243 -19.777 8.758   1.00 61.05 ? 1  C   B "O5'" 1 
ATOM   491  C  "C5'" . C   B 1 1  ? -9.287  -20.843 8.797   1.00 59.18 ? 1  C   B "C5'" 1 
ATOM   492  C  "C4'" . C   B 1 1  ? -9.547  -21.877 7.729   1.00 58.44 ? 1  C   B "C4'" 1 
ATOM   493  O  "O4'" . C   B 1 1  ? -10.819 -22.534 7.974   1.00 58.56 ? 1  C   B "O4'" 1 
ATOM   494  C  "C3'" . C   B 1 1  ? -9.688  -21.330 6.322   1.00 57.74 ? 1  C   B "C3'" 1 
ATOM   495  O  "O3'" . C   B 1 1  ? -8.416  -21.114 5.729   1.00 56.75 ? 1  C   B "O3'" 1 
ATOM   496  C  "C2'" . C   B 1 1  ? -10.465 -22.440 5.623   1.00 57.61 ? 1  C   B "C2'" 1 
ATOM   497  O  "O2'" . C   B 1 1  ? -9.654  -23.533 5.233   1.00 58.29 ? 1  C   B "O2'" 1 
ATOM   498  C  "C1'" . C   B 1 1  ? -11.416 -22.887 6.736   1.00 57.56 ? 1  C   B "C1'" 1 
ATOM   499  N  N1    . C   B 1 1  ? -12.736 -22.246 6.651   1.00 57.21 ? 1  C   B N1    1 
ATOM   500  C  C2    . C   B 1 1  ? -13.605 -22.634 5.623   1.00 56.86 ? 1  C   B C2    1 
ATOM   501  O  O2    . C   B 1 1  ? -13.227 -23.498 4.807   1.00 57.13 ? 1  C   B O2    1 
ATOM   502  N  N3    . C   B 1 1  ? -14.827 -22.056 5.540   1.00 55.95 ? 1  C   B N3    1 
ATOM   503  C  C4    . C   B 1 1  ? -15.184 -21.122 6.422   1.00 55.73 ? 1  C   B C4    1 
ATOM   504  N  N4    . C   B 1 1  ? -16.390 -20.574 6.294   1.00 55.33 ? 1  C   B N4    1 
ATOM   505  C  C5    . C   B 1 1  ? -14.317 -20.706 7.475   1.00 56.14 ? 1  C   B C5    1 
ATOM   506  C  C6    . C   B 1 1  ? -13.114 -21.289 7.553   1.00 56.45 ? 1  C   B C6    1 
ATOM   507  P  P     . U   B 1 2  ? -8.248  -19.989 4.596   1.00 55.49 ? 2  U   B P     1 
ATOM   508  O  OP1   . U   B 1 2  ? -6.804  -19.927 4.230   1.00 56.44 ? 2  U   B OP1   1 
ATOM   509  O  OP2   . U   B 1 2  ? -8.941  -18.767 5.082   1.00 54.83 ? 2  U   B OP2   1 
ATOM   510  O  "O5'" . U   B 1 2  ? -9.054  -20.575 3.356   1.00 54.06 ? 2  U   B "O5'" 1 
ATOM   511  C  "C5'" . U   B 1 2  ? -8.672  -21.822 2.762   1.00 52.33 ? 2  U   B "C5'" 1 
ATOM   512  C  "C4'" . U   B 1 2  ? -9.612  -22.152 1.642   1.00 51.38 ? 2  U   B "C4'" 1 
ATOM   513  O  "O4'" . U   B 1 2  ? -10.908 -22.523 2.178   1.00 51.68 ? 2  U   B "O4'" 1 
ATOM   514  C  "C3'" . U   B 1 2  ? -9.915  -20.955 0.768   1.00 51.08 ? 2  U   B "C3'" 1 
ATOM   515  O  "O3'" . U   B 1 2  ? -8.893  -20.727 -0.183  1.00 50.82 ? 2  U   B "O3'" 1 
ATOM   516  C  "C2'" . U   B 1 2  ? -11.253 -21.335 0.156   1.00 50.97 ? 2  U   B "C2'" 1 
ATOM   517  O  "O2'" . U   B 1 2  ? -11.102 -22.277 -0.883  1.00 49.51 ? 2  U   B "O2'" 1 
ATOM   518  C  "C1'" . U   B 1 2  ? -11.937 -22.002 1.351   1.00 50.18 ? 2  U   B "C1'" 1 
ATOM   519  N  N1    . U   B 1 2  ? -12.740 -21.073 2.161   1.00 50.23 ? 2  U   B N1    1 
ATOM   520  C  C2    . U   B 1 2  ? -13.986 -20.700 1.684   1.00 50.33 ? 2  U   B C2    1 
ATOM   521  O  O2    . U   B 1 2  ? -14.432 -21.090 0.617   1.00 51.20 ? 2  U   B O2    1 
ATOM   522  N  N3    . U   B 1 2  ? -14.691 -19.850 2.501   1.00 49.07 ? 2  U   B N3    1 
ATOM   523  C  C4    . U   B 1 2  ? -14.284 -19.342 3.720   1.00 49.63 ? 2  U   B C4    1 
ATOM   524  O  O4    . U   B 1 2  ? -15.045 -18.612 4.359   1.00 49.50 ? 2  U   B O4    1 
ATOM   525  C  C5    . U   B 1 2  ? -12.978 -19.765 4.136   1.00 49.28 ? 2  U   B C5    1 
ATOM   526  C  C6    . U   B 1 2  ? -12.271 -20.594 3.362   1.00 49.23 ? 2  U   B C6    1 
ATOM   527  P  P     . U   B 1 3  ? -8.567  -19.223 -0.634  1.00 51.58 ? 3  U   B P     1 
ATOM   528  O  OP1   . U   B 1 3  ? -7.322  -19.232 -1.451  1.00 50.96 ? 3  U   B OP1   1 
ATOM   529  O  OP2   . U   B 1 3  ? -8.634  -18.385 0.596   1.00 50.57 ? 3  U   B OP2   1 
ATOM   530  O  "O5'" . U   B 1 3  ? -9.808  -18.843 -1.562  1.00 48.29 ? 3  U   B "O5'" 1 
ATOM   531  C  "C5'" . U   B 1 3  ? -10.054 -19.563 -2.785  1.00 46.20 ? 3  U   B "C5'" 1 
ATOM   532  C  "C4'" . U   B 1 3  ? -11.429 -19.241 -3.328  1.00 45.04 ? 3  U   B "C4'" 1 
ATOM   533  O  "O4'" . U   B 1 3  ? -12.455 -19.716 -2.409  1.00 44.75 ? 3  U   B "O4'" 1 
ATOM   534  C  "C3'" . U   B 1 3  ? -11.779 -17.774 -3.503  1.00 44.17 ? 3  U   B "C3'" 1 
ATOM   535  O  "O3'" . U   B 1 3  ? -11.203 -17.184 -4.656  1.00 43.64 ? 3  U   B "O3'" 1 
ATOM   536  C  "C2'" . U   B 1 3  ? -13.295 -17.841 -3.597  1.00 44.46 ? 3  U   B "C2'" 1 
ATOM   537  O  "O2'" . U   B 1 3  ? -13.729 -18.309 -4.858  1.00 44.12 ? 3  U   B "O2'" 1 
ATOM   538  C  "C1'" . U   B 1 3  ? -13.604 -18.880 -2.516  1.00 44.56 ? 3  U   B "C1'" 1 
ATOM   539  N  N1    . U   B 1 3  ? -13.824 -18.222 -1.219  1.00 42.58 ? 3  U   B N1    1 
ATOM   540  C  C2    . U   B 1 3  ? -15.067 -17.663 -0.993  1.00 41.28 ? 3  U   B C2    1 
ATOM   541  O  O2    . U   B 1 3  ? -15.976 -17.715 -1.808  1.00 40.22 ? 3  U   B O2    1 
ATOM   542  N  N3    . U   B 1 3  ? -15.205 -17.033 0.216   1.00 39.46 ? 3  U   B N3    1 
ATOM   543  C  C4    . U   B 1 3  ? -14.252 -16.898 1.201   1.00 40.44 ? 3  U   B C4    1 
ATOM   544  O  O4    . U   B 1 3  ? -14.504 -16.209 2.195   1.00 40.73 ? 3  U   B O4    1 
ATOM   545  C  C5    . U   B 1 3  ? -12.995 -17.520 0.903   1.00 40.77 ? 3  U   B C5    1 
ATOM   546  C  C6    . U   B 1 3  ? -12.828 -18.146 -0.267  1.00 42.31 ? 3  U   B C6    1 
ATOM   547  P  P     . G   B 1 4  ? -10.807 -15.624 -4.628  1.00 43.38 ? 4  G   B P     1 
ATOM   548  O  OP1   . G   B 1 4  ? -9.993  -15.323 -5.841  1.00 41.29 ? 4  G   B OP1   1 
ATOM   549  O  OP2   . G   B 1 4  ? -10.256 -15.326 -3.277  1.00 41.57 ? 4  G   B OP2   1 
ATOM   550  O  "O5'" . G   B 1 4  ? -12.210 -14.868 -4.746  1.00 41.30 ? 4  G   B "O5'" 1 
ATOM   551  C  "C5'" . G   B 1 4  ? -13.051 -15.044 -5.900  1.00 38.30 ? 4  G   B "C5'" 1 
ATOM   552  C  "C4'" . G   B 1 4  ? -14.425 -14.463 -5.643  1.00 35.96 ? 4  G   B "C4'" 1 
ATOM   553  O  "O4'" . G   B 1 4  ? -15.042 -15.139 -4.517  1.00 35.06 ? 4  G   B "O4'" 1 
ATOM   554  C  "C3'" . G   B 1 4  ? -14.485 -12.988 -5.271  1.00 35.19 ? 4  G   B "C3'" 1 
ATOM   555  O  "O3'" . G   B 1 4  ? -14.433 -12.179 -6.441  1.00 33.97 ? 4  G   B "O3'" 1 
ATOM   556  C  "C2'" . G   B 1 4  ? -15.844 -12.898 -4.588  1.00 35.24 ? 4  G   B "C2'" 1 
ATOM   557  O  "O2'" . G   B 1 4  ? -16.908 -12.889 -5.518  1.00 33.81 ? 4  G   B "O2'" 1 
ATOM   558  C  "C1'" . G   B 1 4  ? -15.884 -14.221 -3.819  1.00 34.78 ? 4  G   B "C1'" 1 
ATOM   559  N  N9    . G   B 1 4  ? -15.411 -14.106 -2.440  1.00 33.06 ? 4  G   B N9    1 
ATOM   560  C  C8    . G   B 1 4  ? -14.200 -14.526 -1.944  1.00 32.25 ? 4  G   B C8    1 
ATOM   561  N  N7    . G   B 1 4  ? -14.056 -14.289 -0.667  1.00 31.15 ? 4  G   B N7    1 
ATOM   562  C  C5    . G   B 1 4  ? -15.244 -13.671 -0.292  1.00 32.73 ? 4  G   B C5    1 
ATOM   563  C  C6    . G   B 1 4  ? -15.673 -13.174 0.986   1.00 31.38 ? 4  G   B C6    1 
ATOM   564  O  O6    . G   B 1 4  ? -15.067 -13.184 2.069   1.00 31.62 ? 4  G   B O6    1 
ATOM   565  N  N1    . G   B 1 4  ? -16.944 -12.618 0.913   1.00 31.86 ? 4  G   B N1    1 
ATOM   566  C  C2    . G   B 1 4  ? -17.710 -12.539 -0.229  1.00 33.66 ? 4  G   B C2    1 
ATOM   567  N  N2    . G   B 1 4  ? -18.912 -11.939 -0.101  1.00 31.71 ? 4  G   B N2    1 
ATOM   568  N  N3    . G   B 1 4  ? -17.329 -13.003 -1.415  1.00 32.79 ? 4  G   B N3    1 
ATOM   569  C  C4    . G   B 1 4  ? -16.094 -13.551 -1.373  1.00 32.92 ? 4  G   B C4    1 
ATOM   570  P  P     . C   B 1 5  ? -13.898 -10.667 -6.358  1.00 35.98 ? 5  C   B P     1 
ATOM   571  O  OP1   . C   B 1 5  ? -13.773 -10.191 -7.755  1.00 35.44 ? 5  C   B OP1   1 
ATOM   572  O  OP2   . C   B 1 5  ? -12.721 -10.598 -5.456  1.00 34.98 ? 5  C   B OP2   1 
ATOM   573  O  "O5'" . C   B 1 5  ? -15.073 -9.871  -5.625  1.00 32.54 ? 5  C   B "O5'" 1 
ATOM   574  C  "C5'" . C   B 1 5  ? -16.360 -9.722  -6.244  1.00 31.14 ? 5  C   B "C5'" 1 
ATOM   575  C  "C4'" . C   B 1 5  ? -17.325 -9.072  -5.285  1.00 27.51 ? 5  C   B "C4'" 1 
ATOM   576  O  "O4'" . C   B 1 5  ? -17.538 -9.927  -4.133  1.00 28.67 ? 5  C   B "O4'" 1 
ATOM   577  C  "C3'" . C   B 1 5  ? -16.825 -7.779  -4.678  1.00 27.14 ? 5  C   B "C3'" 1 
ATOM   578  O  "O3'" . C   B 1 5  ? -17.005 -6.707  -5.581  1.00 28.39 ? 5  C   B "O3'" 1 
ATOM   579  C  "C2'" . C   B 1 5  ? -17.670 -7.669  -3.416  1.00 26.92 ? 5  C   B "C2'" 1 
ATOM   580  O  "O2'" . C   B 1 5  ? -18.989 -7.235  -3.673  1.00 22.04 ? 5  C   B "O2'" 1 
ATOM   581  C  "C1'" . C   B 1 5  ? -17.714 -9.130  -2.975  1.00 26.00 ? 5  C   B "C1'" 1 
ATOM   582  N  N1    . C   B 1 5  ? -16.661 -9.474  -2.010  1.00 27.89 ? 5  C   B N1    1 
ATOM   583  C  C2    . C   B 1 5  ? -16.831 -9.093  -0.679  1.00 26.91 ? 5  C   B C2    1 
ATOM   584  O  O2    . C   B 1 5  ? -17.840 -8.434  -0.371  1.00 26.79 ? 5  C   B O2    1 
ATOM   585  N  N3    . C   B 1 5  ? -15.899 -9.437  0.234   1.00 27.07 ? 5  C   B N3    1 
ATOM   586  C  C4    . C   B 1 5  ? -14.818 -10.128 -0.147  1.00 26.99 ? 5  C   B C4    1 
ATOM   587  N  N4    . C   B 1 5  ? -13.939 -10.462 0.783   1.00 26.02 ? 5  C   B N4    1 
ATOM   588  C  C5    . C   B 1 5  ? -14.604 -10.506 -1.507  1.00 27.63 ? 5  C   B C5    1 
ATOM   589  C  C6    . C   B 1 5  ? -15.544 -10.160 -2.398  1.00 28.45 ? 5  C   B C6    1 
ATOM   590  P  P     . U   B 1 6  ? -15.949 -5.512  -5.599  1.00 31.18 ? 6  U   B P     1 
ATOM   591  O  OP1   . U   B 1 6  ? -16.312 -4.638  -6.743  1.00 29.64 ? 6  U   B OP1   1 
ATOM   592  O  OP2   . U   B 1 6  ? -14.578 -6.075  -5.504  1.00 27.45 ? 6  U   B OP2   1 
ATOM   593  O  "O5'" . U   B 1 6  ? -16.300 -4.727  -4.266  1.00 27.52 ? 6  U   B "O5'" 1 
ATOM   594  C  "C5'" . U   B 1 6  ? -17.588 -4.121  -4.144  1.00 27.17 ? 6  U   B "C5'" 1 
ATOM   595  C  "C4'" . U   B 1 6  ? -17.838 -3.732  -2.727  1.00 26.12 ? 6  U   B "C4'" 1 
ATOM   596  O  "O4'" . U   B 1 6  ? -17.792 -4.906  -1.877  1.00 23.88 ? 6  U   B "O4'" 1 
ATOM   597  C  "C3'" . U   B 1 6  ? -16.775 -2.842  -2.128  1.00 26.50 ? 6  U   B "C3'" 1 
ATOM   598  O  "O3'" . U   B 1 6  ? -16.888 -1.499  -2.590  1.00 26.60 ? 6  U   B "O3'" 1 
ATOM   599  C  "C2'" . U   B 1 6  ? -17.040 -3.029  -0.643  1.00 25.01 ? 6  U   B "C2'" 1 
ATOM   600  O  "O2'" . U   B 1 6  ? -18.213 -2.354  -0.235  1.00 23.12 ? 6  U   B "O2'" 1 
ATOM   601  C  "C1'" . U   B 1 6  ? -17.315 -4.530  -0.593  1.00 23.75 ? 6  U   B "C1'" 1 
ATOM   602  N  N1    . U   B 1 6  ? -16.110 -5.311  -0.301  1.00 23.54 ? 6  U   B N1    1 
ATOM   603  C  C2    . U   B 1 6  ? -15.672 -5.333  1.012   1.00 26.48 ? 6  U   B C2    1 
ATOM   604  O  O2    . U   B 1 6  ? -16.211 -4.676  1.906   1.00 24.07 ? 6  U   B O2    1 
ATOM   605  N  N3    . U   B 1 6  ? -14.580 -6.129  1.241   1.00 24.30 ? 6  U   B N3    1 
ATOM   606  C  C4    . U   B 1 6  ? -13.875 -6.865  0.307   1.00 26.03 ? 6  U   B C4    1 
ATOM   607  O  O4    . U   B 1 6  ? -12.895 -7.515  0.668   1.00 25.97 ? 6  U   B O4    1 
ATOM   608  C  C5    . U   B 1 6  ? -14.369 -6.763  -1.037  1.00 25.18 ? 6  U   B C5    1 
ATOM   609  C  C6    . U   B 1 6  ? -15.444 -6.008  -1.287  1.00 25.64 ? 6  U   B C6    1 
ATOM   610  P  P     . G   B 1 7  ? -15.556 -0.601  -2.719  1.00 28.62 ? 7  G   B P     1 
ATOM   611  O  OP1   . G   B 1 7  ? -15.981 0.731   -3.227  1.00 30.23 ? 7  G   B OP1   1 
ATOM   612  O  OP2   . G   B 1 7  ? -14.473 -1.348  -3.414  1.00 30.65 ? 7  G   B OP2   1 
ATOM   613  O  "O5'" . G   B 1 7  ? -15.093 -0.439  -1.206  1.00 26.99 ? 7  G   B "O5'" 1 
ATOM   614  C  "C5'" . G   B 1 7  ? -15.872 0.364   -0.317  1.00 27.61 ? 7  G   B "C5'" 1 
ATOM   615  C  "C4'" . G   B 1 7  ? -15.357 0.269   1.085   1.00 26.26 ? 7  G   B "C4'" 1 
ATOM   616  O  "O4'" . G   B 1 7  ? -15.442 -1.097  1.564   1.00 25.87 ? 7  G   B "O4'" 1 
ATOM   617  C  "C3'" . G   B 1 7  ? -13.902 0.626   1.309   1.00 29.47 ? 7  G   B "C3'" 1 
ATOM   618  O  "O3'" . G   B 1 7  ? -13.727 2.034   1.336   1.00 32.02 ? 7  G   B "O3'" 1 
ATOM   619  C  "C2'" . G   B 1 7  ? -13.671 0.016   2.681   1.00 27.34 ? 7  G   B "C2'" 1 
ATOM   620  O  "O2'" . G   B 1 7  ? -14.316 0.795   3.664   1.00 28.32 ? 7  G   B "O2'" 1 
ATOM   621  C  "C1'" . G   B 1 7  ? -14.430 -1.303  2.539   1.00 27.35 ? 7  G   B "C1'" 1 
ATOM   622  N  N9    . G   B 1 7  ? -13.539 -2.370  2.092   1.00 25.74 ? 7  G   B N9    1 
ATOM   623  C  C8    . G   B 1 7  ? -13.332 -2.818  0.810   1.00 26.53 ? 7  G   B C8    1 
ATOM   624  N  N7    . G   B 1 7  ? -12.429 -3.766  0.740   1.00 25.32 ? 7  G   B N7    1 
ATOM   625  C  C5    . G   B 1 7  ? -12.029 -3.961  2.055   1.00 24.04 ? 7  G   B C5    1 
ATOM   626  C  C6    . G   B 1 7  ? -11.072 -4.848  2.599   1.00 24.27 ? 7  G   B C6    1 
ATOM   627  O  O6    . G   B 1 7  ? -10.370 -5.668  2.004   1.00 24.33 ? 7  G   B O6    1 
ATOM   628  N  N1    . G   B 1 7  ? -10.973 -4.715  3.985   1.00 22.16 ? 7  G   B N1    1 
ATOM   629  C  C2    . G   B 1 7  ? -11.704 -3.834  4.749   1.00 24.14 ? 7  G   B C2    1 
ATOM   630  N  N2    . G   B 1 7  ? -11.463 -3.836  6.083   1.00 24.10 ? 7  G   B N2    1 
ATOM   631  N  N3    . G   B 1 7  ? -12.605 -3.002  4.250   1.00 24.04 ? 7  G   B N3    1 
ATOM   632  C  C4    . G   B 1 7  ? -12.710 -3.115  2.905   1.00 25.15 ? 7  G   B C4    1 
ATOM   633  P  P     . A   B 1 8  ? -12.640 2.715   0.364   1.00 36.44 ? 8  A   B P     1 
ATOM   634  O  OP1   . A   B 1 8  ? -13.253 3.015   -0.951  1.00 35.98 ? 8  A   B OP1   1 
ATOM   635  O  OP2   . A   B 1 8  ? -11.394 1.880   0.431   1.00 33.52 ? 8  A   B OP2   1 
ATOM   636  O  "O5'" . A   B 1 8  ? -12.335 4.099   1.079   1.00 36.65 ? 8  A   B "O5'" 1 
ATOM   637  C  "C5'" . A   B 1 8  ? -11.757 4.127   2.389   1.00 35.39 ? 8  A   B "C5'" 1 
ATOM   638  C  "C4'" . A   B 1 8  ? -10.724 5.219   2.465   1.00 35.89 ? 8  A   B "C4'" 1 
ATOM   639  O  "O4'" . A   B 1 8  ? -11.270 6.420   1.901   1.00 35.30 ? 8  A   B "O4'" 1 
ATOM   640  C  "C3'" . A   B 1 8  ? -10.377 5.644   3.878   1.00 38.06 ? 8  A   B "C3'" 1 
ATOM   641  O  "O3'" . A   B 1 8  ? -9.294  4.849   4.354   1.00 40.99 ? 8  A   B "O3'" 1 
ATOM   642  C  "C2'" . A   B 1 8  ? -9.914  7.099   3.716   1.00 36.57 ? 8  A   B "C2'" 1 
ATOM   643  O  "O2'" . A   B 1 8  ? -8.514  7.219   3.677   1.00 39.10 ? 8  A   B "O2'" 1 
ATOM   644  C  "C1'" . A   B 1 8  ? -10.489 7.488   2.348   1.00 35.03 ? 8  A   B "C1'" 1 
ATOM   645  N  N9    . A   B 1 8  ? -11.272 8.714   2.281   1.00 32.12 ? 8  A   B N9    1 
ATOM   646  C  C8    . A   B 1 8  ? -12.350 9.113   3.026   1.00 32.87 ? 8  A   B C8    1 
ATOM   647  N  N7    . A   B 1 8  ? -12.795 10.305  2.710   1.00 31.77 ? 8  A   B N7    1 
ATOM   648  C  C5    . A   B 1 8  ? -11.957 10.710  1.683   1.00 30.49 ? 8  A   B C5    1 
ATOM   649  C  C6    . A   B 1 8  ? -11.897 11.881  0.919   1.00 31.77 ? 8  A   B C6    1 
ATOM   650  N  N6    . A   B 1 8  ? -12.726 12.912  1.075   1.00 30.41 ? 8  A   B N6    1 
ATOM   651  N  N1    . A   B 1 8  ? -10.940 11.962  -0.027  1.00 32.37 ? 8  A   B N1    1 
ATOM   652  C  C2    . A   B 1 8  ? -10.105 10.932  -0.184  1.00 32.55 ? 8  A   B C2    1 
ATOM   653  N  N3    . A   B 1 8  ? -10.060 9.785   0.473   1.00 31.56 ? 8  A   B N3    1 
ATOM   654  C  C4    . A   B 1 8  ? -11.022 9.737   1.405   1.00 31.71 ? 8  A   B C4    1 
ATOM   655  P  P     . A   B 1 9  ? -9.577  3.421   5.036   1.00 44.65 ? 9  A   B P     1 
ATOM   656  O  OP1   . A   B 1 9  ? -9.777  2.404   3.957   1.00 42.94 ? 9  A   B OP1   1 
ATOM   657  O  OP2   . A   B 1 9  ? -10.616 3.596   6.094   1.00 42.84 ? 9  A   B OP2   1 
ATOM   658  O  "O5'" . A   B 1 9  ? -8.200  3.065   5.750   1.00 42.08 ? 9  A   B "O5'" 1 
ATOM   659  C  "C5'" . A   B 1 9  ? -7.671  3.877   6.808   1.00 38.52 ? 9  A   B "C5'" 1 
ATOM   660  C  "C4'" . A   B 1 9  ? -6.685  3.068   7.609   1.00 37.08 ? 9  A   B "C4'" 1 
ATOM   661  O  "O4'" . A   B 1 9  ? -7.409  2.137   8.457   1.00 37.52 ? 9  A   B "O4'" 1 
ATOM   662  C  "C3'" . A   B 1 9  ? -5.763  2.215   6.745   1.00 37.08 ? 9  A   B "C3'" 1 
ATOM   663  O  "O3'" . A   B 1 9  ? -4.534  2.016   7.436   1.00 34.95 ? 9  A   B "O3'" 1 
ATOM   664  C  "C2'" . A   B 1 9  ? -6.533  0.902   6.668   1.00 35.39 ? 9  A   B "C2'" 1 
ATOM   665  O  "O2'" . A   B 1 9  ? -5.716  -0.206  6.364   1.00 36.68 ? 9  A   B "O2'" 1 
ATOM   666  C  "C1'" . A   B 1 9  ? -7.082  0.813   8.090   1.00 36.90 ? 9  A   B "C1'" 1 
ATOM   667  N  N9    . A   B 1 9  ? -8.280  -0.007  8.238   1.00 35.19 ? 9  A   B N9    1 
ATOM   668  C  C8    . A   B 1 9  ? -9.559  0.275   7.825   1.00 34.90 ? 9  A   B C8    1 
ATOM   669  N  N7    . A   B 1 9  ? -10.428 -0.659  8.119   1.00 34.81 ? 9  A   B N7    1 
ATOM   670  C  C5    . A   B 1 9  ? -9.670  -1.626  8.768   1.00 35.15 ? 9  A   B C5    1 
ATOM   671  C  C6    . A   B 1 9  ? -10.003 -2.868  9.329   1.00 35.76 ? 9  A   B C6    1 
ATOM   672  N  N6    . A   B 1 9  ? -11.240 -3.371  9.341   1.00 35.90 ? 9  A   B N6    1 
ATOM   673  N  N1    . A   B 1 9  ? -9.008  -3.588  9.892   1.00 34.73 ? 9  A   B N1    1 
ATOM   674  C  C2    . A   B 1 9  ? -7.769  -3.080  9.891   1.00 34.67 ? 9  A   B C2    1 
ATOM   675  N  N3    . A   B 1 9  ? -7.334  -1.924  9.401   1.00 34.00 ? 9  A   B N3    1 
ATOM   676  C  C4    . A   B 1 9  ? -8.346  -1.237  8.845   1.00 35.53 ? 9  A   B C4    1 
ATOM   677  P  P     . G   B 1 10 ? -3.138  2.138   6.651   1.00 31.76 ? 10 G   B P     1 
ATOM   678  O  OP1   . G   B 1 10 ? -2.598  3.491   6.932   1.00 32.79 ? 10 G   B OP1   1 
ATOM   679  O  OP2   . G   B 1 10 ? -3.345  1.708   5.242   1.00 29.72 ? 10 G   B OP2   1 
ATOM   680  O  "O5'" . G   B 1 10 ? -2.215  1.059   7.382   1.00 31.65 ? 10 G   B "O5'" 1 
ATOM   681  C  "C5'" . G   B 1 10 ? -2.077  1.055   8.817   1.00 28.54 ? 10 G   B "C5'" 1 
ATOM   682  C  "C4'" . G   B 1 10 ? -1.502  -0.263  9.285   1.00 28.98 ? 10 G   B "C4'" 1 
ATOM   683  O  "O4'" . G   B 1 10 ? -2.504  -1.325  9.238   1.00 28.44 ? 10 G   B "O4'" 1 
ATOM   684  C  "C3'" . G   B 1 10 ? -0.336  -0.769  8.451   1.00 28.10 ? 10 G   B "C3'" 1 
ATOM   685  O  "O3'" . G   B 1 10 ? 0.890   -0.155  8.865   1.00 27.51 ? 10 G   B "O3'" 1 
ATOM   686  C  "C2'" . G   B 1 10 ? -0.408  -2.270  8.687   1.00 28.40 ? 10 G   B "C2'" 1 
ATOM   687  O  "O2'" . G   B 1 10 ? 0.102   -2.643  9.952   1.00 26.37 ? 10 G   B "O2'" 1 
ATOM   688  C  "C1'" . G   B 1 10 ? -1.925  -2.495  8.678   1.00 28.07 ? 10 G   B "C1'" 1 
ATOM   689  N  N9    . G   B 1 10 ? -2.443  -2.639  7.317   1.00 28.57 ? 10 G   B N9    1 
ATOM   690  C  C8    . G   B 1 10 ? -3.320  -1.793  6.669   1.00 27.90 ? 10 G   B C8    1 
ATOM   691  N  N7    . G   B 1 10 ? -3.576  -2.163  5.440   1.00 27.34 ? 10 G   B N7    1 
ATOM   692  C  C5    . G   B 1 10 ? -2.828  -3.324  5.269   1.00 27.48 ? 10 G   B C5    1 
ATOM   693  C  C6    . G   B 1 10 ? -2.704  -4.179  4.139   1.00 25.75 ? 10 G   B C6    1 
ATOM   694  O  O6    . G   B 1 10 ? -3.236  -4.063  3.018   1.00 25.30 ? 10 G   B O6    1 
ATOM   695  N  N1    . G   B 1 10 ? -1.851  -5.256  4.401   1.00 24.87 ? 10 G   B N1    1 
ATOM   696  C  C2    . G   B 1 10 ? -1.197  -5.476  5.594   1.00 26.15 ? 10 G   B C2    1 
ATOM   697  N  N2    . G   B 1 10 ? -0.399  -6.564  5.650   1.00 21.21 ? 10 G   B N2    1 
ATOM   698  N  N3    . G   B 1 10 ? -1.313  -4.684  6.657   1.00 27.39 ? 10 G   B N3    1 
ATOM   699  C  C4    . G   B 1 10 ? -2.134  -3.636  6.423   1.00 25.46 ? 10 G   B C4    1 
ATOM   700  P  P     . U   B 1 11 ? 2.032   0.197   7.776   1.00 27.29 ? 11 U   B P     1 
ATOM   701  O  OP1   . U   B 1 11 ? 3.080   0.958   8.484   1.00 27.66 ? 11 U   B OP1   1 
ATOM   702  O  OP2   . U   B 1 11 ? 1.416   0.776   6.561   1.00 27.32 ? 11 U   B OP2   1 
ATOM   703  O  "O5'" . U   B 1 11 ? 2.621   -1.247  7.410   1.00 26.30 ? 11 U   B "O5'" 1 
ATOM   704  C  "C5'" . U   B 1 11 ? 2.964   -2.189  8.452   1.00 27.22 ? 11 U   B "C5'" 1 
ATOM   705  C  "C4'" . U   B 1 11 ? 3.416   -3.505  7.852   1.00 25.69 ? 11 U   B "C4'" 1 
ATOM   706  O  "O4'" . U   B 1 11 ? 2.280   -4.197  7.277   1.00 25.54 ? 11 U   B "O4'" 1 
ATOM   707  C  "C3'" . U   B 1 11 ? 4.397   -3.390  6.699   1.00 25.21 ? 11 U   B "C3'" 1 
ATOM   708  O  "O3'" . U   B 1 11 ? 5.723   -3.209  7.175   1.00 26.13 ? 11 U   B "O3'" 1 
ATOM   709  C  "C2'" . U   B 1 11 ? 4.208   -4.730  5.997   1.00 25.75 ? 11 U   B "C2'" 1 
ATOM   710  O  "O2'" . U   B 1 11 ? 4.812   -5.781  6.717   1.00 23.96 ? 11 U   B "O2'" 1 
ATOM   711  C  "C1'" . U   B 1 11 ? 2.698   -4.913  6.132   1.00 24.86 ? 11 U   B "C1'" 1 
ATOM   712  N  N1    . U   B 1 11 ? 1.933   -4.442  4.975   1.00 24.16 ? 11 U   B N1    1 
ATOM   713  C  C2    . U   B 1 11 ? 1.969   -5.244  3.854   1.00 22.68 ? 11 U   B C2    1 
ATOM   714  O  O2    . U   B 1 11 ? 2.625   -6.277  3.811   1.00 23.75 ? 11 U   B O2    1 
ATOM   715  N  N3    . U   B 1 11 ? 1.219   -4.800  2.790   1.00 21.29 ? 11 U   B N3    1 
ATOM   716  C  C4    . U   B 1 11 ? 0.447   -3.646  2.732   1.00 23.69 ? 11 U   B C4    1 
ATOM   717  O  O4    . U   B 1 11 ? -0.117  -3.341  1.662   1.00 19.26 ? 11 U   B O4    1 
ATOM   718  C  C5    . U   B 1 11 ? 0.472   -2.852  3.944   1.00 24.49 ? 11 U   B C5    1 
ATOM   719  C  C6    . U   B 1 11 ? 1.200   -3.267  4.997   1.00 25.28 ? 11 U   B C6    1 
ATOM   720  P  P     . G   B 1 12 ? 6.769   -2.359  6.303   1.00 29.79 ? 12 G   B P     1 
ATOM   721  O  OP1   . G   B 1 12 ? 7.952   -2.077  7.182   1.00 29.91 ? 12 G   B OP1   1 
ATOM   722  O  OP2   . G   B 1 12 ? 6.058   -1.240  5.633   1.00 29.65 ? 12 G   B OP2   1 
ATOM   723  O  "O5'" . G   B 1 12 ? 7.218   -3.355  5.130   1.00 24.99 ? 12 G   B "O5'" 1 
ATOM   724  C  "C5'" . G   B 1 12 ? 7.868   -4.604  5.422   1.00 24.25 ? 12 G   B "C5'" 1 
ATOM   725  C  "C4'" . G   B 1 12 ? 8.009   -5.434  4.152   1.00 21.73 ? 12 G   B "C4'" 1 
ATOM   726  O  "O4'" . G   B 1 12 ? 6.692   -5.833  3.652   1.00 22.33 ? 12 G   B "O4'" 1 
ATOM   727  C  "C3'" . G   B 1 12 ? 8.614   -4.702  2.972   1.00 20.51 ? 12 G   B "C3'" 1 
ATOM   728  O  "O3'" . G   B 1 12 ? 10.042  -4.560  3.076   1.00 21.70 ? 12 G   B "O3'" 1 
ATOM   729  C  "C2'" . G   B 1 12 ? 8.149   -5.557  1.792   1.00 20.51 ? 12 G   B "C2'" 1 
ATOM   730  O  "O2'" . G   B 1 12 ? 8.880   -6.766  1.676   1.00 20.49 ? 12 G   B "O2'" 1 
ATOM   731  C  "C1'" . G   B 1 12 ? 6.729   -5.917  2.236   1.00 21.61 ? 12 G   B "C1'" 1 
ATOM   732  N  N9    . G   B 1 12 ? 5.678   -5.073  1.670   1.00 20.83 ? 12 G   B N9    1 
ATOM   733  C  C8    . G   B 1 12 ? 5.009   -4.028  2.271   1.00 21.52 ? 12 G   B C8    1 
ATOM   734  N  N7    . G   B 1 12 ? 4.074   -3.518  1.511   1.00 19.75 ? 12 G   B N7    1 
ATOM   735  C  C5    . G   B 1 12 ? 4.136   -4.258  0.336   1.00 18.58 ? 12 G   B C5    1 
ATOM   736  C  C6    . G   B 1 12 ? 3.346   -4.182  -0.858  1.00 20.87 ? 12 G   B C6    1 
ATOM   737  O  O6    . G   B 1 12 ? 2.408   -3.400  -1.121  1.00 18.87 ? 12 G   B O6    1 
ATOM   738  N  N1    . G   B 1 12 ? 3.744   -5.136  -1.798  1.00 18.29 ? 12 G   B N1    1 
ATOM   739  C  C2    . G   B 1 12 ? 4.768   -6.045  -1.620  1.00 19.43 ? 12 G   B C2    1 
ATOM   740  N  N2    . G   B 1 12 ? 4.995   -6.905  -2.638  1.00 18.26 ? 12 G   B N2    1 
ATOM   741  N  N3    . G   B 1 12 ? 5.510   -6.116  -0.528  1.00 18.55 ? 12 G   B N3    1 
ATOM   742  C  C4    . G   B 1 12 ? 5.135   -5.205  0.407   1.00 21.04 ? 12 G   B C4    1 
ATOM   743  P  P     . C   B 1 13 ? 10.726  -3.182  2.593   1.00 25.72 ? 13 C   B P     1 
ATOM   744  O  OP1   . C   B 1 13 ? 12.138  -3.150  3.071   1.00 24.23 ? 13 C   B OP1   1 
ATOM   745  O  OP2   . C   B 1 13 ? 9.783   -2.094  2.980   1.00 23.91 ? 13 C   B OP2   1 
ATOM   746  O  "O5'" . C   B 1 13 ? 10.734  -3.297  1.002   1.00 24.14 ? 13 C   B "O5'" 1 
ATOM   747  C  "C5'" . C   B 1 13 ? 11.434  -4.398  0.365   1.00 22.31 ? 13 C   B "C5'" 1 
ATOM   748  C  "C4'" . C   B 1 13 ? 11.004  -4.554  -1.077  1.00 21.97 ? 13 C   B "C4'" 1 
ATOM   749  O  "O4'" . C   B 1 13 ? 9.649   -5.070  -1.184  1.00 21.47 ? 13 C   B "O4'" 1 
ATOM   750  C  "C3'" . C   B 1 13 ? 10.966  -3.288  -1.914  1.00 22.98 ? 13 C   B "C3'" 1 
ATOM   751  O  "O3'" . C   B 1 13 ? 12.277  -2.919  -2.306  1.00 25.56 ? 13 C   B "O3'" 1 
ATOM   752  C  "C2'" . C   B 1 13 ? 10.131  -3.749  -3.097  1.00 21.77 ? 13 C   B "C2'" 1 
ATOM   753  O  "O2'" . C   B 1 13 ? 10.875  -4.589  -3.959  1.00 23.95 ? 13 C   B "O2'" 1 
ATOM   754  C  "C1'" . C   B 1 13 ? 9.053   -4.571  -2.384  1.00 21.06 ? 13 C   B "C1'" 1 
ATOM   755  N  N1    . C   B 1 13 ? 7.899   -3.715  -2.025  1.00 20.66 ? 13 C   B N1    1 
ATOM   756  C  C2    . C   B 1 13 ? 6.870   -3.559  -2.957  1.00 19.51 ? 13 C   B C2    1 
ATOM   757  O  O2    . C   B 1 13 ? 6.967   -4.152  -4.037  1.00 22.67 ? 13 C   B O2    1 
ATOM   758  N  N3    . C   B 1 13 ? 5.811   -2.763  -2.661  1.00 18.58 ? 13 C   B N3    1 
ATOM   759  C  C4    . C   B 1 13 ? 5.780   -2.109  -1.495  1.00 20.63 ? 13 C   B C4    1 
ATOM   760  N  N4    . C   B 1 13 ? 4.743   -1.301  -1.249  1.00 18.75 ? 13 C   B N4    1 
ATOM   761  C  C5    . C   B 1 13 ? 6.820   -2.250  -0.524  1.00 17.39 ? 13 C   B C5    1 
ATOM   762  C  C6    . C   B 1 13 ? 7.842   -3.069  -0.824  1.00 18.90 ? 13 C   B C6    1 
ATOM   763  P  P     . A   B 1 14 ? 12.571  -1.420  -2.772  1.00 25.86 ? 14 A   B P     1 
ATOM   764  O  OP1   . A   B 1 14 ? 14.046  -1.340  -3.006  1.00 28.21 ? 14 A   B OP1   1 
ATOM   765  O  OP2   . A   B 1 14 ? 11.918  -0.501  -1.802  1.00 27.28 ? 14 A   B OP2   1 
ATOM   766  O  "O5'" . A   B 1 14 ? 11.818  -1.258  -4.161  1.00 25.91 ? 14 A   B "O5'" 1 
ATOM   767  C  "C5'" . A   B 1 14 ? 12.256  -1.957  -5.320  1.00 25.80 ? 14 A   B "C5'" 1 
ATOM   768  C  "C4'" . A   B 1 14 ? 11.231  -1.816  -6.413  1.00 28.34 ? 14 A   B "C4'" 1 
ATOM   769  O  "O4'" . A   B 1 14 ? 9.939   -2.281  -5.931  1.00 26.18 ? 14 A   B "O4'" 1 
ATOM   770  C  "C3'" . A   B 1 14 ? 10.913  -0.391  -6.817  1.00 30.62 ? 14 A   B "C3'" 1 
ATOM   771  O  "O3'" . A   B 1 14 ? 11.890  0.154   -7.682  1.00 34.89 ? 14 A   B "O3'" 1 
ATOM   772  C  "C2'" . A   B 1 14 ? 9.588   -0.579  -7.535  1.00 29.03 ? 14 A   B "C2'" 1 
ATOM   773  O  "O2'" . A   B 1 14 ? 9.770   -1.191  -8.791  1.00 30.72 ? 14 A   B "O2'" 1 
ATOM   774  C  "C1'" . A   B 1 14 ? 8.903   -1.569  -6.601  1.00 27.76 ? 14 A   B "C1'" 1 
ATOM   775  N  N9    . A   B 1 14 ? 8.098   -0.858  -5.611  1.00 24.91 ? 14 A   B N9    1 
ATOM   776  C  C8    . A   B 1 14 ? 8.377   -0.610  -4.289  1.00 23.29 ? 14 A   B C8    1 
ATOM   777  N  N7    . A   B 1 14 ? 7.435   0.060   -3.664  1.00 21.48 ? 14 A   B N7    1 
ATOM   778  C  C5    . A   B 1 14 ? 6.477   0.274   -4.645  1.00 22.36 ? 14 A   B C5    1 
ATOM   779  C  C6    . A   B 1 14 ? 5.230   0.917   -4.618  1.00 22.02 ? 14 A   B C6    1 
ATOM   780  N  N6    . A   B 1 14 ? 4.724   1.473   -3.517  1.00 18.36 ? 14 A   B N6    1 
ATOM   781  N  N1    . A   B 1 14 ? 4.514   0.960   -5.774  1.00 22.50 ? 14 A   B N1    1 
ATOM   782  C  C2    . A   B 1 14 ? 5.033   0.375   -6.872  1.00 24.97 ? 14 A   B C2    1 
ATOM   783  N  N3    . A   B 1 14 ? 6.198   -0.274  -7.013  1.00 22.33 ? 14 A   B N3    1 
ATOM   784  C  C4    . A   B 1 14 ? 6.873   -0.285  -5.849  1.00 24.92 ? 14 A   B C4    1 
ATOM   785  P  P     . C   B 1 15 ? 12.224  1.718   -7.599  1.00 38.85 ? 15 C   B P     1 
ATOM   786  O  OP1   . C   B 1 15 ? 13.347  1.955   -8.563  1.00 40.51 ? 15 C   B OP1   1 
ATOM   787  O  OP2   . C   B 1 15 ? 12.385  2.089   -6.167  1.00 37.74 ? 15 C   B OP2   1 
ATOM   788  O  "O5'" . C   B 1 15 ? 10.900  2.465   -8.108  1.00 37.60 ? 15 C   B "O5'" 1 
ATOM   789  C  "C5'" . C   B 1 15 ? 10.535  2.458   -9.496  1.00 37.49 ? 15 C   B "C5'" 1 
ATOM   790  C  "C4'" . C   B 1 15 ? 9.123   2.991   -9.704  1.00 35.31 ? 15 C   B "C4'" 1 
ATOM   791  O  "O4'" . C   B 1 15 ? 8.183   2.369   -8.785  1.00 34.50 ? 15 C   B "O4'" 1 
ATOM   792  C  "C3'" . C   B 1 15 ? 8.824   4.462   -9.467  1.00 37.16 ? 15 C   B "C3'" 1 
ATOM   793  O  "O3'" . C   B 1 15 ? 9.324   5.280   -10.517 1.00 41.34 ? 15 C   B "O3'" 1 
ATOM   794  C  "C2'" . C   B 1 15 ? 7.303   4.435   -9.527  1.00 34.57 ? 15 C   B "C2'" 1 
ATOM   795  O  "O2'" . C   B 1 15 ? 6.840   4.243   -10.852 1.00 32.83 ? 15 C   B "O2'" 1 
ATOM   796  C  "C1'" . C   B 1 15 ? 6.999   3.160   -8.735  1.00 32.33 ? 15 C   B "C1'" 1 
ATOM   797  N  N1    . C   B 1 15 ? 6.701   3.511   -7.340  1.00 29.43 ? 15 C   B N1    1 
ATOM   798  C  C2    . C   B 1 15 ? 5.455   4.093   -7.048  1.00 29.75 ? 15 C   B C2    1 
ATOM   799  O  O2    . C   B 1 15 ? 4.629   4.240   -7.966  1.00 30.15 ? 15 C   B O2    1 
ATOM   800  N  N3    . C   B 1 15 ? 5.184   4.476   -5.778  1.00 26.54 ? 15 C   B N3    1 
ATOM   801  C  C4    . C   B 1 15 ? 6.099   4.294   -4.819  1.00 27.85 ? 15 C   B C4    1 
ATOM   802  N  N4    . C   B 1 15 ? 5.798   4.698   -3.582  1.00 24.55 ? 15 C   B N4    1 
ATOM   803  C  C5    . C   B 1 15 ? 7.366   3.687   -5.086  1.00 27.33 ? 15 C   B C5    1 
ATOM   804  C  C6    . C   B 1 15 ? 7.617   3.307   -6.348  1.00 28.73 ? 15 C   B C6    1 
ATOM   805  P  P     . A   B 1 16 ? 9.676   6.827   -10.235 1.00 43.63 ? 16 A   B P     1 
ATOM   806  O  OP1   . A   B 1 16 ? 10.247  7.327   -11.523 1.00 44.79 ? 16 A   B OP1   1 
ATOM   807  O  OP2   . A   B 1 16 ? 10.467  6.945   -8.977  1.00 43.41 ? 16 A   B OP2   1 
ATOM   808  O  "O5'" . A   B 1 16 ? 8.270   7.530   -9.961  1.00 42.05 ? 16 A   B "O5'" 1 
ATOM   809  C  "C5'" . A   B 1 16 ? 7.279   7.631   -10.997 1.00 40.45 ? 16 A   B "C5'" 1 
ATOM   810  C  "C4'" . A   B 1 16 ? 6.033   8.295   -10.463 1.00 38.57 ? 16 A   B "C4'" 1 
ATOM   811  O  "O4'" . A   B 1 16 ? 5.456   7.471   -9.418  1.00 36.45 ? 16 A   B "O4'" 1 
ATOM   812  C  "C3'" . A   B 1 16 ? 6.230   9.618   -9.747  1.00 39.45 ? 16 A   B "C3'" 1 
ATOM   813  O  "O3'" . A   B 1 16 ? 6.404   10.702  -10.644 1.00 39.08 ? 16 A   B "O3'" 1 
ATOM   814  C  "C2'" . A   B 1 16 ? 4.924   9.741   -8.978  1.00 37.92 ? 16 A   B "C2'" 1 
ATOM   815  O  "O2'" . A   B 1 16 ? 3.862   10.152  -9.813  1.00 39.38 ? 16 A   B "O2'" 1 
ATOM   816  C  "C1'" . A   B 1 16 ? 4.698   8.292   -8.542  1.00 35.42 ? 16 A   B "C1'" 1 
ATOM   817  N  N9    . A   B 1 16 ? 5.161   8.072   -7.176  1.00 32.83 ? 16 A   B N9    1 
ATOM   818  C  C8    . A   B 1 16 ? 6.323   7.478   -6.753  1.00 31.89 ? 16 A   B C8    1 
ATOM   819  N  N7    . A   B 1 16 ? 6.460   7.462   -5.450  1.00 31.72 ? 16 A   B N7    1 
ATOM   820  C  C5    . A   B 1 16 ? 5.309   8.079   -4.985  1.00 31.56 ? 16 A   B C5    1 
ATOM   821  C  C6    . A   B 1 16 ? 4.846   8.368   -3.692  1.00 30.90 ? 16 A   B C6    1 
ATOM   822  N  N6    . A   B 1 16 ? 5.515   8.058   -2.581  1.00 29.33 ? 16 A   B N6    1 
ATOM   823  N  N1    . A   B 1 16 ? 3.652   8.991   -3.578  1.00 30.93 ? 16 A   B N1    1 
ATOM   824  C  C2    . A   B 1 16 ? 2.977   9.291   -4.687  1.00 30.78 ? 16 A   B C2    1 
ATOM   825  N  N3    . A   B 1 16 ? 3.305   9.070   -5.957  1.00 30.66 ? 16 A   B N3    1 
ATOM   826  C  C4    . A   B 1 16 ? 4.496   8.453   -6.038  1.00 31.89 ? 16 A   B C4    1 
ATOM   827  P  P     . C   B 1 17 ? 7.345   11.930  -10.219 1.00 41.34 ? 17 C   B P     1 
ATOM   828  O  OP1   . C   B 1 17 ? 7.464   12.839  -11.388 1.00 42.31 ? 17 C   B OP1   1 
ATOM   829  O  OP2   . C   B 1 17 ? 8.571   11.354  -9.607  1.00 40.42 ? 17 C   B OP2   1 
ATOM   830  O  "O5'" . C   B 1 17 ? 6.517   12.677  -9.082  1.00 40.78 ? 17 C   B "O5'" 1 
ATOM   831  C  "C5'" . C   B 1 17 ? 5.274   13.331  -9.399  1.00 41.06 ? 17 C   B "C5'" 1 
ATOM   832  C  "C4'" . C   B 1 17 ? 4.635   13.873  -8.150  1.00 39.54 ? 17 C   B "C4'" 1 
ATOM   833  O  "O4'" . C   B 1 17 ? 4.272   12.775  -7.275  1.00 38.94 ? 17 C   B "O4'" 1 
ATOM   834  C  "C3'" . C   B 1 17 ? 5.534   14.733  -7.283  1.00 40.11 ? 17 C   B "C3'" 1 
ATOM   835  O  "O3'" . C   B 1 17 ? 5.627   16.060  -7.771  1.00 42.34 ? 17 C   B "O3'" 1 
ATOM   836  C  "C2'" . C   B 1 17 ? 4.835   14.651  -5.937  1.00 39.31 ? 17 C   B "C2'" 1 
ATOM   837  O  "O2'" . C   B 1 17 ? 3.669   15.451  -5.894  1.00 40.08 ? 17 C   B "O2'" 1 
ATOM   838  C  "C1'" . C   B 1 17 ? 4.419   13.181  -5.924  1.00 37.70 ? 17 C   B "C1'" 1 
ATOM   839  N  N1    . C   B 1 17 ? 5.420   12.321  -5.279  1.00 35.34 ? 17 C   B N1    1 
ATOM   840  C  C2    . C   B 1 17 ? 5.351   12.154  -3.899  1.00 34.46 ? 17 C   B C2    1 
ATOM   841  O  O2    . C   B 1 17 ? 4.462   12.752  -3.274  1.00 36.05 ? 17 C   B O2    1 
ATOM   842  N  N3    . C   B 1 17 ? 6.244   11.351  -3.280  1.00 32.45 ? 17 C   B N3    1 
ATOM   843  C  C4    . C   B 1 17 ? 7.183   10.721  -3.998  1.00 32.36 ? 17 C   B C4    1 
ATOM   844  N  N4    . C   B 1 17 ? 8.020   9.900   -3.352  1.00 30.17 ? 17 C   B N4    1 
ATOM   845  C  C5    . C   B 1 17 ? 7.294   10.893  -5.410  1.00 32.49 ? 17 C   B C5    1 
ATOM   846  C  C6    . C   B 1 17 ? 6.395   11.692  -6.007  1.00 33.83 ? 17 C   B C6    1 
ATOM   847  P  P     . A   B 1 18 ? 6.997   16.873  -7.588  1.00 44.28 ? 18 A   B P     1 
ATOM   848  O  OP1   . A   B 1 18 ? 6.844   18.157  -8.319  1.00 44.39 ? 18 A   B OP1   1 
ATOM   849  O  OP2   . A   B 1 18 ? 8.123   15.957  -7.933  1.00 45.38 ? 18 A   B OP2   1 
ATOM   850  O  "O5'" . A   B 1 18 ? 7.058   17.179  -6.022  1.00 43.15 ? 18 A   B "O5'" 1 
ATOM   851  C  "C5'" . A   B 1 18 ? 6.151   18.123  -5.432  1.00 43.65 ? 18 A   B "C5'" 1 
ATOM   852  C  "C4'" . A   B 1 18 ? 6.296   18.141  -3.929  1.00 43.51 ? 18 A   B "C4'" 1 
ATOM   853  O  "O4'" . A   B 1 18 ? 5.919   16.849  -3.379  1.00 42.96 ? 18 A   B "O4'" 1 
ATOM   854  C  "C3'" . A   B 1 18 ? 7.693   18.362  -3.366  1.00 44.64 ? 18 A   B "C3'" 1 
ATOM   855  O  "O3'" . A   B 1 18 ? 8.109   19.720  -3.393  1.00 47.62 ? 18 A   B "O3'" 1 
ATOM   856  C  "C2'" . A   B 1 18 ? 7.519   17.850  -1.943  1.00 43.78 ? 18 A   B "C2'" 1 
ATOM   857  O  "O2'" . A   B 1 18 ? 6.800   18.761  -1.133  1.00 43.94 ? 18 A   B "O2'" 1 
ATOM   858  C  "C1'" . A   B 1 18 ? 6.661   16.608  -2.190  1.00 41.46 ? 18 A   B "C1'" 1 
ATOM   859  N  N9    . A   B 1 18 ? 7.503   15.432  -2.401  1.00 38.45 ? 18 A   B N9    1 
ATOM   860  C  C8    . A   B 1 18 ? 7.851   14.834  -3.588  1.00 36.12 ? 18 A   B C8    1 
ATOM   861  N  N7    . A   B 1 18 ? 8.622   13.782  -3.442  1.00 34.67 ? 18 A   B N7    1 
ATOM   862  C  C5    . A   B 1 18 ? 8.794   13.679  -2.065  1.00 35.77 ? 18 A   B C5    1 
ATOM   863  C  C6    . A   B 1 18 ? 9.501   12.757  -1.259  1.00 35.52 ? 18 A   B C6    1 
ATOM   864  N  N6    . A   B 1 18 ? 10.178  11.717  -1.749  1.00 34.65 ? 18 A   B N6    1 
ATOM   865  N  N1    . A   B 1 18 ? 9.477   12.940  0.082   1.00 34.99 ? 18 A   B N1    1 
ATOM   866  C  C2    . A   B 1 18 ? 8.780   13.973  0.572   1.00 37.50 ? 18 A   B C2    1 
ATOM   867  N  N3    . A   B 1 18 ? 8.064   14.902  -0.084  1.00 37.77 ? 18 A   B N3    1 
ATOM   868  C  C4    . A   B 1 18 ? 8.115   14.693  -1.412  1.00 37.15 ? 18 A   B C4    1 
ATOM   869  P  P     . G   B 1 19 ? 9.685   20.073  -3.386  1.00 48.95 ? 19 G   B P     1 
ATOM   870  O  OP1   . G   B 1 19 ? 9.804   21.549  -3.521  1.00 51.08 ? 19 G   B OP1   1 
ATOM   871  O  OP2   . G   B 1 19 ? 10.356  19.192  -4.370  1.00 49.41 ? 19 G   B OP2   1 
ATOM   872  O  "O5'" . G   B 1 19 ? 10.189  19.657  -1.929  1.00 47.81 ? 19 G   B "O5'" 1 
ATOM   873  C  "C5'" . G   B 1 19 ? 9.911   20.496  -0.788  1.00 46.84 ? 19 G   B "C5'" 1 
ATOM   874  C  "C4'" . G   B 1 19 ? 10.459  19.876  0.481   1.00 47.14 ? 19 G   B "C4'" 1 
ATOM   875  O  "O4'" . G   B 1 19 ? 9.967   18.512  0.605   1.00 44.65 ? 19 G   B "O4'" 1 
ATOM   876  C  "C3'" . G   B 1 19 ? 11.971  19.723  0.599   1.00 47.24 ? 19 G   B "C3'" 1 
ATOM   877  O  "O3'" . G   B 1 19 ? 12.615  20.941  0.998   1.00 50.96 ? 19 G   B "O3'" 1 
ATOM   878  C  "C2'" . G   B 1 19 ? 12.092  18.644  1.671   1.00 45.23 ? 19 G   B "C2'" 1 
ATOM   879  O  "O2'" . G   B 1 19 ? 11.886  19.137  2.981   1.00 44.32 ? 19 G   B "O2'" 1 
ATOM   880  C  "C1'" . G   B 1 19 ? 10.920  17.726  1.309   1.00 43.25 ? 19 G   B "C1'" 1 
ATOM   881  N  N9    . G   B 1 19 ? 11.317  16.605  0.465   1.00 40.40 ? 19 G   B N9    1 
ATOM   882  C  C8    . G   B 1 19 ? 11.067  16.448  -0.876  1.00 38.63 ? 19 G   B C8    1 
ATOM   883  N  N7    . G   B 1 19 ? 11.553  15.341  -1.358  1.00 36.67 ? 19 G   B N7    1 
ATOM   884  C  C5    . G   B 1 19 ? 12.160  14.725  -0.272  1.00 36.49 ? 19 G   B C5    1 
ATOM   885  C  C6    . G   B 1 19 ? 12.859  13.497  -0.188  1.00 35.82 ? 19 G   B C6    1 
ATOM   886  O  O6    . G   B 1 19 ? 13.084  12.684  -1.085  1.00 34.33 ? 19 G   B O6    1 
ATOM   887  N  N1    . G   B 1 19 ? 13.325  13.256  1.105   1.00 35.21 ? 19 G   B N1    1 
ATOM   888  C  C2    . G   B 1 19 ? 13.143  14.098  2.176   1.00 37.54 ? 19 G   B C2    1 
ATOM   889  N  N2    . G   B 1 19 ? 13.691  13.709  3.343   1.00 36.84 ? 19 G   B N2    1 
ATOM   890  N  N3    . G   B 1 19 ? 12.478  15.243  2.109   1.00 37.52 ? 19 G   B N3    1 
ATOM   891  C  C4    . G   B 1 19 ? 12.023  15.493  0.862   1.00 38.46 ? 19 G   B C4    1 
ATOM   892  P  P     . C   B 1 20 ? 14.168  21.192  0.628   1.00 53.62 ? 20 C   B P     1 
ATOM   893  O  OP1   . C   B 1 20 ? 14.522  22.570  1.067   1.00 52.55 ? 20 C   B OP1   1 
ATOM   894  O  OP2   . C   B 1 20 ? 14.366  20.805  -0.793  1.00 51.92 ? 20 C   B OP2   1 
ATOM   895  O  "O5'" . C   B 1 20 ? 14.961  20.168  1.554   1.00 51.54 ? 20 C   B "O5'" 1 
ATOM   896  C  "C5'" . C   B 1 20 ? 14.976  20.341  2.976   1.00 52.22 ? 20 C   B "C5'" 1 
ATOM   897  C  "C4'" . C   B 1 20 ? 15.729  19.217  3.639   1.00 52.46 ? 20 C   B "C4'" 1 
ATOM   898  O  "O4'" . C   B 1 20 ? 15.074  17.952  3.365   1.00 52.26 ? 20 C   B "O4'" 1 
ATOM   899  C  "C3'" . C   B 1 20 ? 17.147  18.978  3.155   1.00 53.97 ? 20 C   B "C3'" 1 
ATOM   900  O  "O3'" . C   B 1 20 ? 18.055  19.914  3.714   1.00 56.83 ? 20 C   B "O3'" 1 
ATOM   901  C  "C2'" . C   B 1 20 ? 17.404  17.556  3.638   1.00 52.69 ? 20 C   B "C2'" 1 
ATOM   902  O  "O2'" . C   B 1 20 ? 17.704  17.477  5.020   1.00 51.71 ? 20 C   B "O2'" 1 
ATOM   903  C  "C1'" . C   B 1 20 ? 16.039  16.910  3.386   1.00 50.92 ? 20 C   B "C1'" 1 
ATOM   904  N  N1    . C   B 1 20 ? 15.988  16.193  2.105   1.00 49.23 ? 20 C   B N1    1 
ATOM   905  C  C2    . C   B 1 20 ? 16.487  14.891  2.051   1.00 48.12 ? 20 C   B C2    1 
ATOM   906  O  O2    . C   B 1 20 ? 16.921  14.375  3.091   1.00 47.01 ? 20 C   B O2    1 
ATOM   907  N  N3    . C   B 1 20 ? 16.480  14.228  0.873   1.00 47.80 ? 20 C   B N3    1 
ATOM   908  C  C4    . C   B 1 20 ? 15.994  14.820  -0.221  1.00 48.30 ? 20 C   B C4    1 
ATOM   909  N  N4    . C   B 1 20 ? 16.030  14.135  -1.370  1.00 48.36 ? 20 C   B N4    1 
ATOM   910  C  C5    . C   B 1 20 ? 15.458  16.138  -0.189  1.00 48.09 ? 20 C   B C5    1 
ATOM   911  C  C6    . C   B 1 20 ? 15.475  16.783  0.985   1.00 48.24 ? 20 C   B C6    1 
ATOM   912  P  P     . A   B 1 21 ? 19.380  20.312  2.902   1.00 57.90 ? 21 A   B P     1 
ATOM   913  O  OP1   . A   B 1 21 ? 20.158  21.250  3.756   1.00 58.84 ? 21 A   B OP1   1 
ATOM   914  O  OP2   . A   B 1 21 ? 18.983  20.728  1.530   1.00 57.75 ? 21 A   B OP2   1 
ATOM   915  O  "O5'" . A   B 1 21 ? 20.192  18.942  2.835   1.00 57.60 ? 21 A   B "O5'" 1 
ATOM   916  C  "C5'" . A   B 1 21 ? 20.795  18.406  4.026   1.00 56.46 ? 21 A   B "C5'" 1 
ATOM   917  C  "C4'" . A   B 1 21 ? 21.661  17.218  3.696   1.00 56.85 ? 21 A   B "C4'" 1 
ATOM   918  O  "O4'" . A   B 1 21 ? 20.837  16.074  3.347   1.00 56.89 ? 21 A   B "O4'" 1 
ATOM   919  C  "C3'" . A   B 1 21 ? 22.602  17.367  2.513   1.00 56.91 ? 21 A   B "C3'" 1 
ATOM   920  O  "O3'" . A   B 1 21 ? 23.778  18.100  2.851   1.00 57.22 ? 21 A   B "O3'" 1 
ATOM   921  C  "C2'" . A   B 1 21 ? 22.897  15.910  2.185   1.00 57.05 ? 21 A   B "C2'" 1 
ATOM   922  O  "O2'" . A   B 1 21 ? 23.797  15.348  3.122   1.00 57.19 ? 21 A   B "O2'" 1 
ATOM   923  C  "C1'" . A   B 1 21 ? 21.517  15.275  2.392   1.00 56.15 ? 21 A   B "C1'" 1 
ATOM   924  N  N9    . A   B 1 21 ? 20.706  15.236  1.173   1.00 55.96 ? 21 A   B N9    1 
ATOM   925  C  C8    . A   B 1 21 ? 19.953  16.252  0.638   1.00 55.33 ? 21 A   B C8    1 
ATOM   926  N  N7    . A   B 1 21 ? 19.329  15.923  -0.468  1.00 54.49 ? 21 A   B N7    1 
ATOM   927  C  C5    . A   B 1 21 ? 19.697  14.602  -0.675  1.00 54.39 ? 21 A   B C5    1 
ATOM   928  C  C6    . A   B 1 21 ? 19.370  13.683  -1.680  1.00 53.44 ? 21 A   B C6    1 
ATOM   929  N  N6    . A   B 1 21 ? 18.566  13.969  -2.703  1.00 52.11 ? 21 A   B N6    1 
ATOM   930  N  N1    . A   B 1 21 ? 19.904  12.447  -1.601  1.00 53.95 ? 21 A   B N1    1 
ATOM   931  C  C2    . A   B 1 21 ? 20.711  12.164  -0.572  1.00 54.38 ? 21 A   B C2    1 
ATOM   932  N  N3    . A   B 1 21 ? 21.092  12.943  0.438   1.00 56.20 ? 21 A   B N3    1 
ATOM   933  C  C4    . A   B 1 21 ? 20.544  14.165  0.326   1.00 55.21 ? 21 A   B C4    1 
ATOM   934  P  P     . A   B 1 22 ? 24.630  18.824  1.690   1.00 57.30 ? 22 A   B P     1 
ATOM   935  O  OP1   . A   B 1 22 ? 25.703  19.626  2.340   1.00 57.38 ? 22 A   B OP1   1 
ATOM   936  O  OP2   . A   B 1 22 ? 23.688  19.483  0.747   1.00 56.48 ? 22 A   B OP2   1 
ATOM   937  O  "O5'" . A   B 1 22 ? 25.335  17.623  0.920   1.00 55.12 ? 22 A   B "O5'" 1 
ATOM   938  C  "C5'" . A   B 1 22 ? 26.356  16.854  1.566   1.00 53.62 ? 22 A   B "C5'" 1 
ATOM   939  C  "C4'" . A   B 1 22 ? 26.646  15.606  0.778   1.00 52.22 ? 22 A   B "C4'" 1 
ATOM   940  O  "O4'" . A   B 1 22 ? 25.427  14.820  0.664   1.00 52.00 ? 22 A   B "O4'" 1 
ATOM   941  C  "C3'" . A   B 1 22 ? 27.063  15.814  -0.669  1.00 51.38 ? 22 A   B "C3'" 1 
ATOM   942  O  "O3'" . A   B 1 22 ? 28.440  16.157  -0.788  1.00 53.32 ? 22 A   B "O3'" 1 
ATOM   943  C  "C2'" . A   B 1 22 ? 26.751  14.450  -1.263  1.00 49.88 ? 22 A   B "C2'" 1 
ATOM   944  O  "O2'" . A   B 1 22 ? 27.699  13.481  -0.858  1.00 48.23 ? 22 A   B "O2'" 1 
ATOM   945  C  "C1'" . A   B 1 22 ? 25.413  14.146  -0.584  1.00 48.95 ? 22 A   B "C1'" 1 
ATOM   946  N  N9    . A   B 1 22 ? 24.284  14.652  -1.365  1.00 46.32 ? 22 A   B N9    1 
ATOM   947  C  C8    . A   B 1 22 ? 23.690  15.889  -1.295  1.00 45.80 ? 22 A   B C8    1 
ATOM   948  N  N7    . A   B 1 22 ? 22.712  16.052  -2.153  1.00 44.52 ? 22 A   B N7    1 
ATOM   949  C  C5    . A   B 1 22 ? 22.654  14.841  -2.827  1.00 44.11 ? 22 A   B C5    1 
ATOM   950  C  C6    . A   B 1 22 ? 21.828  14.373  -3.864  1.00 43.54 ? 22 A   B C6    1 
ATOM   951  N  N6    . A   B 1 22 ? 20.854  15.100  -4.423  1.00 41.70 ? 22 A   B N6    1 
ATOM   952  N  N1    . A   B 1 22 ? 22.037  13.116  -4.314  1.00 42.92 ? 22 A   B N1    1 
ATOM   953  C  C2    . A   B 1 22 ? 23.007  12.387  -3.747  1.00 42.70 ? 22 A   B C2    1 
ATOM   954  N  N3    . A   B 1 22 ? 23.844  12.714  -2.766  1.00 42.67 ? 22 A   B N3    1 
ATOM   955  C  C4    . A   B 1 22 ? 23.614  13.968  -2.347  1.00 44.20 ? 22 A   B C4    1 
ATOM   956  P  P     . G   B 1 23 ? 28.920  17.099  -1.998  1.00 52.60 ? 23 G   B P     1 
ATOM   957  O  OP1   . G   B 1 23 ? 30.314  17.528  -1.728  1.00 54.45 ? 23 G   B OP1   1 
ATOM   958  O  OP2   . G   B 1 23 ? 27.867  18.116  -2.227  1.00 54.33 ? 23 G   B OP2   1 
ATOM   959  O  "O5'" . G   B 1 23 ? 28.934  16.130  -3.258  1.00 52.15 ? 23 G   B "O5'" 1 
ATOM   960  C  "C5'" . G   B 1 23 ? 29.736  14.945  -3.257  1.00 51.85 ? 23 G   B "C5'" 1 
ATOM   961  C  "C4'" . G   B 1 23 ? 29.323  14.048  -4.389  1.00 53.38 ? 23 G   B "C4'" 1 
ATOM   962  O  "O4'" . G   B 1 23 ? 27.927  13.683  -4.225  1.00 53.45 ? 23 G   B "O4'" 1 
ATOM   963  C  "C3'" . G   B 1 23 ? 29.362  14.693  -5.763  1.00 53.70 ? 23 G   B "C3'" 1 
ATOM   964  O  "O3'" . G   B 1 23 ? 30.682  14.751  -6.307  1.00 56.34 ? 23 G   B "O3'" 1 
ATOM   965  C  "C2'" . G   B 1 23 ? 28.409  13.805  -6.546  1.00 53.65 ? 23 G   B "C2'" 1 
ATOM   966  O  "O2'" . G   B 1 23 ? 29.028  12.577  -6.884  1.00 55.05 ? 23 G   B "O2'" 1 
ATOM   967  C  "C1'" . G   B 1 23 ? 27.323  13.542  -5.500  1.00 52.57 ? 23 G   B "C1'" 1 
ATOM   968  N  N9    . G   B 1 23 ? 26.187  14.457  -5.571  1.00 51.90 ? 23 G   B N9    1 
ATOM   969  C  C8    . G   B 1 23 ? 25.967  15.570  -4.796  1.00 51.62 ? 23 G   B C8    1 
ATOM   970  N  N7    . G   B 1 23 ? 24.849  16.180  -5.081  1.00 51.62 ? 23 G   B N7    1 
ATOM   971  C  C5    . G   B 1 23 ? 24.299  15.427  -6.112  1.00 50.34 ? 23 G   B C5    1 
ATOM   972  C  C6    . G   B 1 23 ? 23.085  15.600  -6.837  1.00 50.88 ? 23 G   B C6    1 
ATOM   973  O  O6    . G   B 1 23 ? 22.228  16.491  -6.714  1.00 50.78 ? 23 G   B O6    1 
ATOM   974  N  N1    . G   B 1 23 ? 22.913  14.603  -7.794  1.00 49.50 ? 23 G   B N1    1 
ATOM   975  C  C2    . G   B 1 23 ? 23.791  13.580  -8.030  1.00 49.49 ? 23 G   B C2    1 
ATOM   976  N  N2    . G   B 1 23 ? 23.445  12.719  -8.998  1.00 49.26 ? 23 G   B N2    1 
ATOM   977  N  N3    . G   B 1 23 ? 24.928  13.410  -7.368  1.00 50.06 ? 23 G   B N3    1 
ATOM   978  C  C4    . G   B 1 23 ? 25.113  14.363  -6.428  1.00 51.07 ? 23 G   B C4    1 
HETATM 979  C  C11   . PAR C 2 .  ? 4.379   7.394   0.979   1.00 25.59 ? 24 PAR A C11   1 
HETATM 980  O  O11   . PAR C 2 .  ? 3.261   6.530   1.233   1.00 24.47 ? 24 PAR A O11   1 
HETATM 981  C  C21   . PAR C 2 .  ? 4.857   7.997   2.304   1.00 25.88 ? 24 PAR A C21   1 
HETATM 982  N  N21   . PAR C 2 .  ? 5.150   6.942   3.285   1.00 23.25 ? 24 PAR A N21   1 
HETATM 983  C  C31   . PAR C 2 .  ? 3.812   8.950   2.891   1.00 26.98 ? 24 PAR A C31   1 
HETATM 984  O  O31   . PAR C 2 .  ? 4.364   9.606   4.037   1.00 26.03 ? 24 PAR A O31   1 
HETATM 985  C  C41   . PAR C 2 .  ? 3.415   9.994   1.846   1.00 28.16 ? 24 PAR A C41   1 
HETATM 986  O  O41   . PAR C 2 .  ? 2.362   10.812  2.360   1.00 26.72 ? 24 PAR A O41   1 
HETATM 987  C  C51   . PAR C 2 .  ? 2.946   9.290   0.572   1.00 27.23 ? 24 PAR A C51   1 
HETATM 988  O  O51   . PAR C 2 .  ? 3.989   8.435   0.063   1.00 27.40 ? 24 PAR A O51   1 
HETATM 989  C  C61   . PAR C 2 .  ? 2.607   10.370  -0.458  1.00 29.53 ? 24 PAR A C61   1 
HETATM 990  O  O61   . PAR C 2 .  ? 2.120   9.750   -1.699  1.00 33.28 ? 24 PAR A O61   1 
HETATM 991  C  C12   . PAR C 2 .  ? 2.116   2.883   -0.374  1.00 23.38 ? 24 PAR A C12   1 
HETATM 992  N  N12   . PAR C 2 .  ? 1.702   1.693   -1.133  1.00 22.88 ? 24 PAR A N12   1 
HETATM 993  C  C22   . PAR C 2 .  ? 1.121   4.029   -0.583  1.00 21.80 ? 24 PAR A C22   1 
HETATM 994  C  C32   . PAR C 2 .  ? 1.526   5.174   0.352   1.00 22.89 ? 24 PAR A C32   1 
HETATM 995  N  N32   . PAR C 2 .  ? 0.628   6.319   0.135   1.00 24.89 ? 24 PAR A N32   1 
HETATM 996  C  C42   . PAR C 2 .  ? 2.974   5.635   0.144   1.00 24.11 ? 24 PAR A C42   1 
HETATM 997  C  C52   . PAR C 2 .  ? 3.994   4.499   0.103   1.00 24.28 ? 24 PAR A C52   1 
HETATM 998  O  O52   . PAR C 2 .  ? 5.250   5.004   -0.378  1.00 26.61 ? 24 PAR A O52   1 
HETATM 999  C  C62   . PAR C 2 .  ? 3.508   3.358   -0.799  1.00 24.73 ? 24 PAR A C62   1 
HETATM 1000 O  O62   . PAR C 2 .  ? 4.434   2.270   -0.753  1.00 22.87 ? 24 PAR A O62   1 
HETATM 1001 C  C13   . PAR C 2 .  ? 6.405   4.430   0.257   1.00 27.22 ? 24 PAR A C13   1 
HETATM 1002 C  C23   . PAR C 2 .  ? 7.637   4.690   -0.612  1.00 26.66 ? 24 PAR A C23   1 
HETATM 1003 O  O23   . PAR C 2 .  ? 7.726   3.702   -1.640  1.00 26.72 ? 24 PAR A O23   1 
HETATM 1004 C  C33   . PAR C 2 .  ? 8.736   4.430   0.416   1.00 27.65 ? 24 PAR A C33   1 
HETATM 1005 O  O33   . PAR C 2 .  ? 8.853   3.026   0.697   1.00 28.04 ? 24 PAR A O33   1 
HETATM 1006 C  C43   . PAR C 2 .  ? 8.157   5.144   1.628   1.00 27.57 ? 24 PAR A C43   1 
HETATM 1007 O  O43   . PAR C 2 .  ? 6.720   5.080   1.503   1.00 26.85 ? 24 PAR A O43   1 
HETATM 1008 C  C53   . PAR C 2 .  ? 8.643   6.595   1.645   1.00 26.95 ? 24 PAR A C53   1 
HETATM 1009 O  O53   . PAR C 2 .  ? 8.122   7.248   2.805   1.00 27.00 ? 24 PAR A O53   1 
HETATM 1010 C  C14   . PAR C 2 .  ? 10.231  2.645   0.858   1.00 27.67 ? 24 PAR A C14   1 
HETATM 1011 C  C24   . PAR C 2 .  ? 10.332  1.122   0.985   1.00 26.65 ? 24 PAR A C24   1 
HETATM 1012 N  N24   . PAR C 2 .  ? 9.449   0.690   2.077   1.00 26.30 ? 24 PAR A N24   1 
HETATM 1013 C  C34   . PAR C 2 .  ? 11.768  0.687   1.308   1.00 27.76 ? 24 PAR A C34   1 
HETATM 1014 O  O34   . PAR C 2 .  ? 12.616  0.882   0.173   1.00 27.82 ? 24 PAR A O34   1 
HETATM 1015 C  C44   . PAR C 2 .  ? 12.332  1.485   2.485   1.00 27.85 ? 24 PAR A C44   1 
HETATM 1016 O  O44   . PAR C 2 .  ? 11.622  1.121   3.673   1.00 27.14 ? 24 PAR A O44   1 
HETATM 1017 C  C54   . PAR C 2 .  ? 12.166  2.980   2.199   1.00 26.59 ? 24 PAR A C54   1 
HETATM 1018 O  O54   . PAR C 2 .  ? 10.763  3.259   2.043   1.00 26.42 ? 24 PAR A O54   1 
HETATM 1019 C  C64   . PAR C 2 .  ? 12.727  3.850   3.324   1.00 27.38 ? 24 PAR A C64   1 
HETATM 1020 N  N64   . PAR C 2 .  ? 11.935  3.634   4.544   1.00 30.31 ? 24 PAR A N64   1 
HETATM 1021 K  K     . K   D 3 .  ? -0.399  11.111  10.132  1.00 62.29 ? 25 K   A K     1 
HETATM 1022 CL CL    . CL  E 4 .  ? 0.755   6.548   -10.511 1.00 77.04 ? 26 CL  A CL    1 
HETATM 1023 C  C11   . PAR F 2 .  ? -7.295  -2.196  1.572   1.00 19.13 ? 24 PAR B C11   1 
HETATM 1024 O  O11   . PAR F 2 .  ? -6.378  -1.092  1.544   1.00 20.67 ? 24 PAR B O11   1 
HETATM 1025 C  C21   . PAR F 2 .  ? -8.625  -1.801  0.918   1.00 18.48 ? 24 PAR B C21   1 
HETATM 1026 N  N21   . PAR F 2 .  ? -8.383  -1.260  -0.427  1.00 14.95 ? 24 PAR B N21   1 
HETATM 1027 C  C31   . PAR F 2 .  ? -9.386  -0.776  1.763   1.00 22.09 ? 24 PAR B C31   1 
HETATM 1028 O  O31   . PAR F 2 .  ? -10.669 -0.533  1.177   1.00 24.14 ? 24 PAR B O31   1 
HETATM 1029 C  C41   . PAR F 2 .  ? -9.566  -1.325  3.178   1.00 22.87 ? 24 PAR B C41   1 
HETATM 1030 O  O41   . PAR F 2 .  ? -10.259 -0.370  3.989   1.00 25.04 ? 24 PAR B O41   1 
HETATM 1031 C  C51   . PAR F 2 .  ? -8.183  -1.635  3.758   1.00 21.58 ? 24 PAR B C51   1 
HETATM 1032 O  O51   . PAR F 2 .  ? -7.517  -2.610  2.932   1.00 19.64 ? 24 PAR B O51   1 
HETATM 1033 C  C61   . PAR F 2 .  ? -8.335  -2.236  5.156   1.00 24.36 ? 24 PAR B C61   1 
HETATM 1034 O  O61   . PAR F 2 .  ? -7.003  -2.576  5.679   1.00 25.28 ? 24 PAR B O61   1 
HETATM 1035 C  C12   . PAR F 2 .  ? -2.265  -0.757  0.825   1.00 20.98 ? 24 PAR B C12   1 
HETATM 1036 N  N12   . PAR F 2 .  ? -0.803  -0.900  0.801   1.00 19.68 ? 24 PAR B N12   1 
HETATM 1037 C  C22   . PAR F 2 .  ? -2.736  -0.458  2.250   1.00 21.56 ? 24 PAR B C22   1 
HETATM 1038 C  C32   . PAR F 2 .  ? -4.255  -0.263  2.251   1.00 21.11 ? 24 PAR B C32   1 
HETATM 1039 N  N32   . PAR F 2 .  ? -4.694  -0.048  3.639   1.00 22.47 ? 24 PAR B N32   1 
HETATM 1040 C  C42   . PAR F 2 .  ? -4.997  -1.471  1.668   1.00 21.96 ? 24 PAR B C42   1 
HETATM 1041 C  C52   . PAR F 2 .  ? -4.445  -1.950  0.325   1.00 21.63 ? 24 PAR B C52   1 
HETATM 1042 O  O52   . PAR F 2 .  ? -4.980  -3.254  0.042   1.00 21.64 ? 24 PAR B O52   1 
HETATM 1043 C  C62   . PAR F 2 .  ? -2.914  -2.049  0.327   1.00 21.91 ? 24 PAR B C62   1 
HETATM 1044 O  O62   . PAR F 2 .  ? -2.439  -2.322  -0.995  1.00 21.25 ? 24 PAR B O62   1 
HETATM 1045 C  C13   . PAR F 2 .  ? -5.256  -3.478  -1.351  1.00 24.26 ? 24 PAR B C13   1 
HETATM 1046 C  C23   . PAR F 2 .  ? -5.638  -4.944  -1.561  1.00 24.70 ? 24 PAR B C23   1 
HETATM 1047 O  O23   . PAR F 2 .  ? -4.455  -5.748  -1.556  1.00 23.98 ? 24 PAR B O23   1 
HETATM 1048 C  C33   . PAR F 2 .  ? -6.247  -4.881  -2.965  1.00 25.19 ? 24 PAR B C33   1 
HETATM 1049 O  O33   . PAR F 2 .  ? -5.252  -4.873  -4.003  1.00 28.47 ? 24 PAR B O33   1 
HETATM 1050 C  C43   . PAR F 2 .  ? -6.833  -3.473  -3.002  1.00 27.75 ? 24 PAR B C43   1 
HETATM 1051 O  O43   . PAR F 2 .  ? -6.464  -2.828  -1.768  1.00 24.17 ? 24 PAR B O43   1 
HETATM 1052 C  C53   . PAR F 2 .  ? -8.360  -3.513  -3.106  1.00 27.69 ? 24 PAR B C53   1 
HETATM 1053 O  O53   . PAR F 2 .  ? -8.892  -4.069  -1.901  1.00 33.73 ? 24 PAR B O53   1 
HETATM 1054 C  C14   . PAR F 2 .  ? -5.026  -6.163  -4.594  1.00 29.16 ? 24 PAR B C14   1 
HETATM 1055 C  C24   . PAR F 2 .  ? -3.968  -5.998  -5.690  1.00 31.76 ? 24 PAR B C24   1 
HETATM 1056 N  N24   . PAR F 2 .  ? -4.453  -5.012  -6.666  1.00 27.19 ? 24 PAR B N24   1 
HETATM 1057 C  C34   . PAR F 2 .  ? -3.725  -7.328  -6.412  1.00 30.07 ? 24 PAR B C34   1 
HETATM 1058 O  O34   . PAR F 2 .  ? -3.053  -8.240  -5.540  1.00 33.04 ? 24 PAR B O34   1 
HETATM 1059 C  C44   . PAR F 2 .  ? -5.048  -7.933  -6.888  1.00 31.37 ? 24 PAR B C44   1 
HETATM 1060 O  O44   . PAR F 2 .  ? -5.586  -7.132  -7.944  1.00 29.78 ? 24 PAR B O44   1 
HETATM 1061 C  C54   . PAR F 2 .  ? -6.043  -7.993  -5.726  1.00 31.65 ? 24 PAR B C54   1 
HETATM 1062 O  O54   . PAR F 2 .  ? -6.234  -6.673  -5.185  1.00 32.10 ? 24 PAR B O54   1 
HETATM 1063 C  C64   . PAR F 2 .  ? -7.383  -8.535  -6.230  1.00 34.09 ? 24 PAR B C64   1 
HETATM 1064 N  N64   . PAR F 2 .  ? -8.349  -8.573  -5.123  1.00 34.75 ? 24 PAR B N64   1 
HETATM 1065 K  K     . K   G 3 .  ? -12.995 -14.298 3.320   1.00 51.77 ? 25 K   B K     1 
HETATM 1066 K  K     . K   H 3 .  ? -6.936  1.664   3.051   1.00 52.98 ? 26 K   B K     1 
HETATM 1067 CL CL    . CL  I 4 .  ? 0.844   -7.644  8.099   1.00 59.17 ? 27 CL  B CL    1 
HETATM 1068 K  K     . K   J 3 .  ? 1.681   0.871   11.601  1.00 67.35 ? 28 K   B K     1 
HETATM 1069 O  O     . HOH K 5 .  ? -3.097  14.663  9.611   1.00 53.23 ? 27 HOH A O     1 
HETATM 1070 O  O     . HOH K 5 .  ? -0.978  -0.075  -3.883  1.00 21.24 ? 28 HOH A O     1 
HETATM 1071 O  O     . HOH K 5 .  ? -1.029  1.286   -1.458  1.00 22.91 ? 29 HOH A O     1 
HETATM 1072 O  O     . HOH K 5 .  ? 6.004   0.374   1.768   1.00 20.18 ? 30 HOH A O     1 
HETATM 1073 O  O     . HOH K 5 .  ? -2.043  -5.068  -2.855  1.00 27.78 ? 31 HOH A O     1 
HETATM 1074 O  O     . HOH K 5 .  ? 3.727   -10.373 -0.130  1.00 31.00 ? 32 HOH A O     1 
HETATM 1075 O  O     . HOH K 5 .  ? -7.911  -10.162 1.698   1.00 28.89 ? 33 HOH A O     1 
HETATM 1076 O  O     . HOH K 5 .  ? -2.228  3.848   -2.475  1.00 23.23 ? 34 HOH A O     1 
HETATM 1077 O  O     . HOH K 5 .  ? 0.367   -4.597  -13.132 1.00 31.19 ? 35 HOH A O     1 
HETATM 1078 O  O     . HOH K 5 .  ? 6.304   7.437   5.656   1.00 35.20 ? 36 HOH A O     1 
HETATM 1079 O  O     . HOH K 5 .  ? -4.914  -3.452  -9.711  1.00 38.51 ? 37 HOH A O     1 
HETATM 1080 O  O     . HOH K 5 .  ? 15.505  11.458  -3.931  1.00 33.25 ? 38 HOH A O     1 
HETATM 1081 O  O     . HOH K 5 .  ? 9.423   7.737   -1.216  1.00 41.67 ? 39 HOH A O     1 
HETATM 1082 O  O     . HOH K 5 .  ? -2.878  -6.128  9.094   1.00 36.93 ? 40 HOH A O     1 
HETATM 1083 O  O     . HOH K 5 .  ? -16.279 -3.780  6.423   1.00 26.94 ? 41 HOH A O     1 
HETATM 1084 O  O     . HOH K 5 .  ? -3.151  13.863  2.803   1.00 39.41 ? 42 HOH A O     1 
HETATM 1085 O  O     . HOH K 5 .  ? 3.798   -5.058  -10.510 1.00 31.51 ? 43 HOH A O     1 
HETATM 1086 O  O     . HOH K 5 .  ? -3.259  1.041   -5.012  1.00 36.35 ? 44 HOH A O     1 
HETATM 1087 O  O     . HOH K 5 .  ? 16.387  8.998   -8.143  1.00 45.53 ? 45 HOH A O     1 
HETATM 1088 O  O     . HOH K 5 .  ? 23.703  7.374   -6.424  1.00 50.48 ? 46 HOH A O     1 
HETATM 1089 O  O     . HOH K 5 .  ? -1.854  -2.618  -4.287  1.00 24.78 ? 47 HOH A O     1 
HETATM 1090 O  O     . HOH K 5 .  ? 0.983   -10.838 5.767   1.00 41.63 ? 48 HOH A O     1 
HETATM 1091 O  O     . HOH K 5 .  ? -3.444  -10.305 -9.427  1.00 36.82 ? 49 HOH A O     1 
HETATM 1092 O  O     . HOH K 5 .  ? 16.600  6.518   -5.341  1.00 41.23 ? 50 HOH A O     1 
HETATM 1093 O  O     . HOH K 5 .  ? 12.000  6.497   0.375   1.00 35.98 ? 51 HOH A O     1 
HETATM 1094 O  O     . HOH K 5 .  ? -5.265  7.101   7.901   1.00 41.24 ? 52 HOH A O     1 
HETATM 1095 O  O     . HOH K 5 .  ? -2.756  10.534  -0.908  1.00 45.58 ? 53 HOH A O     1 
HETATM 1096 O  O     . HOH K 5 .  ? 12.154  8.424   -2.693  1.00 54.79 ? 54 HOH A O     1 
HETATM 1097 O  O     . HOH K 5 .  ? -2.900  3.352   0.624   1.00 47.53 ? 55 HOH A O     1 
HETATM 1098 O  O     . HOH K 5 .  ? 19.443  4.297   -10.598 1.00 46.46 ? 56 HOH A O     1 
HETATM 1099 O  O     . HOH K 5 .  ? -6.645  0.934   -6.884  1.00 51.96 ? 57 HOH A O     1 
HETATM 1100 O  O     . HOH K 5 .  ? 16.571  0.314   7.372   1.00 40.43 ? 58 HOH A O     1 
HETATM 1101 O  O     . HOH K 5 .  ? -1.249  -14.085 -7.374  1.00 47.26 ? 59 HOH A O     1 
HETATM 1102 O  O     . HOH K 5 .  ? -6.043  3.815   -2.265  1.00 31.56 ? 60 HOH A O     1 
HETATM 1103 O  O     . HOH K 5 .  ? -7.329  5.683   -1.014  1.00 35.50 ? 61 HOH A O     1 
HETATM 1104 O  O     . HOH K 5 .  ? 12.768  9.826   -8.963  1.00 39.63 ? 62 HOH A O     1 
HETATM 1105 O  O     . HOH K 5 .  ? -0.535  11.122  -2.679  1.00 55.54 ? 63 HOH A O     1 
HETATM 1106 O  O     . HOH K 5 .  ? 1.447   1.177   -12.012 1.00 42.44 ? 64 HOH A O     1 
HETATM 1107 O  O     . HOH K 5 .  ? 0.563   -9.726  -12.522 1.00 37.88 ? 65 HOH A O     1 
HETATM 1108 O  O     . HOH K 5 .  ? -6.029  8.041   -7.640  1.00 40.75 ? 66 HOH A O     1 
HETATM 1109 O  O     . HOH K 5 .  ? 13.860  9.093   -5.155  0.50 25.37 ? 67 HOH A O     1 
HETATM 1110 O  O     . HOH K 5 .  ? -4.651  -2.259  -5.860  1.00 36.72 ? 68 HOH A O     1 
HETATM 1111 O  O     . HOH K 5 .  ? 9.033   15.240  7.064   1.00 50.56 ? 69 HOH A O     1 
HETATM 1112 O  O     . HOH K 5 .  ? 16.564  2.657   -5.580  0.50 58.78 ? 70 HOH A O     1 
HETATM 1113 O  O     . HOH K 5 .  ? -0.029  6.165   9.803   1.00 55.30 ? 71 HOH A O     1 
HETATM 1114 O  O     . HOH K 5 .  ? 9.999   4.838   -3.277  1.00 52.10 ? 72 HOH A O     1 
HETATM 1115 O  O     . HOH K 5 .  ? -7.112  -1.204  -5.583  1.00 47.67 ? 73 HOH A O     1 
HETATM 1116 O  O     . HOH K 5 .  ? -9.076  -2.724  -6.272  1.00 58.10 ? 74 HOH A O     1 
HETATM 1117 O  O     . HOH K 5 .  ? -0.357  -17.039 -2.122  1.00 68.58 ? 75 HOH A O     1 
HETATM 1118 O  O     . HOH K 5 .  ? -20.628 -22.345 -4.587  1.00 49.75 ? 76 HOH A O     1 
HETATM 1119 O  O     . HOH K 5 .  ? -10.883 -10.805 7.086   1.00 37.38 ? 77 HOH A O     1 
HETATM 1120 O  O     . HOH K 5 .  ? 7.704   8.035   12.068  1.00 66.31 ? 78 HOH A O     1 
HETATM 1121 O  O     . HOH K 5 .  ? -12.885 -11.524 14.072  1.00 48.95 ? 79 HOH A O     1 
HETATM 1122 O  O     . HOH K 5 .  ? -3.695  9.086   10.371  1.00 78.76 ? 80 HOH A O     1 
HETATM 1123 O  O     . HOH K 5 .  ? -7.775  7.979   -0.521  1.00 33.24 ? 81 HOH A O     1 
HETATM 1124 O  O     . HOH K 5 .  ? -4.954  -14.657 0.659   1.00 48.18 ? 82 HOH A O     1 
HETATM 1125 O  O     . HOH K 5 .  ? -3.069  -1.705  -13.566 1.00 42.02 ? 83 HOH A O     1 
HETATM 1126 O  O     . HOH K 5 .  ? -21.848 -17.776 4.724   1.00 37.92 ? 84 HOH A O     1 
HETATM 1127 O  O     . HOH K 5 .  ? -5.239  -14.979 6.508   1.00 42.90 ? 85 HOH A O     1 
HETATM 1128 O  O     . HOH K 5 .  ? -14.296 -11.499 7.084   1.00 52.68 ? 86 HOH A O     1 
HETATM 1129 O  O     . HOH K 5 .  ? -2.782  -16.179 1.302   1.00 40.69 ? 87 HOH A O     1 
HETATM 1130 O  O     . HOH K 5 .  ? -9.031  -1.321  -9.858  1.00 44.29 ? 88 HOH A O     1 
HETATM 1131 O  O     . HOH K 5 .  ? -2.771  15.323  -0.070  1.00 43.24 ? 89 HOH A O     1 
HETATM 1132 O  O     . HOH K 5 .  ? 4.479   5.206   7.242   1.00 43.71 ? 90 HOH A O     1 
HETATM 1133 O  O     . HOH K 5 .  ? -0.322  9.645   12.570  1.00 51.24 ? 91 HOH A O     1 
HETATM 1134 O  O     . HOH K 5 .  ? -25.592 -8.641  2.902   1.00 52.33 ? 92 HOH A O     1 
HETATM 1135 O  O     . HOH K 5 .  ? -19.975 -11.732 12.350  1.00 44.93 ? 93 HOH A O     1 
HETATM 1136 O  O     . HOH K 5 .  ? 13.476  13.330  7.637   1.00 77.59 ? 94 HOH A O     1 
HETATM 1137 O  O     . HOH K 5 .  ? 0.015   -15.793 -5.437  1.00 50.21 ? 95 HOH A O     1 
HETATM 1138 O  O     . HOH K 5 .  ? 19.780  2.791   4.088   0.50 41.89 ? 96 HOH A O     1 
HETATM 1139 O  O     . HOH L 5 .  ? 2.608   3.421   3.668   1.00 46.79 ? 29 HOH B O     1 
HETATM 1140 O  O     . HOH L 5 .  ? -6.966  -4.489  -7.858  1.00 37.01 ? 30 HOH B O     1 
HETATM 1141 O  O     . HOH L 5 .  ? -12.226 -0.373  5.795   1.00 30.44 ? 31 HOH B O     1 
HETATM 1142 O  O     . HOH L 5 .  ? 4.915   -8.168  5.470   1.00 27.64 ? 32 HOH B O     1 
HETATM 1143 O  O     . HOH L 5 .  ? 7.737   1.046   -1.282  1.00 25.35 ? 33 HOH B O     1 
HETATM 1144 O  O     . HOH L 5 .  ? -11.983 -14.510 0.780   1.00 36.50 ? 34 HOH B O     1 
HETATM 1145 O  O     . HOH L 5 .  ? 0.164   1.405   2.037   1.00 24.89 ? 35 HOH B O     1 
HETATM 1146 O  O     . HOH L 5 .  ? -11.562 -4.539  -1.847  1.00 31.61 ? 36 HOH B O     1 
HETATM 1147 O  O     . HOH L 5 .  ? 2.908   0.292   4.552   1.00 40.25 ? 37 HOH B O     1 
HETATM 1148 O  O     . HOH L 5 .  ? 8.366   6.775   -3.157  1.00 31.84 ? 38 HOH B O     1 
HETATM 1149 O  O     . HOH L 5 .  ? -16.652 2.334   4.572   1.00 38.52 ? 39 HOH B O     1 
HETATM 1150 O  O     . HOH L 5 .  ? 10.112  8.843   -5.052  1.00 38.26 ? 40 HOH B O     1 
HETATM 1151 O  O     . HOH L 5 .  ? 10.411  24.853  -1.093  1.00 57.26 ? 41 HOH B O     1 
HETATM 1152 O  O     . HOH L 5 .  ? -11.248 -11.537 0.401   1.00 34.69 ? 42 HOH B O     1 
HETATM 1153 O  O     . HOH L 5 .  ? 1.060   -1.309  -1.379  1.00 31.02 ? 43 HOH B O     1 
HETATM 1154 O  O     . HOH L 5 .  ? -0.416  0.399   5.032   1.00 36.18 ? 44 HOH B O     1 
HETATM 1155 O  O     . HOH L 5 .  ? -19.085 -12.879 -4.232  1.00 46.70 ? 45 HOH B O     1 
HETATM 1156 O  O     . HOH L 5 .  ? -19.792 -7.088  -6.473  1.00 37.69 ? 46 HOH B O     1 
HETATM 1157 O  O     . HOH L 5 .  ? -3.911  -0.407  -2.468  1.00 24.41 ? 47 HOH B O     1 
HETATM 1158 O  O     . HOH L 5 .  ? 0.061   -5.305  9.712   1.00 46.72 ? 48 HOH B O     1 
HETATM 1159 O  O     . HOH L 5 .  ? -13.399 -1.964  8.403   1.00 40.65 ? 49 HOH B O     1 
HETATM 1160 O  O     . HOH L 5 .  ? -19.449 -0.379  -1.493  1.00 31.09 ? 50 HOH B O     1 
HETATM 1161 O  O     . HOH L 5 .  ? -10.424 -8.228  -0.707  1.00 37.23 ? 51 HOH B O     1 
HETATM 1162 O  O     . HOH L 5 .  ? -8.767  2.542   -3.102  1.00 38.48 ? 52 HOH B O     1 
HETATM 1163 O  O     . HOH L 5 .  ? -12.244 9.617   -3.085  1.00 43.25 ? 53 HOH B O     1 
HETATM 1164 O  O     . HOH L 5 .  ? -14.015 -25.025 -6.427  1.00 60.08 ? 54 HOH B O     1 
HETATM 1165 O  O     . HOH L 5 .  ? -11.433 6.552   -1.761  1.00 65.93 ? 55 HOH B O     1 
HETATM 1166 O  O     . HOH L 5 .  ? -20.929 -11.306 -2.754  1.00 31.89 ? 56 HOH B O     1 
HETATM 1167 O  O     . HOH L 5 .  ? -11.449 5.511   7.776   1.00 50.21 ? 57 HOH B O     1 
HETATM 1168 O  O     . HOH L 5 .  ? -2.816  -9.321  -3.039  1.00 33.60 ? 58 HOH B O     1 
HETATM 1169 O  O     . HOH L 5 .  ? -9.754  -6.747  -4.085  1.00 41.05 ? 59 HOH B O     1 
HETATM 1170 O  O     . HOH L 5 .  ? -13.800 6.387   5.065   1.00 17.65 ? 60 HOH B O     1 
HETATM 1171 O  O     . HOH L 5 .  ? -4.599  1.365   -0.462  1.00 32.94 ? 61 HOH B O     1 
HETATM 1172 O  O     . HOH L 5 .  ? -7.198  1.344   0.214   1.00 35.96 ? 62 HOH B O     1 
HETATM 1173 O  O     . HOH L 5 .  ? 7.837   -7.823  -0.942  0.50 54.08 ? 63 HOH B O     1 
HETATM 1174 O  O     . HOH L 5 .  ? 15.054  -3.654  -3.605  1.00 33.78 ? 64 HOH B O     1 
HETATM 1175 O  O     . HOH L 5 .  ? -6.983  0.273   -2.857  1.00 43.20 ? 65 HOH B O     1 
HETATM 1176 O  O     . HOH L 5 .  ? -0.407  2.866   11.279  1.00 53.72 ? 66 HOH B O     1 
HETATM 1177 O  O     . HOH L 5 .  ? -4.384  5.298   5.917   1.00 41.65 ? 67 HOH B O     1 
HETATM 1178 O  O     . HOH L 5 .  ? 21.498  18.325  -5.187  1.00 35.59 ? 68 HOH B O     1 
HETATM 1179 O  O     . HOH L 5 .  ? -9.051  2.920   -0.384  1.00 48.85 ? 69 HOH B O     1 
HETATM 1180 O  O     . HOH L 5 .  ? -0.628  11.580  -5.690  1.00 58.56 ? 70 HOH B O     1 
HETATM 1181 O  O     . HOH L 5 .  ? -4.835  -18.493 2.198   1.00 57.72 ? 71 HOH B O     1 
HETATM 1182 O  O     . HOH L 5 .  ? 0.588   14.051  -6.463  1.00 57.81 ? 72 HOH B O     1 
HETATM 1183 O  O     . HOH L 5 .  ? 3.412   16.942  -0.592  1.00 55.91 ? 73 HOH B O     1 
HETATM 1184 O  O     . HOH L 5 .  ? 7.914   -7.538  7.839   1.00 60.44 ? 74 HOH B O     1 
HETATM 1185 O  O     . HOH L 5 .  ? 17.264  13.506  5.257   1.00 39.64 ? 75 HOH B O     1 
HETATM 1186 O  O     . HOH L 5 .  ? 3.715   3.946   -10.580 1.00 49.47 ? 76 HOH B O     1 
HETATM 1187 O  O     . HOH L 5 .  ? 3.034   -0.926  1.861   1.00 41.10 ? 77 HOH B O     1 
HETATM 1188 O  O     . HOH L 5 .  ? -7.029  -13.585 -3.012  1.00 56.19 ? 78 HOH B O     1 
HETATM 1189 O  O     . HOH L 5 .  ? -14.195 2.758   8.803   1.00 58.57 ? 79 HOH B O     1 
HETATM 1190 O  O     . HOH L 5 .  ? 17.720  17.401  -1.608  1.00 73.30 ? 80 HOH B O     1 
HETATM 1191 O  O     . HOH L 5 .  ? 6.679   -5.359  8.956   1.00 39.25 ? 81 HOH B O     1 
HETATM 1192 O  O     . HOH L 5 .  ? -10.558 -17.651 -7.279  1.00 55.67 ? 82 HOH B O     1 
HETATM 1193 O  O     . HOH L 5 .  ? -17.999 -17.825 -3.094  1.00 53.96 ? 83 HOH B O     1 
HETATM 1194 O  O     . HOH L 5 .  ? 0.927   3.393   6.738   1.00 45.30 ? 84 HOH B O     1 
HETATM 1195 O  O     . HOH L 5 .  ? 14.468  2.741   -4.626  0.50 59.40 ? 85 HOH B O     1 
HETATM 1196 O  O     . HOH L 5 .  ? 9.531   -0.879  5.539   1.00 52.97 ? 86 HOH B O     1 
HETATM 1197 O  O     . HOH L 5 .  ? 5.483   0.610   10.111  1.00 47.93 ? 87 HOH B O     1 
HETATM 1198 O  O     . HOH L 5 .  ? -4.958  -0.970  10.871  1.00 37.78 ? 88 HOH B O     1 
HETATM 1199 O  O     . HOH L 5 .  ? -13.080 -23.055 -3.096  1.00 51.13 ? 89 HOH B O     1 
HETATM 1200 O  O     . HOH L 5 .  ? 10.480  1.959   -3.497  1.00 48.64 ? 90 HOH B O     1 
HETATM 1201 O  O     . HOH L 5 .  ? -17.185 3.938   0.336   1.00 47.24 ? 91 HOH B O     1 
HETATM 1202 O  O     . HOH L 5 .  ? 12.630  -1.406  4.696   1.00 46.50 ? 92 HOH B O     1 
HETATM 1203 O  O     . HOH L 5 .  ? 20.326  23.197  -0.650  1.00 59.61 ? 93 HOH B O     1 
HETATM 1204 O  O     . HOH L 5 .  ? -11.154 -12.454 -2.725  1.00 44.25 ? 94 HOH B O     1 
HETATM 1205 O  O     . HOH L 5 .  ? 2.592   -8.828  4.385   1.00 40.93 ? 95 HOH B O     1 
HETATM 1206 O  O     . HOH L 5 .  ? -7.793  -8.699  -2.676  1.00 42.52 ? 96 HOH B O     1 
HETATM 1207 O  O     . HOH L 5 .  ? 10.354  12.516  -5.317  0.50 24.89 ? 97 HOH B O     1 
# 
loop_
_pdbx_poly_seq_scheme.asym_id 
_pdbx_poly_seq_scheme.entity_id 
_pdbx_poly_seq_scheme.seq_id 
_pdbx_poly_seq_scheme.mon_id 
_pdbx_poly_seq_scheme.ndb_seq_num 
_pdbx_poly_seq_scheme.pdb_seq_num 
_pdbx_poly_seq_scheme.auth_seq_num 
_pdbx_poly_seq_scheme.pdb_mon_id 
_pdbx_poly_seq_scheme.auth_mon_id 
_pdbx_poly_seq_scheme.pdb_strand_id 
_pdbx_poly_seq_scheme.pdb_ins_code 
_pdbx_poly_seq_scheme.hetero 
A 1 1  C 1  1  1  C CYT A . n 
A 1 2  U 2  2  2  U URI A . n 
A 1 3  U 3  3  3  U URI A . n 
A 1 4  G 4  4  4  G GUA A . n 
A 1 5  C 5  5  5  C CYT A . n 
A 1 6  U 6  6  6  U URI A . n 
A 1 7  G 7  7  7  G GUA A . n 
A 1 8  A 8  8  8  A ADE A . n 
A 1 9  A 9  9  9  A ADE A . n 
A 1 10 G 10 10 10 G GUA A . n 
A 1 11 U 11 11 11 U URI A . n 
A 1 12 G 12 12 12 G GUA A . n 
A 1 13 C 13 13 13 C CYT A . n 
A 1 14 A 14 14 14 A ADE A . n 
A 1 15 C 15 15 15 C CYT A . n 
A 1 16 A 16 16 16 A ADE A . n 
A 1 17 C 17 17 17 C CYT A . n 
A 1 18 A 18 18 18 A ADE A . n 
A 1 19 G 19 19 19 G GUA A . n 
A 1 20 C 20 20 20 C CYT A . n 
A 1 21 A 21 21 21 A ADE A . n 
A 1 22 A 22 22 22 A ADE A . n 
A 1 23 G 23 23 23 G GUA A . n 
B 1 1  C 1  1  1  C CYT B . n 
B 1 2  U 2  2  2  U URI B . n 
B 1 3  U 3  3  3  U URI B . n 
B 1 4  G 4  4  4  G GUA B . n 
B 1 5  C 5  5  5  C CYT B . n 
B 1 6  U 6  6  6  U URI B . n 
B 1 7  G 7  7  7  G GUA B . n 
B 1 8  A 8  8  8  A ADE B . n 
B 1 9  A 9  9  9  A ADE B . n 
B 1 10 G 10 10 10 G GUA B . n 
B 1 11 U 11 11 11 U URI B . n 
B 1 12 G 12 12 12 G GUA B . n 
B 1 13 C 13 13 13 C CYT B . n 
B 1 14 A 14 14 14 A ADE B . n 
B 1 15 C 15 15 15 C CYT B . n 
B 1 16 A 16 16 16 A ADE B . n 
B 1 17 C 17 17 17 C CYT B . n 
B 1 18 A 18 18 18 A ADE B . n 
B 1 19 G 19 19 19 G GUA B . n 
B 1 20 C 20 20 20 C CYT B . n 
B 1 21 A 21 21 21 A ADE B . n 
B 1 22 A 22 22 22 A ADE B . n 
B 1 23 G 23 23 23 G GUA B . n 
# 
loop_
_pdbx_nonpoly_scheme.asym_id 
_pdbx_nonpoly_scheme.entity_id 
_pdbx_nonpoly_scheme.mon_id 
_pdbx_nonpoly_scheme.ndb_seq_num 
_pdbx_nonpoly_scheme.pdb_seq_num 
_pdbx_nonpoly_scheme.auth_seq_num 
_pdbx_nonpoly_scheme.pdb_mon_id 
_pdbx_nonpoly_scheme.auth_mon_id 
_pdbx_nonpoly_scheme.pdb_strand_id 
_pdbx_nonpoly_scheme.pdb_ins_code 
C 2 PAR 1  24 1   PAR PAR A . 
D 3 K   1  25 1   K   K1  A . 
E 4 CL  1  26 4   CL  CL1 A . 
F 2 PAR 1  24 1   PAR PAR B . 
G 3 K   1  25 2   K   K1  B . 
H 3 K   1  26 3   K   K1  B . 
I 4 CL  1  27 5   CL  CL1 B . 
J 3 K   1  28 6   K   K1  B . 
K 5 HOH 1  27 1   HOH TIP A . 
K 5 HOH 2  28 3   HOH TIP A . 
K 5 HOH 3  29 5   HOH TIP A . 
K 5 HOH 4  30 6   HOH TIP A . 
K 5 HOH 5  31 9   HOH TIP A . 
K 5 HOH 6  32 10  HOH TIP A . 
K 5 HOH 7  33 11  HOH TIP A . 
K 5 HOH 8  34 12  HOH TIP A . 
K 5 HOH 9  35 14  HOH TIP A . 
K 5 HOH 10 36 15  HOH TIP A . 
K 5 HOH 11 37 16  HOH TIP A . 
K 5 HOH 12 38 17  HOH TIP A . 
K 5 HOH 13 39 18  HOH TIP A . 
K 5 HOH 14 40 20  HOH TIP A . 
K 5 HOH 15 41 21  HOH TIP A . 
K 5 HOH 16 42 23  HOH TIP A . 
K 5 HOH 17 43 24  HOH TIP A . 
K 5 HOH 18 44 26  HOH TIP A . 
K 5 HOH 19 45 28  HOH TIP A . 
K 5 HOH 20 46 29  HOH TIP A . 
K 5 HOH 21 47 30  HOH TIP A . 
K 5 HOH 22 48 37  HOH TIP A . 
K 5 HOH 23 49 41  HOH TIP A . 
K 5 HOH 24 50 42  HOH TIP A . 
K 5 HOH 25 51 44  HOH TIP A . 
K 5 HOH 26 52 45  HOH TIP A . 
K 5 HOH 27 53 46  HOH TIP A . 
K 5 HOH 28 54 48  HOH TIP A . 
K 5 HOH 29 55 50  HOH TIP A . 
K 5 HOH 30 56 54  HOH TIP A . 
K 5 HOH 31 57 56  HOH TIP A . 
K 5 HOH 32 58 59  HOH TIP A . 
K 5 HOH 33 59 60  HOH TIP A . 
K 5 HOH 34 60 62  HOH TIP A . 
K 5 HOH 35 61 66  HOH TIP A . 
K 5 HOH 36 62 70  HOH TIP A . 
K 5 HOH 37 63 71  HOH TIP A . 
K 5 HOH 38 64 73  HOH TIP A . 
K 5 HOH 39 65 74  HOH TIP A . 
K 5 HOH 40 66 75  HOH TIP A . 
K 5 HOH 41 67 76  HOH TIP A . 
K 5 HOH 42 68 77  HOH TIP A . 
K 5 HOH 43 69 78  HOH TIP A . 
K 5 HOH 44 70 80  HOH TIP A . 
K 5 HOH 45 71 81  HOH TIP A . 
K 5 HOH 46 72 85  HOH TIP A . 
K 5 HOH 47 73 86  HOH TIP A . 
K 5 HOH 48 74 87  HOH TIP A . 
K 5 HOH 49 75 89  HOH TIP A . 
K 5 HOH 50 76 92  HOH TIP A . 
K 5 HOH 51 77 95  HOH TIP A . 
K 5 HOH 52 78 100 HOH TIP A . 
K 5 HOH 53 79 103 HOH TIP A . 
K 5 HOH 54 80 105 HOH TIP A . 
K 5 HOH 55 81 106 HOH TIP A . 
K 5 HOH 56 82 107 HOH TIP A . 
K 5 HOH 57 83 108 HOH TIP A . 
K 5 HOH 58 84 109 HOH TIP A . 
K 5 HOH 59 85 112 HOH TIP A . 
K 5 HOH 60 86 113 HOH TIP A . 
K 5 HOH 61 87 114 HOH TIP A . 
K 5 HOH 62 88 115 HOH TIP A . 
K 5 HOH 63 89 116 HOH TIP A . 
K 5 HOH 64 90 117 HOH TIP A . 
K 5 HOH 65 91 119 HOH TIP A . 
K 5 HOH 66 92 123 HOH TIP A . 
K 5 HOH 67 93 124 HOH TIP A . 
K 5 HOH 68 94 129 HOH TIP A . 
K 5 HOH 69 95 130 HOH TIP A . 
K 5 HOH 70 96 138 HOH TIP A . 
L 5 HOH 1  29 2   HOH TIP B . 
L 5 HOH 2  30 4   HOH TIP B . 
L 5 HOH 3  31 7   HOH TIP B . 
L 5 HOH 4  32 8   HOH TIP B . 
L 5 HOH 5  33 13  HOH TIP B . 
L 5 HOH 6  34 19  HOH TIP B . 
L 5 HOH 7  35 22  HOH TIP B . 
L 5 HOH 8  36 25  HOH TIP B . 
L 5 HOH 9  37 27  HOH TIP B . 
L 5 HOH 10 38 31  HOH TIP B . 
L 5 HOH 11 39 32  HOH TIP B . 
L 5 HOH 12 40 33  HOH TIP B . 
L 5 HOH 13 41 34  HOH TIP B . 
L 5 HOH 14 42 35  HOH TIP B . 
L 5 HOH 15 43 36  HOH TIP B . 
L 5 HOH 16 44 38  HOH TIP B . 
L 5 HOH 17 45 39  HOH TIP B . 
L 5 HOH 18 46 40  HOH TIP B . 
L 5 HOH 19 47 43  HOH TIP B . 
L 5 HOH 20 48 47  HOH TIP B . 
L 5 HOH 21 49 49  HOH TIP B . 
L 5 HOH 22 50 51  HOH TIP B . 
L 5 HOH 23 51 52  HOH TIP B . 
L 5 HOH 24 52 53  HOH TIP B . 
L 5 HOH 25 53 55  HOH TIP B . 
L 5 HOH 26 54 57  HOH TIP B . 
L 5 HOH 27 55 58  HOH TIP B . 
L 5 HOH 28 56 61  HOH TIP B . 
L 5 HOH 29 57 63  HOH TIP B . 
L 5 HOH 30 58 64  HOH TIP B . 
L 5 HOH 31 59 65  HOH TIP B . 
L 5 HOH 32 60 67  HOH TIP B . 
L 5 HOH 33 61 68  HOH TIP B . 
L 5 HOH 34 62 69  HOH TIP B . 
L 5 HOH 35 63 72  HOH TIP B . 
L 5 HOH 36 64 79  HOH TIP B . 
L 5 HOH 37 65 82  HOH TIP B . 
L 5 HOH 38 66 83  HOH TIP B . 
L 5 HOH 39 67 84  HOH TIP B . 
L 5 HOH 40 68 88  HOH TIP B . 
L 5 HOH 41 69 90  HOH TIP B . 
L 5 HOH 42 70 91  HOH TIP B . 
L 5 HOH 43 71 93  HOH TIP B . 
L 5 HOH 44 72 94  HOH TIP B . 
L 5 HOH 45 73 96  HOH TIP B . 
L 5 HOH 46 74 97  HOH TIP B . 
L 5 HOH 47 75 98  HOH TIP B . 
L 5 HOH 48 76 99  HOH TIP B . 
L 5 HOH 49 77 101 HOH TIP B . 
L 5 HOH 50 78 102 HOH TIP B . 
L 5 HOH 51 79 104 HOH TIP B . 
L 5 HOH 52 80 110 HOH TIP B . 
L 5 HOH 53 81 111 HOH TIP B . 
L 5 HOH 54 82 118 HOH TIP B . 
L 5 HOH 55 83 120 HOH TIP B . 
L 5 HOH 56 84 121 HOH TIP B . 
L 5 HOH 57 85 122 HOH TIP B . 
L 5 HOH 58 86 125 HOH TIP B . 
L 5 HOH 59 87 126 HOH TIP B . 
L 5 HOH 60 88 127 HOH TIP B . 
L 5 HOH 61 89 128 HOH TIP B . 
L 5 HOH 62 90 131 HOH TIP B . 
L 5 HOH 63 91 132 HOH TIP B . 
L 5 HOH 64 92 133 HOH TIP B . 
L 5 HOH 65 93 134 HOH TIP B . 
L 5 HOH 66 94 135 HOH TIP B . 
L 5 HOH 67 95 136 HOH TIP B . 
L 5 HOH 68 96 137 HOH TIP B . 
L 5 HOH 69 97 139 HOH TIP B . 
# 
_struct_site_keywords.site_id   1 
_struct_site_keywords.text      'MAJOR GROOVE BINDER' 
# 
_pdbx_struct_assembly.id                   1 
_pdbx_struct_assembly.details              author_and_software_defined_assembly 
_pdbx_struct_assembly.method_details       PISA 
_pdbx_struct_assembly.oligomeric_details   dimeric 
_pdbx_struct_assembly.oligomeric_count     2 
# 
_pdbx_struct_assembly_gen.assembly_id       1 
_pdbx_struct_assembly_gen.oper_expression   1 
_pdbx_struct_assembly_gen.asym_id_list      A,B,C,D,E,F,G,H,I,J,K,L 
# 
loop_
_pdbx_struct_assembly_prop.biol_id 
_pdbx_struct_assembly_prop.type 
_pdbx_struct_assembly_prop.value 
_pdbx_struct_assembly_prop.details 
1 'ABSA (A^2)' 5750 ? 
1 MORE         -71  ? 
1 'SSA (A^2)'  7860 ? 
# 
_pdbx_struct_oper_list.id                   1 
_pdbx_struct_oper_list.type                 'identity operation' 
_pdbx_struct_oper_list.name                 1_555 
_pdbx_struct_oper_list.symmetry_operation   x,y,z 
_pdbx_struct_oper_list.matrix[1][1]         1.0000000000 
_pdbx_struct_oper_list.matrix[1][2]         0.0000000000 
_pdbx_struct_oper_list.matrix[1][3]         0.0000000000 
_pdbx_struct_oper_list.vector[1]            0.0000000000 
_pdbx_struct_oper_list.matrix[2][1]         0.0000000000 
_pdbx_struct_oper_list.matrix[2][2]         1.0000000000 
_pdbx_struct_oper_list.matrix[2][3]         0.0000000000 
_pdbx_struct_oper_list.vector[2]            0.0000000000 
_pdbx_struct_oper_list.matrix[3][1]         0.0000000000 
_pdbx_struct_oper_list.matrix[3][2]         0.0000000000 
_pdbx_struct_oper_list.matrix[3][3]         1.0000000000 
_pdbx_struct_oper_list.vector[3]            0.0000000000 
# 
loop_
_pdbx_struct_special_symmetry.id 
_pdbx_struct_special_symmetry.PDB_model_num 
_pdbx_struct_special_symmetry.auth_asym_id 
_pdbx_struct_special_symmetry.auth_comp_id 
_pdbx_struct_special_symmetry.auth_seq_id 
_pdbx_struct_special_symmetry.PDB_ins_code 
_pdbx_struct_special_symmetry.label_asym_id 
_pdbx_struct_special_symmetry.label_comp_id 
_pdbx_struct_special_symmetry.label_seq_id 
1 1 A HOH 96 ? K HOH . 
2 1 B HOH 63 ? L HOH . 
# 
loop_
_pdbx_struct_conn_angle.id 
_pdbx_struct_conn_angle.ptnr1_label_atom_id 
_pdbx_struct_conn_angle.ptnr1_label_alt_id 
_pdbx_struct_conn_angle.ptnr1_label_asym_id 
_pdbx_struct_conn_angle.ptnr1_label_comp_id 
_pdbx_struct_conn_angle.ptnr1_label_seq_id 
_pdbx_struct_conn_angle.ptnr1_auth_atom_id 
_pdbx_struct_conn_angle.ptnr1_auth_asym_id 
_pdbx_struct_conn_angle.ptnr1_auth_comp_id 
_pdbx_struct_conn_angle.ptnr1_auth_seq_id 
_pdbx_struct_conn_angle.ptnr1_PDB_ins_code 
_pdbx_struct_conn_angle.ptnr1_symmetry 
_pdbx_struct_conn_angle.ptnr2_label_atom_id 
_pdbx_struct_conn_angle.ptnr2_label_alt_id 
_pdbx_struct_conn_angle.ptnr2_label_asym_id 
_pdbx_struct_conn_angle.ptnr2_label_comp_id 
_pdbx_struct_conn_angle.ptnr2_label_seq_id 
_pdbx_struct_conn_angle.ptnr2_auth_atom_id 
_pdbx_struct_conn_angle.ptnr2_auth_asym_id 
_pdbx_struct_conn_angle.ptnr2_auth_comp_id 
_pdbx_struct_conn_angle.ptnr2_auth_seq_id 
_pdbx_struct_conn_angle.ptnr2_PDB_ins_code 
_pdbx_struct_conn_angle.ptnr2_symmetry 
_pdbx_struct_conn_angle.ptnr3_label_atom_id 
_pdbx_struct_conn_angle.ptnr3_label_alt_id 
_pdbx_struct_conn_angle.ptnr3_label_asym_id 
_pdbx_struct_conn_angle.ptnr3_label_comp_id 
_pdbx_struct_conn_angle.ptnr3_label_seq_id 
_pdbx_struct_conn_angle.ptnr3_auth_atom_id 
_pdbx_struct_conn_angle.ptnr3_auth_asym_id 
_pdbx_struct_conn_angle.ptnr3_auth_comp_id 
_pdbx_struct_conn_angle.ptnr3_auth_seq_id 
_pdbx_struct_conn_angle.ptnr3_PDB_ins_code 
_pdbx_struct_conn_angle.ptnr3_symmetry 
_pdbx_struct_conn_angle.value 
_pdbx_struct_conn_angle.value_esd 
1 "O4'" ? A A   8 ? A A   8  ? 1_555 K ? D K . ? A K 25 ? 1_555 O  ? K HOH . ? A HOH 91 ? 1_555 137.0 ? 
2 O4    ? B U   3 ? B U   3  ? 1_555 K ? G K . ? B K 25 ? 1_555 O6 ? B G   4 ? B G   4  ? 1_555 70.3  ? 
3 O4    ? B U   3 ? B U   3  ? 1_555 K ? G K . ? B K 25 ? 1_555 O  ? L HOH . ? B HOH 34 ? 1_555 76.3  ? 
4 O6    ? B G   4 ? B G   4  ? 1_555 K ? G K . ? B K 25 ? 1_555 O  ? L HOH . ? B HOH 34 ? 1_555 83.4  ? 
5 N32   ? F PAR . ? B PAR 24 ? 1_555 K ? H K . ? B K 26 ? 1_555 O  ? L HOH . ? B HOH 62 ? 1_555 101.9 ? 
# 
loop_
_pdbx_audit_revision_history.ordinal 
_pdbx_audit_revision_history.data_content_type 
_pdbx_audit_revision_history.major_revision 
_pdbx_audit_revision_history.minor_revision 
_pdbx_audit_revision_history.revision_date 
1 'Structure model' 1 0 2008-05-06 
2 'Structure model' 1 1 2011-07-13 
3 'Structure model' 1 2 2023-11-01 
# 
_pdbx_audit_revision_details.ordinal             1 
_pdbx_audit_revision_details.revision_ordinal    1 
_pdbx_audit_revision_details.data_content_type   'Structure model' 
_pdbx_audit_revision_details.provider            repository 
_pdbx_audit_revision_details.type                'Initial release' 
_pdbx_audit_revision_details.description         ? 
_pdbx_audit_revision_details.details             ? 
# 
loop_
_pdbx_audit_revision_group.ordinal 
_pdbx_audit_revision_group.revision_ordinal 
_pdbx_audit_revision_group.data_content_type 
_pdbx_audit_revision_group.group 
1 2 'Structure model' 'Version format compliance' 
2 3 'Structure model' 'Data collection'           
3 3 'Structure model' 'Database references'       
4 3 'Structure model' 'Derived calculations'      
5 3 'Structure model' 'Refinement description'    
6 3 'Structure model' 'Structure summary'         
# 
loop_
_pdbx_audit_revision_category.ordinal 
_pdbx_audit_revision_category.revision_ordinal 
_pdbx_audit_revision_category.data_content_type 
_pdbx_audit_revision_category.category 
1 3 'Structure model' chem_comp                     
2 3 'Structure model' chem_comp_atom                
3 3 'Structure model' chem_comp_bond                
4 3 'Structure model' database_2                    
5 3 'Structure model' pdbx_initial_refinement_model 
6 3 'Structure model' struct_conn                   
7 3 'Structure model' struct_site                   
# 
loop_
_pdbx_audit_revision_item.ordinal 
_pdbx_audit_revision_item.revision_ordinal 
_pdbx_audit_revision_item.data_content_type 
_pdbx_audit_revision_item.item 
1  3 'Structure model' '_chem_comp.pdbx_synonyms'            
2  3 'Structure model' '_database_2.pdbx_DOI'                
3  3 'Structure model' '_database_2.pdbx_database_accession' 
4  3 'Structure model' '_struct_conn.pdbx_dist_value'        
5  3 'Structure model' '_struct_conn.ptnr1_auth_asym_id'     
6  3 'Structure model' '_struct_conn.ptnr1_auth_comp_id'     
7  3 'Structure model' '_struct_conn.ptnr1_auth_seq_id'      
8  3 'Structure model' '_struct_conn.ptnr1_label_asym_id'    
9  3 'Structure model' '_struct_conn.ptnr1_label_atom_id'    
10 3 'Structure model' '_struct_conn.ptnr1_label_comp_id'    
11 3 'Structure model' '_struct_conn.ptnr1_label_seq_id'     
12 3 'Structure model' '_struct_conn.ptnr2_auth_asym_id'     
13 3 'Structure model' '_struct_conn.ptnr2_auth_comp_id'     
14 3 'Structure model' '_struct_conn.ptnr2_auth_seq_id'      
15 3 'Structure model' '_struct_conn.ptnr2_label_asym_id'    
16 3 'Structure model' '_struct_conn.ptnr2_label_atom_id'    
17 3 'Structure model' '_struct_conn.ptnr2_label_comp_id'    
18 3 'Structure model' '_struct_site.pdbx_auth_asym_id'      
19 3 'Structure model' '_struct_site.pdbx_auth_comp_id'      
20 3 'Structure model' '_struct_site.pdbx_auth_seq_id'       
# 
loop_
_software.name 
_software.classification 
_software.version 
_software.citation_id 
_software.pdbx_ordinal 
CNS       refinement        1.1 ? 1 
DNA       'data collection' .   ? 2 
DENZO     'data reduction'  .   ? 3 
SCALEPACK 'data scaling'    .   ? 4 
CNS       phasing           .   ? 5 
# 
loop_
_chem_comp_atom.comp_id 
_chem_comp_atom.atom_id 
_chem_comp_atom.type_symbol 
_chem_comp_atom.pdbx_aromatic_flag 
_chem_comp_atom.pdbx_stereo_config 
_chem_comp_atom.pdbx_ordinal 
A   OP3    O  N N 1   
A   P      P  N N 2   
A   OP1    O  N N 3   
A   OP2    O  N N 4   
A   "O5'"  O  N N 5   
A   "C5'"  C  N N 6   
A   "C4'"  C  N R 7   
A   "O4'"  O  N N 8   
A   "C3'"  C  N S 9   
A   "O3'"  O  N N 10  
A   "C2'"  C  N R 11  
A   "O2'"  O  N N 12  
A   "C1'"  C  N R 13  
A   N9     N  Y N 14  
A   C8     C  Y N 15  
A   N7     N  Y N 16  
A   C5     C  Y N 17  
A   C6     C  Y N 18  
A   N6     N  N N 19  
A   N1     N  Y N 20  
A   C2     C  Y N 21  
A   N3     N  Y N 22  
A   C4     C  Y N 23  
A   HOP3   H  N N 24  
A   HOP2   H  N N 25  
A   "H5'"  H  N N 26  
A   "H5''" H  N N 27  
A   "H4'"  H  N N 28  
A   "H3'"  H  N N 29  
A   "HO3'" H  N N 30  
A   "H2'"  H  N N 31  
A   "HO2'" H  N N 32  
A   "H1'"  H  N N 33  
A   H8     H  N N 34  
A   H61    H  N N 35  
A   H62    H  N N 36  
A   H2     H  N N 37  
C   OP3    O  N N 38  
C   P      P  N N 39  
C   OP1    O  N N 40  
C   OP2    O  N N 41  
C   "O5'"  O  N N 42  
C   "C5'"  C  N N 43  
C   "C4'"  C  N R 44  
C   "O4'"  O  N N 45  
C   "C3'"  C  N S 46  
C   "O3'"  O  N N 47  
C   "C2'"  C  N R 48  
C   "O2'"  O  N N 49  
C   "C1'"  C  N R 50  
C   N1     N  N N 51  
C   C2     C  N N 52  
C   O2     O  N N 53  
C   N3     N  N N 54  
C   C4     C  N N 55  
C   N4     N  N N 56  
C   C5     C  N N 57  
C   C6     C  N N 58  
C   HOP3   H  N N 59  
C   HOP2   H  N N 60  
C   "H5'"  H  N N 61  
C   "H5''" H  N N 62  
C   "H4'"  H  N N 63  
C   "H3'"  H  N N 64  
C   "HO3'" H  N N 65  
C   "H2'"  H  N N 66  
C   "HO2'" H  N N 67  
C   "H1'"  H  N N 68  
C   H41    H  N N 69  
C   H42    H  N N 70  
C   H5     H  N N 71  
C   H6     H  N N 72  
CL  CL     CL N N 73  
G   OP3    O  N N 74  
G   P      P  N N 75  
G   OP1    O  N N 76  
G   OP2    O  N N 77  
G   "O5'"  O  N N 78  
G   "C5'"  C  N N 79  
G   "C4'"  C  N R 80  
G   "O4'"  O  N N 81  
G   "C3'"  C  N S 82  
G   "O3'"  O  N N 83  
G   "C2'"  C  N R 84  
G   "O2'"  O  N N 85  
G   "C1'"  C  N R 86  
G   N9     N  Y N 87  
G   C8     C  Y N 88  
G   N7     N  Y N 89  
G   C5     C  Y N 90  
G   C6     C  N N 91  
G   O6     O  N N 92  
G   N1     N  N N 93  
G   C2     C  N N 94  
G   N2     N  N N 95  
G   N3     N  N N 96  
G   C4     C  Y N 97  
G   HOP3   H  N N 98  
G   HOP2   H  N N 99  
G   "H5'"  H  N N 100 
G   "H5''" H  N N 101 
G   "H4'"  H  N N 102 
G   "H3'"  H  N N 103 
G   "HO3'" H  N N 104 
G   "H2'"  H  N N 105 
G   "HO2'" H  N N 106 
G   "H1'"  H  N N 107 
G   H8     H  N N 108 
G   H1     H  N N 109 
G   H21    H  N N 110 
G   H22    H  N N 111 
HOH O      O  N N 112 
HOH H1     H  N N 113 
HOH H2     H  N N 114 
K   K      K  N N 115 
PAR C11    C  N S 116 
PAR O11    O  N N 117 
PAR C21    C  N R 118 
PAR N21    N  N N 119 
PAR C31    C  N R 120 
PAR O31    O  N N 121 
PAR C41    C  N S 122 
PAR O41    O  N N 123 
PAR C51    C  N R 124 
PAR O51    O  N N 125 
PAR C61    C  N N 126 
PAR O61    O  N N 127 
PAR C12    C  N R 128 
PAR N12    N  N N 129 
PAR C22    C  N N 130 
PAR C32    C  N S 131 
PAR N32    N  N N 132 
PAR C42    C  N R 133 
PAR C52    C  N R 134 
PAR O52    O  N N 135 
PAR C62    C  N S 136 
PAR O62    O  N N 137 
PAR C13    C  N S 138 
PAR C23    C  N R 139 
PAR O23    O  N N 140 
PAR C33    C  N S 141 
PAR O33    O  N N 142 
PAR C43    C  N R 143 
PAR O43    O  N N 144 
PAR C53    C  N N 145 
PAR O53    O  N N 146 
PAR C14    C  N R 147 
PAR C24    C  N R 148 
PAR N24    N  N N 149 
PAR C34    C  N R 150 
PAR O34    O  N N 151 
PAR C44    C  N S 152 
PAR O44    O  N N 153 
PAR C54    C  N S 154 
PAR O54    O  N N 155 
PAR C64    C  N N 156 
PAR N64    N  N N 157 
PAR H11    H  N N 158 
PAR H21    H  N N 159 
PAR HN21   H  N N 160 
PAR HN22   H  N N 161 
PAR H31    H  N N 162 
PAR HO31   H  N N 163 
PAR H41    H  N N 164 
PAR HO41   H  N N 165 
PAR H51    H  N N 166 
PAR H611   H  N N 167 
PAR H612   H  N N 168 
PAR HO61   H  N N 169 
PAR H12    H  N N 170 
PAR H121   H  N N 171 
PAR H122   H  N N 172 
PAR H221   H  N N 173 
PAR H222   H  N N 174 
PAR H32    H  N N 175 
PAR H321   H  N N 176 
PAR H322   H  N N 177 
PAR H42    H  N N 178 
PAR H52    H  N N 179 
PAR H62    H  N N 180 
PAR HO62   H  N N 181 
PAR H13    H  N N 182 
PAR H23    H  N N 183 
PAR HO23   H  N N 184 
PAR H33    H  N N 185 
PAR H43    H  N N 186 
PAR H531   H  N N 187 
PAR H532   H  N N 188 
PAR HO53   H  N N 189 
PAR H14    H  N N 190 
PAR H24    H  N N 191 
PAR H241   H  N N 192 
PAR H242   H  N N 193 
PAR H34    H  N N 194 
PAR HO34   H  N N 195 
PAR H44    H  N N 196 
PAR HO44   H  N N 197 
PAR H54    H  N N 198 
PAR H641   H  N N 199 
PAR H642   H  N N 200 
PAR HN61   H  N N 201 
PAR HN62   H  N N 202 
U   OP3    O  N N 203 
U   P      P  N N 204 
U   OP1    O  N N 205 
U   OP2    O  N N 206 
U   "O5'"  O  N N 207 
U   "C5'"  C  N N 208 
U   "C4'"  C  N R 209 
U   "O4'"  O  N N 210 
U   "C3'"  C  N S 211 
U   "O3'"  O  N N 212 
U   "C2'"  C  N R 213 
U   "O2'"  O  N N 214 
U   "C1'"  C  N R 215 
U   N1     N  N N 216 
U   C2     C  N N 217 
U   O2     O  N N 218 
U   N3     N  N N 219 
U   C4     C  N N 220 
U   O4     O  N N 221 
U   C5     C  N N 222 
U   C6     C  N N 223 
U   HOP3   H  N N 224 
U   HOP2   H  N N 225 
U   "H5'"  H  N N 226 
U   "H5''" H  N N 227 
U   "H4'"  H  N N 228 
U   "H3'"  H  N N 229 
U   "HO3'" H  N N 230 
U   "H2'"  H  N N 231 
U   "HO2'" H  N N 232 
U   "H1'"  H  N N 233 
U   H3     H  N N 234 
U   H5     H  N N 235 
U   H6     H  N N 236 
# 
loop_
_chem_comp_bond.comp_id 
_chem_comp_bond.atom_id_1 
_chem_comp_bond.atom_id_2 
_chem_comp_bond.value_order 
_chem_comp_bond.pdbx_aromatic_flag 
_chem_comp_bond.pdbx_stereo_config 
_chem_comp_bond.pdbx_ordinal 
A   OP3   P      sing N N 1   
A   OP3   HOP3   sing N N 2   
A   P     OP1    doub N N 3   
A   P     OP2    sing N N 4   
A   P     "O5'"  sing N N 5   
A   OP2   HOP2   sing N N 6   
A   "O5'" "C5'"  sing N N 7   
A   "C5'" "C4'"  sing N N 8   
A   "C5'" "H5'"  sing N N 9   
A   "C5'" "H5''" sing N N 10  
A   "C4'" "O4'"  sing N N 11  
A   "C4'" "C3'"  sing N N 12  
A   "C4'" "H4'"  sing N N 13  
A   "O4'" "C1'"  sing N N 14  
A   "C3'" "O3'"  sing N N 15  
A   "C3'" "C2'"  sing N N 16  
A   "C3'" "H3'"  sing N N 17  
A   "O3'" "HO3'" sing N N 18  
A   "C2'" "O2'"  sing N N 19  
A   "C2'" "C1'"  sing N N 20  
A   "C2'" "H2'"  sing N N 21  
A   "O2'" "HO2'" sing N N 22  
A   "C1'" N9     sing N N 23  
A   "C1'" "H1'"  sing N N 24  
A   N9    C8     sing Y N 25  
A   N9    C4     sing Y N 26  
A   C8    N7     doub Y N 27  
A   C8    H8     sing N N 28  
A   N7    C5     sing Y N 29  
A   C5    C6     sing Y N 30  
A   C5    C4     doub Y N 31  
A   C6    N6     sing N N 32  
A   C6    N1     doub Y N 33  
A   N6    H61    sing N N 34  
A   N6    H62    sing N N 35  
A   N1    C2     sing Y N 36  
A   C2    N3     doub Y N 37  
A   C2    H2     sing N N 38  
A   N3    C4     sing Y N 39  
C   OP3   P      sing N N 40  
C   OP3   HOP3   sing N N 41  
C   P     OP1    doub N N 42  
C   P     OP2    sing N N 43  
C   P     "O5'"  sing N N 44  
C   OP2   HOP2   sing N N 45  
C   "O5'" "C5'"  sing N N 46  
C   "C5'" "C4'"  sing N N 47  
C   "C5'" "H5'"  sing N N 48  
C   "C5'" "H5''" sing N N 49  
C   "C4'" "O4'"  sing N N 50  
C   "C4'" "C3'"  sing N N 51  
C   "C4'" "H4'"  sing N N 52  
C   "O4'" "C1'"  sing N N 53  
C   "C3'" "O3'"  sing N N 54  
C   "C3'" "C2'"  sing N N 55  
C   "C3'" "H3'"  sing N N 56  
C   "O3'" "HO3'" sing N N 57  
C   "C2'" "O2'"  sing N N 58  
C   "C2'" "C1'"  sing N N 59  
C   "C2'" "H2'"  sing N N 60  
C   "O2'" "HO2'" sing N N 61  
C   "C1'" N1     sing N N 62  
C   "C1'" "H1'"  sing N N 63  
C   N1    C2     sing N N 64  
C   N1    C6     sing N N 65  
C   C2    O2     doub N N 66  
C   C2    N3     sing N N 67  
C   N3    C4     doub N N 68  
C   C4    N4     sing N N 69  
C   C4    C5     sing N N 70  
C   N4    H41    sing N N 71  
C   N4    H42    sing N N 72  
C   C5    C6     doub N N 73  
C   C5    H5     sing N N 74  
C   C6    H6     sing N N 75  
G   OP3   P      sing N N 76  
G   OP3   HOP3   sing N N 77  
G   P     OP1    doub N N 78  
G   P     OP2    sing N N 79  
G   P     "O5'"  sing N N 80  
G   OP2   HOP2   sing N N 81  
G   "O5'" "C5'"  sing N N 82  
G   "C5'" "C4'"  sing N N 83  
G   "C5'" "H5'"  sing N N 84  
G   "C5'" "H5''" sing N N 85  
G   "C4'" "O4'"  sing N N 86  
G   "C4'" "C3'"  sing N N 87  
G   "C4'" "H4'"  sing N N 88  
G   "O4'" "C1'"  sing N N 89  
G   "C3'" "O3'"  sing N N 90  
G   "C3'" "C2'"  sing N N 91  
G   "C3'" "H3'"  sing N N 92  
G   "O3'" "HO3'" sing N N 93  
G   "C2'" "O2'"  sing N N 94  
G   "C2'" "C1'"  sing N N 95  
G   "C2'" "H2'"  sing N N 96  
G   "O2'" "HO2'" sing N N 97  
G   "C1'" N9     sing N N 98  
G   "C1'" "H1'"  sing N N 99  
G   N9    C8     sing Y N 100 
G   N9    C4     sing Y N 101 
G   C8    N7     doub Y N 102 
G   C8    H8     sing N N 103 
G   N7    C5     sing Y N 104 
G   C5    C6     sing N N 105 
G   C5    C4     doub Y N 106 
G   C6    O6     doub N N 107 
G   C6    N1     sing N N 108 
G   N1    C2     sing N N 109 
G   N1    H1     sing N N 110 
G   C2    N2     sing N N 111 
G   C2    N3     doub N N 112 
G   N2    H21    sing N N 113 
G   N2    H22    sing N N 114 
G   N3    C4     sing N N 115 
HOH O     H1     sing N N 116 
HOH O     H2     sing N N 117 
PAR C11   O11    sing N N 118 
PAR C11   C21    sing N N 119 
PAR C11   O51    sing N N 120 
PAR C11   H11    sing N N 121 
PAR O11   C42    sing N N 122 
PAR C21   N21    sing N N 123 
PAR C21   C31    sing N N 124 
PAR C21   H21    sing N N 125 
PAR N21   HN21   sing N N 126 
PAR N21   HN22   sing N N 127 
PAR C31   O31    sing N N 128 
PAR C31   C41    sing N N 129 
PAR C31   H31    sing N N 130 
PAR O31   HO31   sing N N 131 
PAR C41   O41    sing N N 132 
PAR C41   C51    sing N N 133 
PAR C41   H41    sing N N 134 
PAR O41   HO41   sing N N 135 
PAR C51   O51    sing N N 136 
PAR C51   C61    sing N N 137 
PAR C51   H51    sing N N 138 
PAR C61   O61    sing N N 139 
PAR C61   H611   sing N N 140 
PAR C61   H612   sing N N 141 
PAR O61   HO61   sing N N 142 
PAR C12   N12    sing N N 143 
PAR C12   C22    sing N N 144 
PAR C12   C62    sing N N 145 
PAR C12   H12    sing N N 146 
PAR N12   H121   sing N N 147 
PAR N12   H122   sing N N 148 
PAR C22   C32    sing N N 149 
PAR C22   H221   sing N N 150 
PAR C22   H222   sing N N 151 
PAR C32   N32    sing N N 152 
PAR C32   C42    sing N N 153 
PAR C32   H32    sing N N 154 
PAR N32   H321   sing N N 155 
PAR N32   H322   sing N N 156 
PAR C42   C52    sing N N 157 
PAR C42   H42    sing N N 158 
PAR C52   O52    sing N N 159 
PAR C52   C62    sing N N 160 
PAR C52   H52    sing N N 161 
PAR O52   C13    sing N N 162 
PAR C62   O62    sing N N 163 
PAR C62   H62    sing N N 164 
PAR O62   HO62   sing N N 165 
PAR C13   C23    sing N N 166 
PAR C13   O43    sing N N 167 
PAR C13   H13    sing N N 168 
PAR C23   O23    sing N N 169 
PAR C23   C33    sing N N 170 
PAR C23   H23    sing N N 171 
PAR O23   HO23   sing N N 172 
PAR C33   O33    sing N N 173 
PAR C33   C43    sing N N 174 
PAR C33   H33    sing N N 175 
PAR O33   C14    sing N N 176 
PAR C43   O43    sing N N 177 
PAR C43   C53    sing N N 178 
PAR C43   H43    sing N N 179 
PAR C53   O53    sing N N 180 
PAR C53   H531   sing N N 181 
PAR C53   H532   sing N N 182 
PAR O53   HO53   sing N N 183 
PAR C14   C24    sing N N 184 
PAR C14   O54    sing N N 185 
PAR C14   H14    sing N N 186 
PAR C24   N24    sing N N 187 
PAR C24   C34    sing N N 188 
PAR C24   H24    sing N N 189 
PAR N24   H241   sing N N 190 
PAR N24   H242   sing N N 191 
PAR C34   O34    sing N N 192 
PAR C34   C44    sing N N 193 
PAR C34   H34    sing N N 194 
PAR O34   HO34   sing N N 195 
PAR C44   O44    sing N N 196 
PAR C44   C54    sing N N 197 
PAR C44   H44    sing N N 198 
PAR O44   HO44   sing N N 199 
PAR C54   O54    sing N N 200 
PAR C54   C64    sing N N 201 
PAR C54   H54    sing N N 202 
PAR C64   N64    sing N N 203 
PAR C64   H641   sing N N 204 
PAR C64   H642   sing N N 205 
PAR N64   HN61   sing N N 206 
PAR N64   HN62   sing N N 207 
U   OP3   P      sing N N 208 
U   OP3   HOP3   sing N N 209 
U   P     OP1    doub N N 210 
U   P     OP2    sing N N 211 
U   P     "O5'"  sing N N 212 
U   OP2   HOP2   sing N N 213 
U   "O5'" "C5'"  sing N N 214 
U   "C5'" "C4'"  sing N N 215 
U   "C5'" "H5'"  sing N N 216 
U   "C5'" "H5''" sing N N 217 
U   "C4'" "O4'"  sing N N 218 
U   "C4'" "C3'"  sing N N 219 
U   "C4'" "H4'"  sing N N 220 
U   "O4'" "C1'"  sing N N 221 
U   "C3'" "O3'"  sing N N 222 
U   "C3'" "C2'"  sing N N 223 
U   "C3'" "H3'"  sing N N 224 
U   "O3'" "HO3'" sing N N 225 
U   "C2'" "O2'"  sing N N 226 
U   "C2'" "C1'"  sing N N 227 
U   "C2'" "H2'"  sing N N 228 
U   "O2'" "HO2'" sing N N 229 
U   "C1'" N1     sing N N 230 
U   "C1'" "H1'"  sing N N 231 
U   N1    C2     sing N N 232 
U   N1    C6     sing N N 233 
U   C2    O2     doub N N 234 
U   C2    N3     sing N N 235 
U   N3    C4     sing N N 236 
U   N3    H3     sing N N 237 
U   C4    O4     doub N N 238 
U   C4    C5     sing N N 239 
U   C5    C6     doub N N 240 
U   C5    H5     sing N N 241 
U   C6    H6     sing N N 242 
# 
loop_
_ndb_struct_conf_na.entry_id 
_ndb_struct_conf_na.feature 
3C44 'double helix'        
3C44 'a-form double helix' 
3C44 'internal loop'       
# 
loop_
_ndb_struct_na_base_pair.model_number 
_ndb_struct_na_base_pair.i_label_asym_id 
_ndb_struct_na_base_pair.i_label_comp_id 
_ndb_struct_na_base_pair.i_label_seq_id 
_ndb_struct_na_base_pair.i_symmetry 
_ndb_struct_na_base_pair.j_label_asym_id 
_ndb_struct_na_base_pair.j_label_comp_id 
_ndb_struct_na_base_pair.j_label_seq_id 
_ndb_struct_na_base_pair.j_symmetry 
_ndb_struct_na_base_pair.shear 
_ndb_struct_na_base_pair.stretch 
_ndb_struct_na_base_pair.stagger 
_ndb_struct_na_base_pair.buckle 
_ndb_struct_na_base_pair.propeller 
_ndb_struct_na_base_pair.opening 
_ndb_struct_na_base_pair.pair_number 
_ndb_struct_na_base_pair.pair_name 
_ndb_struct_na_base_pair.i_auth_asym_id 
_ndb_struct_na_base_pair.i_auth_seq_id 
_ndb_struct_na_base_pair.i_PDB_ins_code 
_ndb_struct_na_base_pair.j_auth_asym_id 
_ndb_struct_na_base_pair.j_auth_seq_id 
_ndb_struct_na_base_pair.j_PDB_ins_code 
_ndb_struct_na_base_pair.hbond_type_28 
_ndb_struct_na_base_pair.hbond_type_12 
1 A C 1  1_555 B G 23 1_555 -0.023 -0.160 0.004  5.628   -22.253 -4.421 1  A_C1:G23_B  A 1  ? B 23 ? 19 1 
1 A U 2  1_555 B A 22 1_555 0.252  -0.229 0.395  -6.883  -20.139 1.127  2  A_U2:A22_B  A 2  ? B 22 ? 20 1 
1 A U 3  1_555 B A 21 1_555 -1.002 -0.128 -0.064 -2.287  -11.234 0.173  3  A_U3:A21_B  A 3  ? B 21 ? 20 1 
1 A G 4  1_555 B C 20 1_555 0.344  -0.274 0.008  2.223   -12.095 -1.947 4  A_G4:C20_B  A 4  ? B 20 ? 19 1 
1 A C 5  1_555 B G 19 1_555 0.193  -0.102 -0.067 10.164  -14.875 0.653  5  A_C5:G19_B  A 5  ? B 19 ? 19 1 
1 A U 6  1_555 B A 18 1_555 -0.159 0.028  0.135  2.542   -21.127 4.635  6  A_U6:A18_B  A 6  ? B 18 ? 20 1 
1 A G 7  1_555 B C 17 1_555 -0.135 -0.162 -0.171 -12.832 -23.187 4.721  7  A_G7:C17_B  A 7  ? B 17 ? 19 1 
1 A G 10 1_555 B C 15 1_555 -0.240 -0.253 0.074  -1.325  -7.258  -3.225 8  A_G10:C15_B A 10 ? B 15 ? 19 1 
1 A U 11 1_555 B A 14 1_555 -0.224 -0.264 -0.021 -1.577  -11.171 -4.379 9  A_U11:A14_B A 11 ? B 14 ? 20 1 
1 A G 12 1_555 B C 13 1_555 -0.419 -0.258 -0.227 -4.145  -9.716  1.608  10 A_G12:C13_B A 12 ? B 13 ? 19 1 
1 A C 13 1_555 B G 12 1_555 0.246  -0.175 -0.154 4.422   -9.210  -0.152 11 A_C13:G12_B A 13 ? B 12 ? 19 1 
1 A A 14 1_555 B U 11 1_555 0.206  -0.170 -0.039 1.345   -5.506  -0.585 12 A_A14:U11_B A 14 ? B 11 ? 20 1 
1 A C 15 1_555 B G 10 1_555 0.374  -0.290 -0.082 5.686   -2.260  -0.408 13 A_C15:G10_B A 15 ? B 10 ? 19 1 
1 A C 17 1_555 B G 7  1_555 0.553  -0.214 0.156  2.015   -16.185 2.117  14 A_C17:G7_B  A 17 ? B 7  ? 19 1 
1 A A 18 1_555 B U 6  1_555 0.098  -0.278 0.449  3.547   -5.760  0.773  15 A_A18:U6_B  A 18 ? B 6  ? 20 1 
1 A G 19 1_555 B C 5  1_555 -0.406 -0.219 0.272  4.477   -14.790 -0.843 16 A_G19:C5_B  A 19 ? B 5  ? 19 1 
1 A C 20 1_555 B G 4  1_555 0.154  -0.049 0.246  -1.764  -12.401 2.894  17 A_C20:G4_B  A 20 ? B 4  ? 19 1 
1 A A 21 1_555 B U 3  1_555 -0.178 -0.226 0.227  -0.506  -14.643 -4.346 18 A_A21:U3_B  A 21 ? B 3  ? 20 1 
1 A A 22 1_555 B U 2  1_555 0.550  -0.123 0.752  0.739   -13.703 5.247  19 A_A22:U2_B  A 22 ? B 2  ? 20 1 
1 A G 23 1_555 B C 1  1_555 0.684  -0.465 0.371  -6.972  -14.927 -5.066 20 A_G23:C1_B  A 23 ? B 1  ? 19 1 
# 
loop_
_ndb_struct_na_base_pair_step.model_number 
_ndb_struct_na_base_pair_step.i_label_asym_id_1 
_ndb_struct_na_base_pair_step.i_label_comp_id_1 
_ndb_struct_na_base_pair_step.i_label_seq_id_1 
_ndb_struct_na_base_pair_step.i_symmetry_1 
_ndb_struct_na_base_pair_step.j_label_asym_id_1 
_ndb_struct_na_base_pair_step.j_label_comp_id_1 
_ndb_struct_na_base_pair_step.j_label_seq_id_1 
_ndb_struct_na_base_pair_step.j_symmetry_1 
_ndb_struct_na_base_pair_step.i_label_asym_id_2 
_ndb_struct_na_base_pair_step.i_label_comp_id_2 
_ndb_struct_na_base_pair_step.i_label_seq_id_2 
_ndb_struct_na_base_pair_step.i_symmetry_2 
_ndb_struct_na_base_pair_step.j_label_asym_id_2 
_ndb_struct_na_base_pair_step.j_label_comp_id_2 
_ndb_struct_na_base_pair_step.j_label_seq_id_2 
_ndb_struct_na_base_pair_step.j_symmetry_2 
_ndb_struct_na_base_pair_step.shift 
_ndb_struct_na_base_pair_step.slide 
_ndb_struct_na_base_pair_step.rise 
_ndb_struct_na_base_pair_step.tilt 
_ndb_struct_na_base_pair_step.roll 
_ndb_struct_na_base_pair_step.twist 
_ndb_struct_na_base_pair_step.x_displacement 
_ndb_struct_na_base_pair_step.y_displacement 
_ndb_struct_na_base_pair_step.helical_rise 
_ndb_struct_na_base_pair_step.inclination 
_ndb_struct_na_base_pair_step.tip 
_ndb_struct_na_base_pair_step.helical_twist 
_ndb_struct_na_base_pair_step.step_number 
_ndb_struct_na_base_pair_step.step_name 
_ndb_struct_na_base_pair_step.i_auth_asym_id_1 
_ndb_struct_na_base_pair_step.i_auth_seq_id_1 
_ndb_struct_na_base_pair_step.i_PDB_ins_code_1 
_ndb_struct_na_base_pair_step.j_auth_asym_id_1 
_ndb_struct_na_base_pair_step.j_auth_seq_id_1 
_ndb_struct_na_base_pair_step.j_PDB_ins_code_1 
_ndb_struct_na_base_pair_step.i_auth_asym_id_2 
_ndb_struct_na_base_pair_step.i_auth_seq_id_2 
_ndb_struct_na_base_pair_step.i_PDB_ins_code_2 
_ndb_struct_na_base_pair_step.j_auth_asym_id_2 
_ndb_struct_na_base_pair_step.j_auth_seq_id_2 
_ndb_struct_na_base_pair_step.j_PDB_ins_code_2 
1 A C 1  1_555 B G 23 1_555 A U 2  1_555 B A 22 1_555 0.188  -1.305 3.586 -2.285 16.630 34.295 -4.138 -0.582 2.677 26.338 3.619  
38.071 1  AA_C1U2:A22G23_BB   A 1  ? B 23 ? A 2  ? B 22 ? 
1 A U 2  1_555 B A 22 1_555 A U 3  1_555 B A 21 1_555 -0.531 -0.716 3.054 -0.413 12.991 27.181 -3.747 0.948  2.470 25.850 0.822  
30.076 2  AA_U2U3:A21A22_BB   A 2  ? B 22 ? A 3  ? B 21 ? 
1 A U 3  1_555 B A 21 1_555 A G 4  1_555 B C 20 1_555 0.022  -1.331 3.128 -4.578 16.767 35.715 -3.682 -0.502 2.284 25.558 6.978  
39.595 3  AA_U3G4:C20A21_BB   A 3  ? B 21 ? A 4  ? B 20 ? 
1 A G 4  1_555 B C 20 1_555 A C 5  1_555 B G 19 1_555 0.291  -1.549 3.111 0.727  0.525  31.210 -2.972 -0.411 3.091 0.976  -1.350 
31.222 4  AA_G4C5:G19C20_BB   A 4  ? B 20 ? A 5  ? B 19 ? 
1 A C 5  1_555 B G 19 1_555 A U 6  1_555 B A 18 1_555 0.277  -1.807 3.297 0.721  9.969  31.163 -4.809 -0.377 2.615 17.985 -1.301 
32.689 5  AA_C5U6:A18G19_BB   A 5  ? B 19 ? A 6  ? B 18 ? 
1 A U 6  1_555 B A 18 1_555 A G 7  1_555 B C 17 1_555 0.130  -1.583 3.397 2.286  17.006 33.023 -4.608 0.081  2.337 27.712 -3.726 
37.105 6  AA_U6G7:C17A18_BB   A 6  ? B 18 ? A 7  ? B 17 ? 
1 A G 7  1_555 B C 17 1_555 A G 10 1_555 B C 15 1_555 -1.585 -3.826 5.949 5.534  23.930 78.494 -3.944 1.448  4.728 18.499 -4.278 
81.651 7  AA_G7G10:C15C17_BB  A 7  ? B 17 ? A 10 ? B 15 ? 
1 A G 10 1_555 B C 15 1_555 A U 11 1_555 B A 14 1_555 -0.761 -2.553 3.250 -2.166 0.842  29.962 -5.095 1.027  3.225 1.625  4.181  
30.050 8  AA_G10U11:A14C15_BB A 10 ? B 15 ? A 11 ? B 14 ? 
1 A U 11 1_555 B A 14 1_555 A G 12 1_555 B C 13 1_555 -0.008 -1.736 3.301 1.396  10.477 29.621 -5.019 0.256  2.551 19.719 -2.628 
31.411 9  AA_U11G12:C13A14_BB A 11 ? B 14 ? A 12 ? B 13 ? 
1 A G 12 1_555 B C 13 1_555 A C 13 1_555 B G 12 1_555 -0.133 -0.828 2.997 -0.623 9.608  34.037 -2.619 0.138  2.674 16.020 1.039  
35.334 10 AA_G12C13:G12C13_BB A 12 ? B 13 ? A 13 ? B 12 ? 
1 A C 13 1_555 B G 12 1_555 A A 14 1_555 B U 11 1_555 0.536  -1.723 3.283 -0.598 14.234 28.987 -5.351 -1.060 2.206 26.511 1.113  
32.231 11 AA_C13A14:U11G12_BB A 13 ? B 12 ? A 14 ? B 11 ? 
1 A A 14 1_555 B U 11 1_555 A C 15 1_555 B G 10 1_555 0.710  -2.640 3.163 0.765  1.383  25.318 -6.391 -1.407 3.037 3.152  -1.742 
25.367 12 AA_A14C15:G10U11_BB A 14 ? B 11 ? A 15 ? B 10 ? 
1 A C 17 1_555 B G 7  1_555 A A 18 1_555 B U 6  1_555 -0.524 -1.551 2.998 -3.994 10.924 31.102 -4.279 0.348  2.381 19.537 7.143  
33.155 13 AA_C17A18:U6G7_BB   A 17 ? B 7  ? A 18 ? B 6  ? 
1 A A 18 1_555 B U 6  1_555 A G 19 1_555 B C 5  1_555 -0.109 -1.213 3.148 1.667  4.330  29.065 -3.255 0.549  2.929 8.559  -3.296 
29.426 14 AA_A18G19:C5U6_BB   A 18 ? B 6  ? A 19 ? B 5  ? 
1 A G 19 1_555 B C 5  1_555 A C 20 1_555 B G 4  1_555 0.608  -1.417 3.295 0.944  7.026  35.451 -3.246 -0.851 2.984 11.397 -1.532 
36.130 15 AA_G19C20:G4C5_BB   A 19 ? B 5  ? A 20 ? B 4  ? 
1 A C 20 1_555 B G 4  1_555 A A 21 1_555 B U 3  1_555 -0.632 -1.823 2.946 0.399  10.544 31.521 -4.628 1.161  2.229 18.763 -0.711 
33.197 16 AA_C20A21:U3G4_BB   A 20 ? B 4  ? A 21 ? B 3  ? 
1 A A 21 1_555 B U 3  1_555 A A 22 1_555 B U 2  1_555 0.557  -1.328 3.122 -1.586 3.944  34.989 -2.738 -1.139 2.932 6.531  2.625  
35.238 17 AA_A21A22:U2U3_BB   A 21 ? B 3  ? A 22 ? B 2  ? 
1 A A 22 1_555 B U 2  1_555 A G 23 1_555 B C 1  1_555 -0.307 -1.507 3.278 5.408  5.686  36.232 -3.106 1.181  2.941 9.013  -8.572 
37.044 18 AA_A22G23:C1U2_BB   A 22 ? B 2  ? A 23 ? B 1  ? 
# 
loop_
_pdbx_entity_nonpoly.entity_id 
_pdbx_entity_nonpoly.name 
_pdbx_entity_nonpoly.comp_id 
2 PAROMOMYCIN     PAR 
3 'POTASSIUM ION' K   
4 'CHLORIDE ION'  CL  
5 water           HOH 
# 
_pdbx_initial_refinement_model.id               1 
_pdbx_initial_refinement_model.entity_id_list   ? 
_pdbx_initial_refinement_model.type             'experimental model' 
_pdbx_initial_refinement_model.source_name      PDB 
_pdbx_initial_refinement_model.accession_code   3C3Z 
_pdbx_initial_refinement_model.details          ? 
# 
